data_1X6C
#
_entry.id   1X6C
#
_entity_poly.entity_id   1
_entity_poly.type   'polypeptide(L)'
_entity_poly.pdbx_seq_one_letter_code
;GSSGSSGWYHGHMSGGQAETLLQAKGEPWTFLVRESLSQPGDFVLSVLSDQPKAGPGSPLRVTHIKVMCEGGRYTVGGLE
TFDSLTDLVEHFKKTGIEEASGAFVYLRQPYYSGPSSG
;
_entity_poly.pdbx_strand_id   A
#
# COMPACT_ATOMS: atom_id res chain seq x y z
N GLY A 1 -9.10 10.02 -20.29
CA GLY A 1 -8.99 8.60 -20.57
C GLY A 1 -9.99 7.79 -19.74
N SER A 2 -10.58 6.79 -20.38
CA SER A 2 -11.55 5.94 -19.72
C SER A 2 -11.01 5.52 -18.35
N SER A 3 -9.86 4.86 -18.37
CA SER A 3 -9.22 4.40 -17.15
C SER A 3 -7.88 5.09 -16.96
N GLY A 4 -7.32 4.91 -15.78
CA GLY A 4 -6.03 5.50 -15.46
C GLY A 4 -4.88 4.59 -15.87
N SER A 5 -3.74 4.78 -15.22
CA SER A 5 -2.56 3.98 -15.51
C SER A 5 -1.60 4.03 -14.33
N SER A 6 -1.81 3.10 -13.39
CA SER A 6 -0.97 3.02 -12.22
C SER A 6 -0.77 4.42 -11.63
N GLY A 7 -1.65 4.77 -10.70
CA GLY A 7 -1.58 6.07 -10.05
C GLY A 7 -1.73 5.93 -8.54
N TRP A 8 -0.86 5.12 -7.95
CA TRP A 8 -0.88 4.90 -6.52
C TRP A 8 0.32 5.63 -5.91
N TYR A 9 1.39 5.69 -6.69
CA TYR A 9 2.60 6.36 -6.24
C TYR A 9 2.30 7.80 -5.79
N HIS A 10 2.33 7.99 -4.48
CA HIS A 10 2.06 9.30 -3.91
C HIS A 10 3.37 10.08 -3.76
N GLY A 11 4.39 9.58 -4.45
CA GLY A 11 5.70 10.20 -4.39
C GLY A 11 6.48 9.76 -3.15
N HIS A 12 6.37 10.57 -2.10
CA HIS A 12 7.05 10.28 -0.86
C HIS A 12 6.12 10.58 0.31
N MET A 13 5.26 9.61 0.60
CA MET A 13 4.31 9.75 1.71
C MET A 13 4.90 9.23 3.01
N SER A 14 4.33 9.71 4.11
CA SER A 14 4.80 9.30 5.43
C SER A 14 3.90 8.19 5.97
N GLY A 15 4.55 7.13 6.43
CA GLY A 15 3.82 6.00 6.98
C GLY A 15 2.62 6.46 7.80
N GLY A 16 2.91 7.17 8.88
CA GLY A 16 1.86 7.67 9.75
C GLY A 16 0.77 8.37 8.95
N GLN A 17 1.20 9.14 7.97
CA GLN A 17 0.27 9.86 7.11
C GLN A 17 -0.66 8.88 6.39
N ALA A 18 -0.06 8.05 5.56
CA ALA A 18 -0.81 7.06 4.81
C ALA A 18 -1.93 6.51 5.68
N GLU A 19 -1.55 6.05 6.86
CA GLU A 19 -2.51 5.49 7.79
C GLU A 19 -3.73 6.41 7.91
N THR A 20 -3.45 7.68 8.13
CA THR A 20 -4.51 8.68 8.27
C THR A 20 -5.20 8.89 6.92
N LEU A 21 -4.38 9.00 5.88
CA LEU A 21 -4.90 9.20 4.54
C LEU A 21 -5.86 8.08 4.18
N LEU A 22 -5.35 6.86 4.27
CA LEU A 22 -6.14 5.69 3.96
C LEU A 22 -7.40 5.69 4.83
N GLN A 23 -7.22 6.00 6.10
CA GLN A 23 -8.34 6.05 7.03
C GLN A 23 -9.32 7.15 6.63
N ALA A 24 -8.76 8.30 6.27
CA ALA A 24 -9.57 9.43 5.87
C ALA A 24 -10.57 8.98 4.80
N LYS A 25 -10.09 8.12 3.90
CA LYS A 25 -10.92 7.62 2.83
C LYS A 25 -11.86 6.54 3.39
N GLY A 26 -11.26 5.57 4.08
CA GLY A 26 -12.03 4.49 4.66
C GLY A 26 -12.19 3.34 3.67
N GLU A 27 -11.87 3.62 2.42
CA GLU A 27 -11.98 2.62 1.37
C GLU A 27 -11.27 1.34 1.79
N PRO A 28 -12.08 0.26 1.95
CA PRO A 28 -11.54 -1.03 2.35
C PRO A 28 -10.82 -1.71 1.19
N TRP A 29 -9.63 -2.21 1.48
CA TRP A 29 -8.83 -2.88 0.47
C TRP A 29 -8.26 -1.81 -0.47
N THR A 30 -7.61 -0.83 0.15
CA THR A 30 -7.01 0.26 -0.61
C THR A 30 -5.51 0.34 -0.32
N PHE A 31 -4.73 0.16 -1.37
CA PHE A 31 -3.28 0.22 -1.24
C PHE A 31 -2.72 1.50 -1.86
N LEU A 32 -1.46 1.76 -1.55
CA LEU A 32 -0.79 2.95 -2.08
C LEU A 32 0.72 2.82 -1.87
N VAL A 33 1.46 3.29 -2.86
CA VAL A 33 2.91 3.23 -2.81
C VAL A 33 3.46 4.57 -2.30
N ARG A 34 4.35 4.48 -1.34
CA ARG A 34 4.96 5.67 -0.76
C ARG A 34 6.41 5.39 -0.38
N GLU A 35 7.28 6.32 -0.74
CA GLU A 35 8.70 6.20 -0.43
C GLU A 35 8.92 6.26 1.08
N SER A 36 9.73 5.34 1.57
CA SER A 36 10.03 5.28 2.99
C SER A 36 11.00 6.40 3.36
N LEU A 37 10.47 7.40 4.05
CA LEU A 37 11.28 8.53 4.48
C LEU A 37 12.36 8.05 5.44
N SER A 38 11.98 7.11 6.29
CA SER A 38 12.90 6.55 7.27
C SER A 38 13.89 5.62 6.58
N GLN A 39 13.41 4.97 5.52
CA GLN A 39 14.24 4.05 4.76
C GLN A 39 14.45 4.57 3.34
N PRO A 40 15.61 5.25 3.14
CA PRO A 40 15.94 5.81 1.84
C PRO A 40 16.40 4.70 0.88
N GLY A 41 15.63 4.55 -0.20
CA GLY A 41 15.95 3.53 -1.19
C GLY A 41 14.85 2.47 -1.26
N ASP A 42 14.23 2.23 -0.12
CA ASP A 42 13.16 1.25 -0.04
C ASP A 42 11.81 1.95 -0.17
N PHE A 43 10.76 1.18 0.03
CA PHE A 43 9.41 1.71 -0.07
C PHE A 43 8.45 0.95 0.86
N VAL A 44 7.30 1.56 1.08
CA VAL A 44 6.29 0.97 1.94
C VAL A 44 4.96 0.90 1.19
N LEU A 45 4.25 -0.20 1.44
CA LEU A 45 2.96 -0.40 0.80
C LEU A 45 1.87 -0.50 1.87
N SER A 46 1.16 0.61 2.05
CA SER A 46 0.10 0.66 3.03
C SER A 46 -1.23 0.28 2.38
N VAL A 47 -1.84 -0.77 2.92
CA VAL A 47 -3.11 -1.24 2.40
C VAL A 47 -4.17 -1.15 3.50
N LEU A 48 -5.33 -0.63 3.12
CA LEU A 48 -6.43 -0.49 4.06
C LEU A 48 -7.21 -1.82 4.14
N SER A 49 -7.35 -2.30 5.35
CA SER A 49 -8.07 -3.55 5.58
C SER A 49 -9.54 -3.26 5.90
N ASP A 50 -10.36 -4.27 5.70
CA ASP A 50 -11.79 -4.14 5.97
C ASP A 50 -12.07 -4.59 7.41
N GLN A 51 -11.04 -4.52 8.22
CA GLN A 51 -11.16 -4.90 9.63
C GLN A 51 -11.01 -3.68 10.53
N PRO A 52 -12.17 -3.30 11.15
CA PRO A 52 -12.18 -2.15 12.05
C PRO A 52 -11.52 -2.49 13.39
N LYS A 53 -11.37 -1.46 14.21
CA LYS A 53 -10.76 -1.63 15.51
C LYS A 53 -11.85 -1.87 16.56
N ALA A 54 -12.90 -1.07 16.45
CA ALA A 54 -14.01 -1.17 17.38
C ALA A 54 -15.26 -1.62 16.62
N GLY A 55 -15.28 -1.30 15.34
CA GLY A 55 -16.40 -1.67 14.48
C GLY A 55 -16.95 -0.44 13.74
N PRO A 56 -18.28 -0.24 13.89
CA PRO A 56 -18.93 0.89 13.24
C PRO A 56 -18.61 2.21 13.95
N GLY A 57 -17.93 3.07 13.23
CA GLY A 57 -17.55 4.36 13.78
C GLY A 57 -16.06 4.40 14.13
N SER A 58 -15.41 3.28 13.90
CA SER A 58 -13.98 3.16 14.18
C SER A 58 -13.20 3.08 12.87
N PRO A 59 -11.92 3.55 12.93
CA PRO A 59 -11.06 3.52 11.76
C PRO A 59 -10.57 2.11 11.47
N LEU A 60 -10.48 1.80 10.17
CA LEU A 60 -10.03 0.49 9.75
C LEU A 60 -8.51 0.42 9.85
N ARG A 61 -8.04 -0.61 10.55
CA ARG A 61 -6.61 -0.80 10.74
C ARG A 61 -5.87 -0.61 9.42
N VAL A 62 -4.55 -0.49 9.51
CA VAL A 62 -3.73 -0.30 8.34
C VAL A 62 -2.58 -1.31 8.36
N THR A 63 -2.18 -1.72 7.17
CA THR A 63 -1.09 -2.68 7.04
C THR A 63 0.01 -2.13 6.13
N HIS A 64 1.19 -1.97 6.72
CA HIS A 64 2.32 -1.44 5.99
C HIS A 64 3.16 -2.60 5.44
N ILE A 65 3.10 -2.77 4.13
CA ILE A 65 3.85 -3.83 3.48
C ILE A 65 5.17 -3.27 2.96
N LYS A 66 6.20 -3.40 3.79
CA LYS A 66 7.52 -2.92 3.43
C LYS A 66 7.95 -3.57 2.11
N VAL A 67 8.79 -2.84 1.38
CA VAL A 67 9.28 -3.33 0.10
C VAL A 67 10.82 -3.41 0.15
N MET A 68 11.31 -4.63 0.06
CA MET A 68 12.75 -4.86 0.10
C MET A 68 13.35 -4.75 -1.31
N CYS A 69 14.01 -3.63 -1.55
CA CYS A 69 14.63 -3.39 -2.84
C CYS A 69 16.05 -3.98 -2.80
N GLU A 70 16.16 -5.22 -3.27
CA GLU A 70 17.45 -5.89 -3.30
C GLU A 70 17.73 -6.43 -4.69
N GLY A 71 18.98 -6.32 -5.10
CA GLY A 71 19.40 -6.79 -6.41
C GLY A 71 18.52 -6.20 -7.51
N GLY A 72 18.33 -4.88 -7.42
CA GLY A 72 17.52 -4.18 -8.41
C GLY A 72 16.14 -4.83 -8.53
N ARG A 73 15.73 -5.50 -7.48
CA ARG A 73 14.44 -6.17 -7.46
C ARG A 73 13.69 -5.84 -6.17
N TYR A 74 12.37 -5.86 -6.27
CA TYR A 74 11.52 -5.57 -5.12
C TYR A 74 10.83 -6.83 -4.62
N THR A 75 10.69 -6.91 -3.30
CA THR A 75 10.05 -8.06 -2.69
C THR A 75 9.47 -7.67 -1.32
N VAL A 76 8.38 -8.32 -0.97
CA VAL A 76 7.72 -8.07 0.30
C VAL A 76 8.24 -9.04 1.35
N GLY A 77 9.26 -9.80 0.96
CA GLY A 77 9.87 -10.77 1.85
C GLY A 77 9.67 -12.19 1.32
N GLY A 78 9.02 -12.28 0.18
CA GLY A 78 8.76 -13.57 -0.44
C GLY A 78 9.87 -13.93 -1.43
N LEU A 79 9.76 -15.13 -1.99
CA LEU A 79 10.74 -15.60 -2.94
C LEU A 79 10.56 -14.86 -4.26
N GLU A 80 9.31 -14.46 -4.52
CA GLU A 80 8.99 -13.74 -5.73
C GLU A 80 9.53 -12.31 -5.67
N THR A 81 9.96 -11.82 -6.82
CA THR A 81 10.50 -10.48 -6.90
C THR A 81 9.89 -9.72 -8.09
N PHE A 82 10.39 -8.52 -8.32
CA PHE A 82 9.90 -7.70 -9.41
C PHE A 82 10.91 -6.61 -9.76
N ASP A 83 10.71 -6.01 -10.93
CA ASP A 83 11.59 -4.95 -11.39
C ASP A 83 10.97 -3.59 -11.04
N SER A 84 9.66 -3.51 -11.22
CA SER A 84 8.95 -2.28 -10.93
C SER A 84 7.81 -2.56 -9.95
N LEU A 85 7.51 -1.57 -9.13
CA LEU A 85 6.45 -1.69 -8.14
C LEU A 85 5.15 -2.08 -8.85
N THR A 86 5.07 -1.71 -10.12
CA THR A 86 3.90 -2.00 -10.92
C THR A 86 3.73 -3.52 -11.09
N ASP A 87 4.80 -4.14 -11.54
CA ASP A 87 4.80 -5.59 -11.75
C ASP A 87 4.62 -6.29 -10.40
N LEU A 88 4.80 -5.52 -9.34
CA LEU A 88 4.66 -6.06 -8.00
C LEU A 88 3.23 -5.84 -7.50
N VAL A 89 2.81 -4.59 -7.54
CA VAL A 89 1.47 -4.24 -7.11
C VAL A 89 0.44 -4.99 -7.97
N GLU A 90 0.62 -4.88 -9.28
CA GLU A 90 -0.28 -5.54 -10.21
C GLU A 90 -0.24 -7.06 -9.99
N HIS A 91 0.82 -7.51 -9.34
CA HIS A 91 0.99 -8.93 -9.07
C HIS A 91 0.18 -9.30 -7.82
N PHE A 92 0.46 -8.59 -6.74
CA PHE A 92 -0.23 -8.83 -5.48
C PHE A 92 -1.65 -8.27 -5.51
N LYS A 93 -1.94 -7.53 -6.58
CA LYS A 93 -3.25 -6.93 -6.74
C LYS A 93 -4.30 -8.03 -6.87
N LYS A 94 -3.82 -9.23 -7.16
CA LYS A 94 -4.71 -10.37 -7.31
C LYS A 94 -4.43 -11.38 -6.21
N THR A 95 -3.21 -11.90 -6.21
CA THR A 95 -2.81 -12.87 -5.21
C THR A 95 -3.07 -12.34 -3.80
N GLY A 96 -3.12 -11.01 -3.71
CA GLY A 96 -3.36 -10.36 -2.44
C GLY A 96 -2.16 -10.52 -1.50
N ILE A 97 -2.37 -10.11 -0.26
CA ILE A 97 -1.31 -10.21 0.75
C ILE A 97 -1.85 -10.91 1.99
N GLU A 98 -0.93 -11.50 2.74
CA GLU A 98 -1.30 -12.20 3.96
C GLU A 98 -0.68 -11.52 5.17
N GLU A 99 -1.52 -11.26 6.17
CA GLU A 99 -1.06 -10.61 7.38
C GLU A 99 -0.43 -11.65 8.32
N ALA A 100 -0.10 -11.18 9.52
CA ALA A 100 0.52 -12.04 10.52
C ALA A 100 -0.57 -12.60 11.44
N SER A 101 -1.66 -11.84 11.53
CA SER A 101 -2.78 -12.25 12.37
C SER A 101 -3.49 -13.46 11.76
N GLY A 102 -3.07 -13.81 10.55
CA GLY A 102 -3.65 -14.94 9.85
C GLY A 102 -4.71 -14.48 8.85
N ALA A 103 -4.94 -13.17 8.84
CA ALA A 103 -5.92 -12.59 7.94
C ALA A 103 -5.23 -12.20 6.63
N PHE A 104 -6.02 -12.20 5.56
CA PHE A 104 -5.50 -11.85 4.25
C PHE A 104 -5.99 -10.46 3.82
N VAL A 105 -5.22 -9.86 2.92
CA VAL A 105 -5.55 -8.54 2.42
C VAL A 105 -5.50 -8.54 0.90
N TYR A 106 -6.26 -7.63 0.31
CA TYR A 106 -6.31 -7.52 -1.15
C TYR A 106 -6.31 -6.05 -1.59
N LEU A 107 -5.60 -5.80 -2.67
CA LEU A 107 -5.51 -4.45 -3.21
C LEU A 107 -6.61 -4.24 -4.23
N ARG A 108 -7.81 -3.98 -3.73
CA ARG A 108 -8.96 -3.76 -4.60
C ARG A 108 -8.72 -2.54 -5.50
N GLN A 109 -8.46 -1.41 -4.85
CA GLN A 109 -8.21 -0.17 -5.57
C GLN A 109 -7.13 0.65 -4.87
N PRO A 110 -6.32 1.35 -5.69
CA PRO A 110 -5.24 2.17 -5.17
C PRO A 110 -5.79 3.46 -4.55
N TYR A 111 -4.91 4.18 -3.87
CA TYR A 111 -5.29 5.42 -3.23
C TYR A 111 -4.92 6.63 -4.11
N TYR A 112 -5.93 7.37 -4.50
CA TYR A 112 -5.72 8.55 -5.34
C TYR A 112 -5.42 9.78 -4.48
N SER A 113 -6.11 9.86 -3.36
CA SER A 113 -5.92 10.98 -2.45
C SER A 113 -6.23 12.30 -3.17
N GLY A 114 -6.34 13.35 -2.38
CA GLY A 114 -6.63 14.66 -2.93
C GLY A 114 -5.61 15.70 -2.45
N PRO A 115 -5.82 16.97 -2.90
CA PRO A 115 -4.93 18.05 -2.52
C PRO A 115 -5.17 18.48 -1.07
N SER A 116 -6.39 18.97 -0.84
CA SER A 116 -6.75 19.42 0.50
C SER A 116 -7.15 18.22 1.36
N SER A 117 -6.93 18.37 2.66
CA SER A 117 -7.25 17.31 3.60
C SER A 117 -8.36 17.78 4.54
N GLY A 118 -8.07 18.85 5.26
CA GLY A 118 -9.04 19.40 6.21
C GLY A 118 -8.78 20.90 6.43
N GLY A 1 5.42 11.08 -13.77
CA GLY A 1 6.14 12.29 -13.42
C GLY A 1 5.77 12.76 -12.02
N SER A 2 4.78 13.64 -11.97
CA SER A 2 4.32 14.18 -10.69
C SER A 2 2.80 14.05 -10.59
N SER A 3 2.12 14.69 -11.54
CA SER A 3 0.67 14.66 -11.55
C SER A 3 0.18 13.36 -12.20
N GLY A 4 0.07 12.32 -11.38
CA GLY A 4 -0.38 11.03 -11.87
C GLY A 4 0.66 9.95 -11.57
N SER A 5 1.57 9.77 -12.53
CA SER A 5 2.61 8.77 -12.39
C SER A 5 2.04 7.50 -11.75
N SER A 6 1.51 6.64 -12.60
CA SER A 6 0.95 5.39 -12.12
C SER A 6 -0.37 5.65 -11.39
N GLY A 7 -0.26 6.42 -10.31
CA GLY A 7 -1.43 6.75 -9.52
C GLY A 7 -1.16 6.54 -8.03
N TRP A 8 -1.35 5.29 -7.61
CA TRP A 8 -1.14 4.93 -6.22
C TRP A 8 0.15 5.63 -5.74
N TYR A 9 1.16 5.58 -6.59
CA TYR A 9 2.43 6.20 -6.28
C TYR A 9 2.24 7.64 -5.82
N HIS A 10 2.32 7.84 -4.52
CA HIS A 10 2.16 9.16 -3.95
C HIS A 10 3.52 9.85 -3.85
N GLY A 11 4.56 9.05 -4.00
CA GLY A 11 5.92 9.56 -3.94
C GLY A 11 6.53 9.34 -2.54
N HIS A 12 6.93 10.44 -1.92
CA HIS A 12 7.52 10.37 -0.61
C HIS A 12 6.48 10.78 0.45
N MET A 13 5.64 9.82 0.80
CA MET A 13 4.61 10.06 1.79
C MET A 13 5.04 9.58 3.17
N SER A 14 4.56 10.29 4.18
CA SER A 14 4.89 9.95 5.56
C SER A 14 4.05 8.76 6.02
N GLY A 15 4.75 7.72 6.47
CA GLY A 15 4.09 6.52 6.94
C GLY A 15 2.84 6.87 7.74
N GLY A 16 3.05 7.53 8.86
CA GLY A 16 1.95 7.93 9.73
C GLY A 16 0.83 8.59 8.92
N GLN A 17 1.24 9.34 7.91
CA GLN A 17 0.29 10.02 7.06
C GLN A 17 -0.63 9.02 6.36
N ALA A 18 -0.02 8.16 5.56
CA ALA A 18 -0.76 7.15 4.83
C ALA A 18 -1.87 6.59 5.74
N GLU A 19 -1.47 6.11 6.90
CA GLU A 19 -2.40 5.55 7.85
C GLU A 19 -3.63 6.46 7.98
N THR A 20 -3.36 7.75 8.15
CA THR A 20 -4.44 8.72 8.29
C THR A 20 -5.13 8.93 6.94
N LEU A 21 -4.32 8.99 5.89
CA LEU A 21 -4.85 9.19 4.55
C LEU A 21 -5.81 8.05 4.21
N LEU A 22 -5.31 6.84 4.36
CA LEU A 22 -6.11 5.65 4.07
C LEU A 22 -7.38 5.69 4.93
N GLN A 23 -7.20 6.04 6.19
CA GLN A 23 -8.31 6.12 7.12
C GLN A 23 -9.28 7.22 6.69
N ALA A 24 -8.72 8.39 6.43
CA ALA A 24 -9.52 9.52 6.01
C ALA A 24 -10.52 9.08 4.94
N LYS A 25 -10.05 8.18 4.09
CA LYS A 25 -10.87 7.66 3.01
C LYS A 25 -11.84 6.61 3.58
N GLY A 26 -11.27 5.55 4.10
CA GLY A 26 -12.05 4.47 4.68
C GLY A 26 -12.16 3.30 3.71
N GLU A 27 -12.11 3.63 2.43
CA GLU A 27 -12.20 2.60 1.39
C GLU A 27 -11.44 1.35 1.82
N PRO A 28 -12.23 0.25 2.02
CA PRO A 28 -11.65 -1.02 2.43
C PRO A 28 -10.93 -1.70 1.26
N TRP A 29 -9.74 -2.21 1.55
CA TRP A 29 -8.95 -2.89 0.53
C TRP A 29 -8.37 -1.83 -0.40
N THR A 30 -7.70 -0.86 0.21
CA THR A 30 -7.09 0.23 -0.54
C THR A 30 -5.58 0.29 -0.27
N PHE A 31 -4.82 0.14 -1.34
CA PHE A 31 -3.37 0.18 -1.23
C PHE A 31 -2.80 1.47 -1.82
N LEU A 32 -1.54 1.72 -1.52
CA LEU A 32 -0.88 2.91 -2.01
C LEU A 32 0.63 2.78 -1.78
N VAL A 33 1.38 3.25 -2.77
CA VAL A 33 2.83 3.19 -2.70
C VAL A 33 3.37 4.52 -2.18
N ARG A 34 4.28 4.43 -1.21
CA ARG A 34 4.88 5.62 -0.63
C ARG A 34 6.33 5.35 -0.25
N GLU A 35 7.19 6.29 -0.59
CA GLU A 35 8.60 6.17 -0.29
C GLU A 35 8.82 6.15 1.23
N SER A 36 9.69 5.25 1.66
CA SER A 36 10.00 5.12 3.08
C SER A 36 10.97 6.23 3.50
N LEU A 37 10.47 7.09 4.37
CA LEU A 37 11.28 8.20 4.86
C LEU A 37 12.37 7.66 5.80
N SER A 38 11.95 6.74 6.67
CA SER A 38 12.87 6.14 7.61
C SER A 38 13.91 5.30 6.87
N GLN A 39 13.48 4.72 5.76
CA GLN A 39 14.36 3.89 4.95
C GLN A 39 14.46 4.46 3.54
N PRO A 40 15.53 5.26 3.31
CA PRO A 40 15.76 5.86 2.01
C PRO A 40 16.28 4.83 1.01
N GLY A 41 15.43 4.52 0.03
CA GLY A 41 15.79 3.55 -0.99
C GLY A 41 14.69 2.49 -1.15
N ASP A 42 14.05 2.17 -0.03
CA ASP A 42 12.98 1.18 -0.04
C ASP A 42 11.64 1.89 -0.17
N PHE A 43 10.57 1.09 -0.12
CA PHE A 43 9.23 1.64 -0.23
C PHE A 43 8.27 0.88 0.70
N VAL A 44 7.22 1.58 1.10
CA VAL A 44 6.22 0.99 1.98
C VAL A 44 4.89 0.89 1.23
N LEU A 45 4.16 -0.17 1.53
CA LEU A 45 2.88 -0.40 0.89
C LEU A 45 1.78 -0.47 1.96
N SER A 46 1.14 0.67 2.19
CA SER A 46 0.08 0.75 3.17
C SER A 46 -1.27 0.40 2.54
N VAL A 47 -1.83 -0.71 3.00
CA VAL A 47 -3.12 -1.16 2.48
C VAL A 47 -4.16 -1.11 3.60
N LEU A 48 -5.34 -0.63 3.23
CA LEU A 48 -6.43 -0.53 4.20
C LEU A 48 -7.18 -1.87 4.25
N SER A 49 -7.47 -2.29 5.48
CA SER A 49 -8.17 -3.54 5.68
C SER A 49 -9.65 -3.27 5.97
N ASP A 50 -10.47 -4.30 5.80
CA ASP A 50 -11.89 -4.18 6.04
C ASP A 50 -12.20 -4.55 7.49
N GLN A 51 -11.15 -4.53 8.30
CA GLN A 51 -11.28 -4.86 9.71
C GLN A 51 -11.13 -3.59 10.57
N PRO A 52 -12.28 -3.12 11.11
CA PRO A 52 -12.28 -1.94 11.95
C PRO A 52 -11.73 -2.24 13.34
N LYS A 53 -11.46 -1.17 14.08
CA LYS A 53 -10.92 -1.32 15.42
C LYS A 53 -12.07 -1.51 16.41
N ALA A 54 -13.08 -0.68 16.26
CA ALA A 54 -14.25 -0.75 17.12
C ALA A 54 -15.48 -1.14 16.29
N GLY A 55 -15.43 -0.80 15.02
CA GLY A 55 -16.52 -1.09 14.11
C GLY A 55 -17.25 0.18 13.68
N PRO A 56 -18.03 0.75 14.64
CA PRO A 56 -18.78 1.97 14.36
C PRO A 56 -17.86 3.18 14.35
N GLY A 57 -17.97 3.96 13.29
CA GLY A 57 -17.16 5.15 13.13
C GLY A 57 -15.73 4.92 13.64
N SER A 58 -15.23 3.72 13.36
CA SER A 58 -13.89 3.36 13.79
C SER A 58 -12.97 3.29 12.58
N PRO A 59 -11.67 3.62 12.83
CA PRO A 59 -10.67 3.61 11.77
C PRO A 59 -10.27 2.16 11.42
N LEU A 60 -10.22 1.90 10.12
CA LEU A 60 -9.85 0.58 9.65
C LEU A 60 -8.34 0.40 9.75
N ARG A 61 -7.94 -0.66 10.43
CA ARG A 61 -6.53 -0.94 10.60
C ARG A 61 -5.79 -0.82 9.28
N VAL A 62 -4.52 -0.42 9.37
CA VAL A 62 -3.70 -0.26 8.18
C VAL A 62 -2.62 -1.33 8.17
N THR A 63 -2.22 -1.71 6.96
CA THR A 63 -1.19 -2.73 6.80
C THR A 63 -0.04 -2.18 5.94
N HIS A 64 1.10 -2.01 6.58
CA HIS A 64 2.28 -1.50 5.90
C HIS A 64 3.11 -2.67 5.37
N ILE A 65 3.00 -2.88 4.07
CA ILE A 65 3.74 -3.96 3.43
C ILE A 65 5.06 -3.42 2.87
N LYS A 66 6.10 -3.53 3.68
CA LYS A 66 7.42 -3.06 3.28
C LYS A 66 7.84 -3.76 1.98
N VAL A 67 8.56 -3.02 1.16
CA VAL A 67 9.02 -3.55 -0.11
C VAL A 67 10.56 -3.45 -0.17
N MET A 68 11.19 -4.59 0.03
CA MET A 68 12.66 -4.64 0.00
C MET A 68 13.18 -4.56 -1.43
N CYS A 69 14.02 -3.56 -1.66
CA CYS A 69 14.59 -3.35 -2.97
C CYS A 69 16.08 -3.71 -2.91
N GLU A 70 16.37 -4.96 -3.27
CA GLU A 70 17.74 -5.44 -3.26
C GLU A 70 18.09 -6.08 -4.61
N GLY A 71 19.33 -5.87 -5.02
CA GLY A 71 19.80 -6.41 -6.28
C GLY A 71 18.87 -6.03 -7.42
N GLY A 72 18.35 -4.82 -7.35
CA GLY A 72 17.44 -4.33 -8.37
C GLY A 72 16.15 -5.16 -8.41
N ARG A 73 15.85 -5.78 -7.29
CA ARG A 73 14.66 -6.61 -7.19
C ARG A 73 13.80 -6.16 -6.01
N TYR A 74 12.49 -6.22 -6.22
CA TYR A 74 11.55 -5.82 -5.19
C TYR A 74 10.83 -7.03 -4.60
N THR A 75 10.65 -7.01 -3.29
CA THR A 75 9.98 -8.09 -2.59
C THR A 75 9.38 -7.59 -1.28
N VAL A 76 8.31 -8.25 -0.87
CA VAL A 76 7.63 -7.89 0.37
C VAL A 76 8.15 -8.77 1.50
N GLY A 77 9.18 -9.55 1.18
CA GLY A 77 9.78 -10.44 2.16
C GLY A 77 9.56 -11.91 1.78
N GLY A 78 9.49 -12.14 0.47
CA GLY A 78 9.29 -13.49 -0.04
C GLY A 78 10.33 -13.82 -1.12
N LEU A 79 10.26 -15.06 -1.59
CA LEU A 79 11.18 -15.52 -2.61
C LEU A 79 10.93 -14.73 -3.91
N GLU A 80 9.66 -14.64 -4.27
CA GLU A 80 9.28 -13.92 -5.47
C GLU A 80 9.85 -12.50 -5.46
N THR A 81 10.17 -12.00 -6.64
CA THR A 81 10.71 -10.67 -6.76
C THR A 81 10.12 -9.96 -7.99
N PHE A 82 10.58 -8.73 -8.20
CA PHE A 82 10.10 -7.95 -9.32
C PHE A 82 11.13 -6.89 -9.72
N ASP A 83 10.86 -6.25 -10.86
CA ASP A 83 11.76 -5.22 -11.36
C ASP A 83 11.08 -3.85 -11.19
N SER A 84 9.78 -3.83 -11.43
CA SER A 84 9.02 -2.59 -11.30
C SER A 84 7.96 -2.75 -10.21
N LEU A 85 7.73 -1.65 -9.49
CA LEU A 85 6.74 -1.65 -8.43
C LEU A 85 5.39 -2.09 -9.00
N THR A 86 5.10 -1.60 -10.18
CA THR A 86 3.84 -1.92 -10.84
C THR A 86 3.69 -3.44 -10.99
N ASP A 87 4.78 -4.06 -11.42
CA ASP A 87 4.79 -5.51 -11.60
C ASP A 87 4.59 -6.19 -10.25
N LEU A 88 4.92 -5.46 -9.20
CA LEU A 88 4.78 -5.98 -7.85
C LEU A 88 3.36 -5.72 -7.36
N VAL A 89 2.90 -4.51 -7.56
CA VAL A 89 1.57 -4.12 -7.14
C VAL A 89 0.53 -4.86 -7.99
N GLU A 90 0.81 -4.92 -9.28
CA GLU A 90 -0.08 -5.60 -10.21
C GLU A 90 0.01 -7.11 -10.03
N HIS A 91 0.95 -7.51 -9.18
CA HIS A 91 1.15 -8.93 -8.91
C HIS A 91 0.31 -9.34 -7.70
N PHE A 92 0.42 -8.54 -6.65
CA PHE A 92 -0.32 -8.81 -5.42
C PHE A 92 -1.73 -8.25 -5.51
N LYS A 93 -1.99 -7.51 -6.57
CA LYS A 93 -3.30 -6.92 -6.79
C LYS A 93 -4.33 -8.02 -7.03
N LYS A 94 -3.81 -9.22 -7.25
CA LYS A 94 -4.67 -10.37 -7.51
C LYS A 94 -4.46 -11.41 -6.40
N THR A 95 -3.24 -11.92 -6.32
CA THR A 95 -2.90 -12.91 -5.33
C THR A 95 -3.31 -12.42 -3.92
N GLY A 96 -2.96 -11.18 -3.65
CA GLY A 96 -3.28 -10.59 -2.36
C GLY A 96 -2.12 -10.71 -1.38
N ILE A 97 -2.28 -10.10 -0.22
CA ILE A 97 -1.25 -10.14 0.80
C ILE A 97 -1.76 -10.92 2.01
N GLU A 98 -0.86 -11.67 2.63
CA GLU A 98 -1.21 -12.46 3.79
C GLU A 98 -0.65 -11.82 5.05
N GLU A 99 -1.56 -11.45 5.94
CA GLU A 99 -1.17 -10.82 7.20
C GLU A 99 -0.51 -11.85 8.12
N ALA A 100 -0.22 -11.40 9.33
CA ALA A 100 0.42 -12.26 10.31
C ALA A 100 -0.62 -12.74 11.32
N SER A 101 -1.87 -12.38 11.05
CA SER A 101 -2.97 -12.76 11.92
C SER A 101 -3.73 -13.93 11.31
N GLY A 102 -3.33 -14.30 10.10
CA GLY A 102 -3.98 -15.41 9.40
C GLY A 102 -4.93 -14.87 8.33
N ALA A 103 -5.33 -13.63 8.49
CA ALA A 103 -6.24 -13.00 7.54
C ALA A 103 -5.45 -12.54 6.32
N PHE A 104 -6.16 -12.44 5.20
CA PHE A 104 -5.54 -12.01 3.96
C PHE A 104 -6.06 -10.64 3.53
N VAL A 105 -5.19 -9.89 2.86
CA VAL A 105 -5.55 -8.57 2.39
C VAL A 105 -5.46 -8.53 0.86
N TYR A 106 -6.33 -7.72 0.28
CA TYR A 106 -6.36 -7.58 -1.17
C TYR A 106 -6.38 -6.11 -1.58
N LEU A 107 -5.73 -5.83 -2.70
CA LEU A 107 -5.66 -4.47 -3.21
C LEU A 107 -6.76 -4.26 -4.24
N ARG A 108 -8.00 -4.34 -3.75
CA ARG A 108 -9.15 -4.16 -4.63
C ARG A 108 -8.98 -2.93 -5.51
N GLN A 109 -8.32 -1.92 -4.94
CA GLN A 109 -8.07 -0.69 -5.66
C GLN A 109 -7.08 0.19 -4.89
N PRO A 110 -6.45 1.15 -5.63
CA PRO A 110 -5.49 2.04 -5.03
C PRO A 110 -6.19 3.11 -4.19
N TYR A 111 -5.38 3.95 -3.57
CA TYR A 111 -5.91 5.02 -2.73
C TYR A 111 -6.19 6.28 -3.55
N TYR A 112 -5.59 6.32 -4.74
CA TYR A 112 -5.77 7.46 -5.62
C TYR A 112 -5.36 8.76 -4.93
N SER A 113 -6.31 9.31 -4.17
CA SER A 113 -6.06 10.54 -3.45
C SER A 113 -6.09 11.73 -4.43
N GLY A 114 -6.68 12.82 -3.97
CA GLY A 114 -6.77 14.02 -4.78
C GLY A 114 -5.86 15.13 -4.25
N PRO A 115 -6.26 16.40 -4.53
CA PRO A 115 -5.49 17.54 -4.09
C PRO A 115 -5.67 17.78 -2.59
N SER A 116 -6.91 17.60 -2.15
CA SER A 116 -7.23 17.80 -0.73
C SER A 116 -7.00 19.26 -0.34
N SER A 117 -7.66 19.66 0.74
CA SER A 117 -7.53 21.03 1.22
C SER A 117 -6.25 21.16 2.04
N GLY A 118 -6.24 20.50 3.19
CA GLY A 118 -5.08 20.55 4.07
C GLY A 118 -5.47 20.16 5.50
N GLY A 1 -17.42 4.70 -18.49
CA GLY A 1 -17.13 4.32 -17.11
C GLY A 1 -15.77 4.86 -16.67
N SER A 2 -14.73 4.07 -16.97
CA SER A 2 -13.38 4.45 -16.62
C SER A 2 -12.39 3.47 -17.22
N SER A 3 -11.16 3.95 -17.41
CA SER A 3 -10.11 3.12 -17.98
C SER A 3 -9.03 2.87 -16.93
N GLY A 4 -8.18 1.89 -17.24
CA GLY A 4 -7.10 1.54 -16.34
C GLY A 4 -6.29 2.77 -15.93
N SER A 5 -5.59 2.64 -14.82
CA SER A 5 -4.76 3.73 -14.32
C SER A 5 -3.94 3.25 -13.12
N SER A 6 -2.62 3.46 -13.24
CA SER A 6 -1.72 3.06 -12.18
C SER A 6 -1.09 4.30 -11.53
N GLY A 7 -1.91 5.02 -10.79
CA GLY A 7 -1.46 6.23 -10.12
C GLY A 7 -1.65 6.11 -8.61
N TRP A 8 -0.87 5.22 -8.01
CA TRP A 8 -0.97 5.00 -6.57
C TRP A 8 0.28 5.63 -5.93
N TYR A 9 1.37 5.62 -6.69
CA TYR A 9 2.62 6.18 -6.21
C TYR A 9 2.43 7.63 -5.75
N HIS A 10 2.39 7.80 -4.44
CA HIS A 10 2.21 9.12 -3.87
C HIS A 10 3.57 9.83 -3.77
N GLY A 11 4.60 9.02 -3.53
CA GLY A 11 5.95 9.55 -3.41
C GLY A 11 6.42 9.53 -1.95
N HIS A 12 7.14 10.59 -1.58
CA HIS A 12 7.65 10.70 -0.23
C HIS A 12 6.49 10.93 0.75
N MET A 13 5.98 9.83 1.28
CA MET A 13 4.88 9.88 2.21
C MET A 13 5.33 9.48 3.62
N SER A 14 4.61 9.98 4.61
CA SER A 14 4.92 9.68 6.00
C SER A 14 4.00 8.57 6.51
N GLY A 15 4.63 7.52 7.01
CA GLY A 15 3.88 6.39 7.54
C GLY A 15 2.63 6.85 8.28
N GLY A 16 2.87 7.57 9.37
CA GLY A 16 1.77 8.08 10.18
C GLY A 16 0.70 8.73 9.30
N GLN A 17 1.16 9.36 8.22
CA GLN A 17 0.25 10.02 7.30
C GLN A 17 -0.62 8.99 6.58
N ALA A 18 0.03 8.16 5.79
CA ALA A 18 -0.68 7.13 5.05
C ALA A 18 -1.80 6.55 5.91
N GLU A 19 -1.41 6.08 7.09
CA GLU A 19 -2.36 5.50 8.02
C GLU A 19 -3.61 6.39 8.11
N THR A 20 -3.37 7.67 8.29
CA THR A 20 -4.45 8.64 8.40
C THR A 20 -5.11 8.84 7.04
N LEU A 21 -4.28 8.95 6.01
CA LEU A 21 -4.76 9.15 4.66
C LEU A 21 -5.72 8.00 4.29
N LEU A 22 -5.21 6.79 4.41
CA LEU A 22 -6.00 5.61 4.09
C LEU A 22 -7.29 5.64 4.91
N GLN A 23 -7.16 6.08 6.15
CA GLN A 23 -8.31 6.17 7.04
C GLN A 23 -9.27 7.26 6.57
N ALA A 24 -8.67 8.35 6.09
CA ALA A 24 -9.45 9.48 5.61
C ALA A 24 -10.44 9.00 4.54
N LYS A 25 -9.96 8.07 3.71
CA LYS A 25 -10.78 7.52 2.64
C LYS A 25 -11.78 6.52 3.24
N GLY A 26 -11.22 5.53 3.94
CA GLY A 26 -12.05 4.51 4.56
C GLY A 26 -12.26 3.33 3.61
N GLU A 27 -11.87 3.54 2.36
CA GLU A 27 -12.01 2.50 1.35
C GLU A 27 -11.28 1.23 1.79
N PRO A 28 -12.07 0.14 1.92
CA PRO A 28 -11.52 -1.15 2.33
C PRO A 28 -10.74 -1.80 1.18
N TRP A 29 -9.56 -2.29 1.52
CA TRP A 29 -8.71 -2.94 0.54
C TRP A 29 -8.11 -1.85 -0.36
N THR A 30 -7.69 -0.77 0.28
CA THR A 30 -7.10 0.34 -0.44
C THR A 30 -5.59 0.38 -0.21
N PHE A 31 -4.86 0.20 -1.30
CA PHE A 31 -3.41 0.22 -1.22
C PHE A 31 -2.84 1.50 -1.84
N LEU A 32 -1.56 1.72 -1.59
CA LEU A 32 -0.88 2.91 -2.11
C LEU A 32 0.63 2.74 -1.96
N VAL A 33 1.34 3.11 -3.01
CA VAL A 33 2.79 2.99 -3.00
C VAL A 33 3.40 4.35 -2.65
N ARG A 34 4.36 4.32 -1.74
CA ARG A 34 5.03 5.53 -1.31
C ARG A 34 6.50 5.26 -1.00
N GLU A 35 7.28 6.33 -1.00
CA GLU A 35 8.71 6.22 -0.72
C GLU A 35 8.95 6.11 0.78
N SER A 36 9.75 5.13 1.15
CA SER A 36 10.07 4.93 2.56
C SER A 36 11.01 6.02 3.05
N LEU A 37 10.75 6.49 4.26
CA LEU A 37 11.56 7.53 4.85
C LEU A 37 12.62 6.90 5.75
N SER A 38 12.19 5.92 6.53
CA SER A 38 13.08 5.22 7.44
C SER A 38 14.04 4.33 6.65
N GLN A 39 13.79 4.27 5.34
CA GLN A 39 14.62 3.46 4.47
C GLN A 39 14.79 4.14 3.11
N PRO A 40 16.02 4.68 2.88
CA PRO A 40 16.32 5.35 1.64
C PRO A 40 16.50 4.35 0.49
N GLY A 41 15.53 4.33 -0.40
CA GLY A 41 15.56 3.43 -1.53
C GLY A 41 14.39 2.45 -1.51
N ASP A 42 14.09 1.96 -0.30
CA ASP A 42 13.00 1.02 -0.12
C ASP A 42 11.67 1.76 -0.27
N PHE A 43 10.59 1.01 -0.18
CA PHE A 43 9.25 1.57 -0.29
C PHE A 43 8.28 0.88 0.65
N VAL A 44 7.16 1.54 0.90
CA VAL A 44 6.14 1.00 1.77
C VAL A 44 4.82 0.89 1.01
N LEU A 45 4.08 -0.16 1.31
CA LEU A 45 2.79 -0.38 0.66
C LEU A 45 1.70 -0.46 1.72
N SER A 46 1.10 0.70 1.99
CA SER A 46 0.04 0.77 2.98
C SER A 46 -1.29 0.36 2.35
N VAL A 47 -1.86 -0.72 2.89
CA VAL A 47 -3.11 -1.23 2.39
C VAL A 47 -4.16 -1.18 3.51
N LEU A 48 -5.33 -0.65 3.17
CA LEU A 48 -6.42 -0.53 4.13
C LEU A 48 -7.15 -1.87 4.22
N SER A 49 -7.37 -2.32 5.44
CA SER A 49 -8.06 -3.57 5.68
C SER A 49 -9.55 -3.31 5.91
N ASP A 50 -10.35 -4.33 5.66
CA ASP A 50 -11.79 -4.23 5.85
C ASP A 50 -12.14 -4.60 7.28
N GLN A 51 -11.13 -4.59 8.14
CA GLN A 51 -11.32 -4.93 9.53
C GLN A 51 -11.19 -3.67 10.40
N PRO A 52 -12.35 -3.21 10.92
CA PRO A 52 -12.37 -2.03 11.77
C PRO A 52 -11.83 -2.33 13.16
N LYS A 53 -11.68 -1.28 13.96
CA LYS A 53 -11.18 -1.42 15.31
C LYS A 53 -12.35 -1.65 16.27
N ALA A 54 -13.39 -0.85 16.09
CA ALA A 54 -14.57 -0.96 16.92
C ALA A 54 -15.77 -1.34 16.05
N GLY A 55 -15.69 -0.95 14.79
CA GLY A 55 -16.75 -1.25 13.84
C GLY A 55 -17.20 0.02 13.11
N PRO A 56 -18.53 0.32 13.24
CA PRO A 56 -19.10 1.49 12.60
C PRO A 56 -18.71 2.77 13.35
N GLY A 57 -17.89 3.58 12.69
CA GLY A 57 -17.45 4.82 13.28
C GLY A 57 -16.00 4.71 13.75
N SER A 58 -15.38 3.59 13.43
CA SER A 58 -14.00 3.35 13.81
C SER A 58 -13.12 3.27 12.56
N PRO A 59 -11.82 3.60 12.76
CA PRO A 59 -10.86 3.57 11.66
C PRO A 59 -10.48 2.14 11.31
N LEU A 60 -10.37 1.90 10.01
CA LEU A 60 -10.01 0.57 9.52
C LEU A 60 -8.50 0.38 9.65
N ARG A 61 -8.12 -0.66 10.37
CA ARG A 61 -6.72 -0.96 10.58
C ARG A 61 -5.93 -0.75 9.28
N VAL A 62 -4.67 -0.39 9.44
CA VAL A 62 -3.81 -0.15 8.29
C VAL A 62 -2.70 -1.21 8.27
N THR A 63 -2.31 -1.59 7.05
CA THR A 63 -1.27 -2.58 6.88
C THR A 63 -0.16 -2.04 5.98
N HIS A 64 1.04 -1.98 6.54
CA HIS A 64 2.18 -1.48 5.80
C HIS A 64 3.03 -2.66 5.31
N ILE A 65 3.01 -2.85 3.99
CA ILE A 65 3.76 -3.93 3.39
C ILE A 65 5.12 -3.40 2.92
N LYS A 66 6.11 -3.53 3.80
CA LYS A 66 7.45 -3.07 3.49
C LYS A 66 7.92 -3.73 2.19
N VAL A 67 8.77 -3.01 1.48
CA VAL A 67 9.31 -3.51 0.22
C VAL A 67 10.83 -3.57 0.31
N MET A 68 11.38 -4.71 -0.13
CA MET A 68 12.82 -4.90 -0.11
C MET A 68 13.42 -4.71 -1.51
N CYS A 69 14.19 -3.64 -1.64
CA CYS A 69 14.83 -3.33 -2.91
C CYS A 69 16.25 -3.89 -2.88
N GLU A 70 16.39 -5.10 -3.38
CA GLU A 70 17.68 -5.76 -3.42
C GLU A 70 18.05 -6.13 -4.85
N GLY A 71 19.25 -5.74 -5.25
CA GLY A 71 19.73 -6.03 -6.59
C GLY A 71 18.74 -5.55 -7.64
N GLY A 72 18.14 -4.40 -7.37
CA GLY A 72 17.17 -3.81 -8.28
C GLY A 72 15.91 -4.69 -8.36
N ARG A 73 15.72 -5.50 -7.34
CA ARG A 73 14.57 -6.39 -7.29
C ARG A 73 13.73 -6.09 -6.04
N TYR A 74 12.43 -5.94 -6.26
CA TYR A 74 11.52 -5.65 -5.17
C TYR A 74 10.84 -6.94 -4.68
N THR A 75 10.75 -7.04 -3.36
CA THR A 75 10.14 -8.21 -2.74
C THR A 75 9.62 -7.86 -1.35
N VAL A 76 8.57 -8.57 -0.94
CA VAL A 76 7.97 -8.34 0.36
C VAL A 76 8.57 -9.33 1.36
N GLY A 77 9.58 -10.05 0.91
CA GLY A 77 10.26 -11.02 1.76
C GLY A 77 10.07 -12.44 1.21
N GLY A 78 9.59 -12.51 -0.03
CA GLY A 78 9.37 -13.78 -0.68
C GLY A 78 10.37 -14.00 -1.82
N LEU A 79 10.27 -15.17 -2.43
CA LEU A 79 11.16 -15.51 -3.53
C LEU A 79 10.85 -14.60 -4.72
N GLU A 80 9.58 -14.58 -5.09
CA GLU A 80 9.14 -13.75 -6.20
C GLU A 80 9.65 -12.32 -6.04
N THR A 81 10.01 -11.72 -7.17
CA THR A 81 10.51 -10.35 -7.16
C THR A 81 9.81 -9.52 -8.23
N PHE A 82 10.28 -8.29 -8.38
CA PHE A 82 9.72 -7.38 -9.37
C PHE A 82 10.71 -6.29 -9.75
N ASP A 83 10.68 -5.92 -11.02
CA ASP A 83 11.58 -4.89 -11.52
C ASP A 83 11.00 -3.51 -11.17
N SER A 84 9.68 -3.44 -11.13
CA SER A 84 9.00 -2.21 -10.81
C SER A 84 7.90 -2.46 -9.78
N LEU A 85 7.50 -1.39 -9.10
CA LEU A 85 6.46 -1.49 -8.09
C LEU A 85 5.14 -1.90 -8.76
N THR A 86 5.04 -1.58 -10.04
CA THR A 86 3.84 -1.92 -10.80
C THR A 86 3.70 -3.43 -10.92
N ASP A 87 4.78 -4.06 -11.36
CA ASP A 87 4.79 -5.50 -11.53
C ASP A 87 4.64 -6.18 -10.17
N LEU A 88 4.79 -5.37 -9.13
CA LEU A 88 4.66 -5.87 -7.76
C LEU A 88 3.22 -5.71 -7.30
N VAL A 89 2.70 -4.50 -7.47
CA VAL A 89 1.34 -4.20 -7.06
C VAL A 89 0.37 -5.02 -7.93
N GLU A 90 0.55 -4.90 -9.23
CA GLU A 90 -0.29 -5.62 -10.17
C GLU A 90 -0.16 -7.12 -9.96
N HIS A 91 0.86 -7.49 -9.20
CA HIS A 91 1.12 -8.90 -8.91
C HIS A 91 0.28 -9.34 -7.71
N PHE A 92 0.40 -8.56 -6.65
CA PHE A 92 -0.33 -8.85 -5.42
C PHE A 92 -1.76 -8.30 -5.48
N LYS A 93 -2.02 -7.56 -6.55
CA LYS A 93 -3.34 -6.96 -6.75
C LYS A 93 -4.36 -8.08 -7.00
N LYS A 94 -3.84 -9.29 -7.18
CA LYS A 94 -4.69 -10.43 -7.44
C LYS A 94 -4.45 -11.48 -6.35
N THR A 95 -3.23 -11.98 -6.31
CA THR A 95 -2.88 -12.99 -5.31
C THR A 95 -3.29 -12.53 -3.91
N GLY A 96 -2.86 -11.33 -3.57
CA GLY A 96 -3.18 -10.77 -2.27
C GLY A 96 -2.00 -10.91 -1.31
N ILE A 97 -2.16 -10.33 -0.12
CA ILE A 97 -1.12 -10.39 0.88
C ILE A 97 -1.66 -11.11 2.13
N GLU A 98 -0.74 -11.68 2.89
CA GLU A 98 -1.10 -12.39 4.10
C GLU A 98 -0.48 -11.72 5.32
N GLU A 99 -1.34 -11.31 6.23
CA GLU A 99 -0.89 -10.65 7.45
C GLU A 99 -0.23 -11.66 8.38
N ALA A 100 0.13 -11.18 9.57
CA ALA A 100 0.77 -12.03 10.56
C ALA A 100 -0.29 -12.56 11.52
N SER A 101 -1.43 -11.90 11.52
CA SER A 101 -2.53 -12.30 12.40
C SER A 101 -3.24 -13.52 11.82
N GLY A 102 -2.77 -13.95 10.65
CA GLY A 102 -3.35 -15.10 9.99
C GLY A 102 -4.48 -14.67 9.05
N ALA A 103 -4.52 -13.38 8.77
CA ALA A 103 -5.54 -12.82 7.89
C ALA A 103 -4.89 -12.42 6.56
N PHE A 104 -5.72 -12.41 5.52
CA PHE A 104 -5.24 -12.05 4.20
C PHE A 104 -5.81 -10.69 3.77
N VAL A 105 -5.00 -9.98 3.00
CA VAL A 105 -5.40 -8.67 2.50
C VAL A 105 -5.35 -8.65 0.98
N TYR A 106 -6.09 -7.71 0.40
CA TYR A 106 -6.13 -7.58 -1.04
C TYR A 106 -6.19 -6.11 -1.46
N LEU A 107 -5.63 -5.84 -2.64
CA LEU A 107 -5.60 -4.49 -3.17
C LEU A 107 -6.73 -4.32 -4.18
N ARG A 108 -7.86 -3.81 -3.70
CA ARG A 108 -9.01 -3.60 -4.56
C ARG A 108 -8.80 -2.35 -5.42
N GLN A 109 -8.58 -1.24 -4.75
CA GLN A 109 -8.36 0.02 -5.44
C GLN A 109 -7.27 0.84 -4.75
N PRO A 110 -6.46 1.55 -5.57
CA PRO A 110 -5.38 2.36 -5.05
C PRO A 110 -5.91 3.64 -4.43
N TYR A 111 -5.03 4.34 -3.72
CA TYR A 111 -5.40 5.58 -3.06
C TYR A 111 -5.00 6.78 -3.90
N TYR A 112 -5.96 7.69 -4.09
CA TYR A 112 -5.72 8.88 -4.88
C TYR A 112 -5.81 10.14 -4.01
N SER A 113 -4.69 10.83 -3.91
CA SER A 113 -4.62 12.04 -3.11
C SER A 113 -4.82 13.26 -4.01
N GLY A 114 -5.64 14.18 -3.54
CA GLY A 114 -5.92 15.41 -4.28
C GLY A 114 -6.70 16.40 -3.43
N PRO A 115 -6.01 16.96 -2.40
CA PRO A 115 -6.62 17.93 -1.51
C PRO A 115 -6.77 19.28 -2.18
N SER A 116 -5.67 19.74 -2.77
CA SER A 116 -5.66 21.02 -3.46
C SER A 116 -6.70 21.02 -4.59
N SER A 117 -7.76 21.80 -4.37
CA SER A 117 -8.82 21.90 -5.35
C SER A 117 -9.22 23.36 -5.53
N GLY A 118 -9.50 23.71 -6.78
CA GLY A 118 -9.89 25.06 -7.11
C GLY A 118 -8.68 25.92 -7.48
N GLY A 1 -14.33 10.04 -14.98
CA GLY A 1 -12.94 9.70 -15.15
C GLY A 1 -12.78 8.25 -15.60
N SER A 2 -11.56 7.74 -15.45
CA SER A 2 -11.27 6.38 -15.84
C SER A 2 -10.06 5.85 -15.05
N SER A 3 -8.93 6.51 -15.26
CA SER A 3 -7.71 6.13 -14.59
C SER A 3 -7.26 4.74 -15.04
N GLY A 4 -6.25 4.71 -15.89
CA GLY A 4 -5.74 3.46 -16.41
C GLY A 4 -4.33 3.19 -15.87
N SER A 5 -3.37 3.96 -16.38
CA SER A 5 -1.99 3.81 -15.97
C SER A 5 -1.89 3.91 -14.45
N SER A 6 -0.91 3.19 -13.91
CA SER A 6 -0.70 3.19 -12.46
C SER A 6 -0.84 4.61 -11.91
N GLY A 7 -1.43 4.70 -10.73
CA GLY A 7 -1.63 5.98 -10.08
C GLY A 7 -1.78 5.81 -8.57
N TRP A 8 -0.84 5.09 -7.98
CA TRP A 8 -0.86 4.85 -6.55
C TRP A 8 0.36 5.54 -5.94
N TYR A 9 1.48 5.44 -6.64
CA TYR A 9 2.71 6.05 -6.19
C TYR A 9 2.50 7.52 -5.83
N HIS A 10 2.39 7.77 -4.53
CA HIS A 10 2.19 9.14 -4.05
C HIS A 10 3.52 9.87 -4.01
N GLY A 11 4.59 9.08 -3.91
CA GLY A 11 5.93 9.65 -3.86
C GLY A 11 6.50 9.57 -2.45
N HIS A 12 6.71 10.74 -1.85
CA HIS A 12 7.24 10.82 -0.51
C HIS A 12 6.11 11.05 0.49
N MET A 13 5.58 9.96 1.01
CA MET A 13 4.49 10.02 1.98
C MET A 13 4.93 9.49 3.35
N SER A 14 4.46 10.16 4.38
CA SER A 14 4.79 9.77 5.74
C SER A 14 3.97 8.55 6.15
N GLY A 15 4.68 7.53 6.63
CA GLY A 15 4.02 6.30 7.06
C GLY A 15 2.76 6.61 7.88
N GLY A 16 2.99 7.23 9.03
CA GLY A 16 1.88 7.58 9.91
C GLY A 16 0.77 8.29 9.14
N GLN A 17 1.19 9.11 8.17
CA GLN A 17 0.24 9.85 7.36
C GLN A 17 -0.66 8.88 6.58
N ALA A 18 -0.03 8.06 5.76
CA ALA A 18 -0.76 7.09 4.97
C ALA A 18 -1.91 6.52 5.80
N GLU A 19 -1.58 6.12 7.01
CA GLU A 19 -2.57 5.55 7.92
C GLU A 19 -3.80 6.46 7.99
N THR A 20 -3.54 7.73 8.27
CA THR A 20 -4.62 8.71 8.37
C THR A 20 -5.26 8.94 7.00
N LEU A 21 -4.40 9.02 5.99
CA LEU A 21 -4.87 9.24 4.63
C LEU A 21 -5.82 8.11 4.22
N LEU A 22 -5.30 6.88 4.33
CA LEU A 22 -6.10 5.71 3.97
C LEU A 22 -7.39 5.71 4.80
N GLN A 23 -7.23 6.03 6.08
CA GLN A 23 -8.37 6.07 6.98
C GLN A 23 -9.34 7.18 6.57
N ALA A 24 -8.76 8.31 6.20
CA ALA A 24 -9.56 9.46 5.78
C ALA A 24 -10.52 9.03 4.69
N LYS A 25 -10.05 8.13 3.84
CA LYS A 25 -10.86 7.62 2.74
C LYS A 25 -11.84 6.57 3.28
N GLY A 26 -11.28 5.58 3.97
CA GLY A 26 -12.09 4.52 4.53
C GLY A 26 -12.17 3.33 3.58
N GLU A 27 -12.15 3.63 2.29
CA GLU A 27 -12.22 2.60 1.27
C GLU A 27 -11.40 1.38 1.70
N PRO A 28 -12.13 0.25 1.92
CA PRO A 28 -11.49 -0.99 2.33
C PRO A 28 -10.76 -1.64 1.15
N TRP A 29 -9.59 -2.18 1.46
CA TRP A 29 -8.77 -2.83 0.44
C TRP A 29 -8.18 -1.74 -0.46
N THR A 30 -7.63 -0.73 0.19
CA THR A 30 -7.02 0.37 -0.54
C THR A 30 -5.51 0.42 -0.29
N PHE A 31 -4.76 0.23 -1.35
CA PHE A 31 -3.31 0.23 -1.26
C PHE A 31 -2.73 1.50 -1.88
N LEU A 32 -1.46 1.75 -1.58
CA LEU A 32 -0.77 2.92 -2.10
C LEU A 32 0.74 2.77 -1.88
N VAL A 33 1.49 3.16 -2.89
CA VAL A 33 2.94 3.07 -2.82
C VAL A 33 3.51 4.43 -2.40
N ARG A 34 4.44 4.38 -1.47
CA ARG A 34 5.08 5.58 -0.96
C ARG A 34 6.54 5.31 -0.61
N GLU A 35 7.37 6.32 -0.84
CA GLU A 35 8.79 6.21 -0.55
C GLU A 35 9.03 6.29 0.96
N SER A 36 9.71 5.28 1.46
CA SER A 36 10.02 5.21 2.89
C SER A 36 10.82 6.46 3.30
N LEU A 37 10.42 7.02 4.43
CA LEU A 37 11.09 8.21 4.95
C LEU A 37 12.22 7.79 5.87
N SER A 38 11.94 6.78 6.68
CA SER A 38 12.92 6.28 7.63
C SER A 38 13.98 5.45 6.89
N GLN A 39 13.59 4.96 5.72
CA GLN A 39 14.49 4.17 4.91
C GLN A 39 14.60 4.75 3.49
N PRO A 40 15.72 5.47 3.25
CA PRO A 40 15.94 6.09 1.95
C PRO A 40 16.35 5.04 0.92
N GLY A 41 15.41 4.74 0.03
CA GLY A 41 15.65 3.76 -1.01
C GLY A 41 14.57 2.68 -1.01
N ASP A 42 14.06 2.40 0.17
CA ASP A 42 13.02 1.39 0.32
C ASP A 42 11.65 2.04 0.11
N PHE A 43 10.63 1.20 0.12
CA PHE A 43 9.26 1.69 -0.05
C PHE A 43 8.30 0.96 0.90
N VAL A 44 7.16 1.60 1.14
CA VAL A 44 6.16 1.02 2.01
C VAL A 44 4.84 0.90 1.25
N LEU A 45 4.13 -0.18 1.53
CA LEU A 45 2.85 -0.44 0.87
C LEU A 45 1.75 -0.50 1.94
N SER A 46 1.07 0.62 2.12
CA SER A 46 -0.01 0.70 3.09
C SER A 46 -1.33 0.32 2.43
N VAL A 47 -1.88 -0.80 2.88
CA VAL A 47 -3.14 -1.29 2.34
C VAL A 47 -4.21 -1.24 3.44
N LEU A 48 -5.30 -0.57 3.13
CA LEU A 48 -6.41 -0.44 4.07
C LEU A 48 -7.19 -1.75 4.13
N SER A 49 -7.27 -2.30 5.33
CA SER A 49 -7.98 -3.55 5.53
C SER A 49 -9.44 -3.27 5.87
N ASP A 50 -10.25 -4.32 5.78
CA ASP A 50 -11.66 -4.21 6.07
C ASP A 50 -11.92 -4.63 7.52
N GLN A 51 -10.88 -4.51 8.33
CA GLN A 51 -10.99 -4.88 9.73
C GLN A 51 -10.88 -3.64 10.62
N PRO A 52 -12.04 -3.29 11.24
CA PRO A 52 -12.10 -2.12 12.11
C PRO A 52 -11.43 -2.41 13.46
N LYS A 53 -11.24 -1.35 14.23
CA LYS A 53 -10.61 -1.48 15.53
C LYS A 53 -11.69 -1.74 16.59
N ALA A 54 -12.77 -0.98 16.49
CA ALA A 54 -13.87 -1.12 17.42
C ALA A 54 -15.10 -1.62 16.67
N GLY A 55 -15.16 -1.29 15.39
CA GLY A 55 -16.27 -1.69 14.55
C GLY A 55 -16.83 -0.49 13.78
N PRO A 56 -18.16 -0.27 13.94
CA PRO A 56 -18.83 0.83 13.26
C PRO A 56 -18.49 2.16 13.92
N GLY A 57 -17.87 3.03 13.14
CA GLY A 57 -17.49 4.34 13.64
C GLY A 57 -16.00 4.38 14.01
N SER A 58 -15.33 3.27 13.73
CA SER A 58 -13.91 3.17 14.03
C SER A 58 -13.11 3.07 12.73
N PRO A 59 -11.83 3.52 12.80
CA PRO A 59 -10.96 3.49 11.64
C PRO A 59 -10.47 2.07 11.36
N LEU A 60 -10.43 1.72 10.09
CA LEU A 60 -9.98 0.40 9.68
C LEU A 60 -8.46 0.34 9.75
N ARG A 61 -7.97 -0.66 10.48
CA ARG A 61 -6.54 -0.84 10.64
C ARG A 61 -5.83 -0.70 9.28
N VAL A 62 -4.54 -0.44 9.36
CA VAL A 62 -3.74 -0.28 8.16
C VAL A 62 -2.61 -1.32 8.15
N THR A 63 -2.26 -1.75 6.95
CA THR A 63 -1.20 -2.75 6.80
C THR A 63 -0.08 -2.19 5.93
N HIS A 64 1.06 -1.96 6.57
CA HIS A 64 2.22 -1.43 5.88
C HIS A 64 3.10 -2.58 5.39
N ILE A 65 3.05 -2.81 4.09
CA ILE A 65 3.83 -3.88 3.49
C ILE A 65 5.12 -3.30 2.92
N LYS A 66 6.19 -3.43 3.69
CA LYS A 66 7.49 -2.93 3.27
C LYS A 66 7.93 -3.64 2.00
N VAL A 67 8.52 -2.87 1.09
CA VAL A 67 8.99 -3.42 -0.17
C VAL A 67 10.52 -3.37 -0.21
N MET A 68 11.12 -4.54 -0.03
CA MET A 68 12.58 -4.64 -0.04
C MET A 68 13.11 -4.52 -1.46
N CYS A 69 14.00 -3.56 -1.64
CA CYS A 69 14.60 -3.33 -2.95
C CYS A 69 16.07 -3.75 -2.87
N GLU A 70 16.31 -5.00 -3.25
CA GLU A 70 17.67 -5.53 -3.23
C GLU A 70 18.04 -6.08 -4.62
N GLY A 71 19.30 -5.90 -4.97
CA GLY A 71 19.79 -6.37 -6.25
C GLY A 71 18.89 -5.90 -7.39
N GLY A 72 18.32 -4.72 -7.20
CA GLY A 72 17.43 -4.15 -8.20
C GLY A 72 16.14 -4.95 -8.31
N ARG A 73 15.81 -5.64 -7.23
CA ARG A 73 14.61 -6.45 -7.20
C ARG A 73 13.73 -6.05 -6.01
N TYR A 74 12.43 -6.07 -6.25
CA TYR A 74 11.48 -5.71 -5.20
C TYR A 74 10.81 -6.96 -4.63
N THR A 75 10.66 -6.95 -3.31
CA THR A 75 10.04 -8.08 -2.62
C THR A 75 9.46 -7.62 -1.28
N VAL A 76 8.37 -8.26 -0.90
CA VAL A 76 7.70 -7.94 0.35
C VAL A 76 8.25 -8.84 1.46
N GLY A 77 9.28 -9.60 1.11
CA GLY A 77 9.90 -10.52 2.06
C GLY A 77 9.70 -11.97 1.64
N GLY A 78 9.48 -12.16 0.34
CA GLY A 78 9.26 -13.48 -0.20
C GLY A 78 10.31 -13.80 -1.28
N LEU A 79 10.23 -15.03 -1.78
CA LEU A 79 11.15 -15.46 -2.82
C LEU A 79 10.90 -14.66 -4.10
N GLU A 80 9.63 -14.56 -4.45
CA GLU A 80 9.24 -13.82 -5.65
C GLU A 80 9.81 -12.41 -5.60
N THR A 81 10.08 -11.88 -6.78
CA THR A 81 10.62 -10.53 -6.89
C THR A 81 9.99 -9.79 -8.07
N PHE A 82 10.44 -8.55 -8.26
CA PHE A 82 9.92 -7.73 -9.35
C PHE A 82 10.94 -6.66 -9.75
N ASP A 83 10.70 -6.08 -10.91
CA ASP A 83 11.59 -5.06 -11.43
C ASP A 83 10.99 -3.68 -11.14
N SER A 84 9.68 -3.59 -11.32
CA SER A 84 8.97 -2.34 -11.08
C SER A 84 7.84 -2.57 -10.08
N LEU A 85 7.62 -1.55 -9.25
CA LEU A 85 6.57 -1.62 -8.24
C LEU A 85 5.26 -2.03 -8.91
N THR A 86 5.13 -1.65 -10.18
CA THR A 86 3.93 -1.95 -10.93
C THR A 86 3.75 -3.48 -11.05
N ASP A 87 4.80 -4.13 -11.52
CA ASP A 87 4.77 -5.57 -11.70
C ASP A 87 4.63 -6.23 -10.32
N LEU A 88 4.89 -5.45 -9.29
CA LEU A 88 4.78 -5.95 -7.93
C LEU A 88 3.35 -5.76 -7.43
N VAL A 89 2.85 -4.54 -7.60
CA VAL A 89 1.50 -4.22 -7.18
C VAL A 89 0.50 -5.00 -8.04
N GLU A 90 0.82 -5.10 -9.33
CA GLU A 90 -0.03 -5.80 -10.26
C GLU A 90 0.04 -7.31 -10.01
N HIS A 91 0.94 -7.69 -9.12
CA HIS A 91 1.13 -9.09 -8.79
C HIS A 91 0.24 -9.46 -7.59
N PHE A 92 0.40 -8.70 -6.52
CA PHE A 92 -0.37 -8.92 -5.32
C PHE A 92 -1.78 -8.34 -5.44
N LYS A 93 -1.98 -7.63 -6.54
CA LYS A 93 -3.28 -7.01 -6.80
C LYS A 93 -4.33 -8.10 -6.99
N LYS A 94 -3.84 -9.33 -7.13
CA LYS A 94 -4.73 -10.47 -7.32
C LYS A 94 -4.48 -11.49 -6.20
N THR A 95 -3.26 -12.01 -6.20
CA THR A 95 -2.87 -13.00 -5.20
C THR A 95 -3.18 -12.48 -3.79
N GLY A 96 -3.14 -11.16 -3.66
CA GLY A 96 -3.40 -10.53 -2.38
C GLY A 96 -2.20 -10.65 -1.44
N ILE A 97 -2.40 -10.21 -0.21
CA ILE A 97 -1.35 -10.26 0.79
C ILE A 97 -1.87 -10.98 2.04
N GLU A 98 -0.96 -11.68 2.70
CA GLU A 98 -1.31 -12.40 3.90
C GLU A 98 -0.77 -11.68 5.13
N GLU A 99 -1.65 -11.53 6.13
CA GLU A 99 -1.28 -10.86 7.36
C GLU A 99 -0.75 -11.87 8.38
N ALA A 100 -0.27 -11.35 9.50
CA ALA A 100 0.26 -12.20 10.55
C ALA A 100 -0.89 -12.67 11.45
N SER A 101 -2.04 -12.04 11.26
CA SER A 101 -3.22 -12.39 12.04
C SER A 101 -4.04 -13.44 11.31
N GLY A 102 -3.34 -14.25 10.52
CA GLY A 102 -3.99 -15.31 9.76
C GLY A 102 -5.08 -14.74 8.85
N ALA A 103 -5.00 -13.43 8.63
CA ALA A 103 -5.97 -12.75 7.78
C ALA A 103 -5.30 -12.40 6.46
N PHE A 104 -6.13 -12.27 5.43
CA PHE A 104 -5.63 -11.94 4.10
C PHE A 104 -6.10 -10.54 3.67
N VAL A 105 -5.28 -9.89 2.87
CA VAL A 105 -5.60 -8.56 2.39
C VAL A 105 -5.50 -8.53 0.87
N TYR A 106 -6.29 -7.64 0.26
CA TYR A 106 -6.29 -7.51 -1.18
C TYR A 106 -6.31 -6.04 -1.59
N LEU A 107 -5.72 -5.78 -2.74
CA LEU A 107 -5.65 -4.42 -3.26
C LEU A 107 -6.77 -4.22 -4.29
N ARG A 108 -7.90 -3.72 -3.81
CA ARG A 108 -9.04 -3.48 -4.67
C ARG A 108 -8.81 -2.23 -5.52
N GLN A 109 -8.60 -1.12 -4.83
CA GLN A 109 -8.36 0.14 -5.50
C GLN A 109 -7.25 0.93 -4.81
N PRO A 110 -6.41 1.60 -5.63
CA PRO A 110 -5.31 2.39 -5.10
C PRO A 110 -5.81 3.69 -4.49
N TYR A 111 -4.91 4.36 -3.78
CA TYR A 111 -5.24 5.62 -3.14
C TYR A 111 -4.79 6.80 -3.99
N TYR A 112 -5.76 7.65 -4.33
CA TYR A 112 -5.48 8.82 -5.14
C TYR A 112 -5.15 10.03 -4.26
N SER A 113 -5.92 10.16 -3.19
CA SER A 113 -5.72 11.27 -2.27
C SER A 113 -6.14 12.59 -2.93
N GLY A 114 -5.33 13.01 -3.89
CA GLY A 114 -5.61 14.25 -4.59
C GLY A 114 -4.96 15.44 -3.90
N PRO A 115 -5.04 16.62 -4.57
CA PRO A 115 -4.46 17.84 -4.02
C PRO A 115 -5.32 18.38 -2.88
N SER A 116 -4.84 18.15 -1.66
CA SER A 116 -5.54 18.61 -0.48
C SER A 116 -6.00 20.06 -0.67
N SER A 117 -7.03 20.43 0.07
CA SER A 117 -7.57 21.77 -0.01
C SER A 117 -7.01 22.63 1.12
N GLY A 118 -7.25 22.18 2.35
CA GLY A 118 -6.77 22.88 3.52
C GLY A 118 -5.25 22.80 3.63
N GLY A 1 0.93 -3.39 -28.04
CA GLY A 1 0.92 -3.39 -26.58
C GLY A 1 0.24 -2.12 -26.04
N SER A 2 -0.38 -2.26 -24.88
CA SER A 2 -1.06 -1.14 -24.26
C SER A 2 -1.48 -1.51 -22.84
N SER A 3 -0.97 -0.76 -21.88
CA SER A 3 -1.29 -1.01 -20.49
C SER A 3 -1.05 0.26 -19.67
N GLY A 4 0.18 0.77 -19.76
CA GLY A 4 0.55 1.97 -19.03
C GLY A 4 0.65 1.70 -17.53
N SER A 5 1.67 2.29 -16.92
CA SER A 5 1.88 2.11 -15.49
C SER A 5 0.88 2.98 -14.71
N SER A 6 0.44 2.43 -13.59
CA SER A 6 -0.50 3.14 -12.74
C SER A 6 0.18 4.34 -12.08
N GLY A 7 -0.57 5.00 -11.21
CA GLY A 7 -0.05 6.16 -10.50
C GLY A 7 -0.54 6.18 -9.05
N TRP A 8 0.00 5.26 -8.27
CA TRP A 8 -0.38 5.16 -6.86
C TRP A 8 0.76 5.76 -6.03
N TYR A 9 1.94 5.77 -6.63
CA TYR A 9 3.12 6.31 -5.96
C TYR A 9 2.88 7.76 -5.53
N HIS A 10 2.56 7.92 -4.26
CA HIS A 10 2.32 9.24 -3.71
C HIS A 10 3.63 10.00 -3.57
N GLY A 11 4.72 9.24 -3.57
CA GLY A 11 6.04 9.82 -3.45
C GLY A 11 6.63 9.57 -2.06
N HIS A 12 7.02 10.65 -1.41
CA HIS A 12 7.60 10.56 -0.08
C HIS A 12 6.53 10.87 0.97
N MET A 13 5.81 9.83 1.36
CA MET A 13 4.75 9.98 2.34
C MET A 13 5.19 9.40 3.70
N SER A 14 4.62 9.98 4.75
CA SER A 14 4.94 9.53 6.10
C SER A 14 4.02 8.38 6.50
N GLY A 15 4.61 7.41 7.17
CA GLY A 15 3.87 6.25 7.62
C GLY A 15 2.59 6.67 8.36
N GLY A 16 2.80 7.33 9.49
CA GLY A 16 1.68 7.79 10.30
C GLY A 16 0.62 8.48 9.43
N GLN A 17 1.09 9.09 8.35
CA GLN A 17 0.20 9.78 7.44
C GLN A 17 -0.62 8.77 6.64
N ALA A 18 0.08 7.99 5.83
CA ALA A 18 -0.57 6.98 5.01
C ALA A 18 -1.73 6.35 5.81
N GLU A 19 -1.43 6.03 7.05
CA GLU A 19 -2.42 5.42 7.92
C GLU A 19 -3.67 6.31 8.01
N THR A 20 -3.43 7.57 8.32
CA THR A 20 -4.52 8.52 8.43
C THR A 20 -5.17 8.77 7.06
N LEU A 21 -4.32 8.85 6.04
CA LEU A 21 -4.80 9.07 4.69
C LEU A 21 -5.75 7.94 4.29
N LEU A 22 -5.22 6.73 4.36
CA LEU A 22 -6.00 5.55 4.01
C LEU A 22 -7.31 5.55 4.82
N GLN A 23 -7.17 5.88 6.10
CA GLN A 23 -8.32 5.92 6.98
C GLN A 23 -9.25 7.08 6.59
N ALA A 24 -8.64 8.17 6.14
CA ALA A 24 -9.40 9.33 5.73
C ALA A 24 -10.34 8.96 4.59
N LYS A 25 -9.90 7.98 3.79
CA LYS A 25 -10.69 7.53 2.67
C LYS A 25 -11.71 6.50 3.15
N GLY A 26 -11.21 5.48 3.84
CA GLY A 26 -12.06 4.43 4.37
C GLY A 26 -12.16 3.26 3.38
N GLU A 27 -11.92 3.56 2.11
CA GLU A 27 -11.97 2.55 1.08
C GLU A 27 -11.24 1.29 1.53
N PRO A 28 -12.03 0.20 1.68
CA PRO A 28 -11.48 -1.08 2.11
C PRO A 28 -10.71 -1.75 0.97
N TRP A 29 -9.51 -2.22 1.30
CA TRP A 29 -8.67 -2.88 0.32
C TRP A 29 -8.07 -1.80 -0.58
N THR A 30 -7.57 -0.76 0.05
CA THR A 30 -6.96 0.35 -0.68
C THR A 30 -5.46 0.41 -0.39
N PHE A 31 -4.68 0.26 -1.43
CA PHE A 31 -3.23 0.29 -1.31
C PHE A 31 -2.65 1.59 -1.89
N LEU A 32 -1.40 1.84 -1.58
CA LEU A 32 -0.72 3.02 -2.06
C LEU A 32 0.79 2.87 -1.90
N VAL A 33 1.52 3.33 -2.91
CA VAL A 33 2.97 3.24 -2.88
C VAL A 33 3.55 4.56 -2.38
N ARG A 34 4.43 4.44 -1.39
CA ARG A 34 5.06 5.62 -0.82
C ARG A 34 6.48 5.29 -0.38
N GLU A 35 7.37 6.26 -0.58
CA GLU A 35 8.76 6.08 -0.21
C GLU A 35 8.92 6.12 1.31
N SER A 36 9.92 5.40 1.79
CA SER A 36 10.18 5.35 3.22
C SER A 36 11.07 6.51 3.63
N LEU A 37 10.56 7.29 4.58
CA LEU A 37 11.30 8.45 5.07
C LEU A 37 12.47 7.97 5.93
N SER A 38 12.26 6.84 6.59
CA SER A 38 13.28 6.27 7.45
C SER A 38 14.31 5.50 6.61
N GLN A 39 13.81 4.88 5.55
CA GLN A 39 14.67 4.12 4.66
C GLN A 39 14.68 4.74 3.26
N PRO A 40 15.76 5.51 2.98
CA PRO A 40 15.91 6.17 1.69
C PRO A 40 16.30 5.16 0.61
N GLY A 41 15.37 4.95 -0.32
CA GLY A 41 15.60 4.02 -1.41
C GLY A 41 14.53 2.93 -1.44
N ASP A 42 14.10 2.55 -0.25
CA ASP A 42 13.07 1.51 -0.13
C ASP A 42 11.70 2.14 -0.35
N PHE A 43 10.67 1.31 -0.19
CA PHE A 43 9.30 1.77 -0.36
C PHE A 43 8.35 1.00 0.55
N VAL A 44 7.24 1.66 0.88
CA VAL A 44 6.24 1.05 1.74
C VAL A 44 4.92 0.92 0.98
N LEU A 45 4.19 -0.13 1.32
CA LEU A 45 2.91 -0.37 0.67
C LEU A 45 1.81 -0.48 1.73
N SER A 46 1.14 0.65 1.96
CA SER A 46 0.07 0.69 2.94
C SER A 46 -1.26 0.31 2.29
N VAL A 47 -1.82 -0.78 2.80
CA VAL A 47 -3.09 -1.27 2.27
C VAL A 47 -4.15 -1.19 3.38
N LEU A 48 -5.31 -0.67 2.99
CA LEU A 48 -6.41 -0.53 3.94
C LEU A 48 -7.20 -1.85 3.99
N SER A 49 -7.33 -2.38 5.20
CA SER A 49 -8.04 -3.62 5.40
C SER A 49 -9.52 -3.33 5.69
N ASP A 50 -10.34 -4.35 5.49
CA ASP A 50 -11.77 -4.22 5.72
C ASP A 50 -12.08 -4.64 7.16
N GLN A 51 -11.07 -4.55 8.02
CA GLN A 51 -11.22 -4.91 9.41
C GLN A 51 -11.08 -3.67 10.30
N PRO A 52 -12.24 -3.28 10.91
CA PRO A 52 -12.25 -2.11 11.79
C PRO A 52 -11.61 -2.44 13.14
N LYS A 53 -11.42 -1.39 13.93
CA LYS A 53 -10.81 -1.54 15.24
C LYS A 53 -11.91 -1.75 16.28
N ALA A 54 -12.95 -0.94 16.17
CA ALA A 54 -14.07 -1.03 17.09
C ALA A 54 -15.32 -1.49 16.33
N GLY A 55 -15.33 -1.18 15.04
CA GLY A 55 -16.45 -1.55 14.20
C GLY A 55 -16.96 -0.36 13.39
N PRO A 56 -18.31 -0.17 13.43
CA PRO A 56 -18.92 0.94 12.71
C PRO A 56 -18.67 2.26 13.42
N GLY A 57 -17.87 3.10 12.77
CA GLY A 57 -17.56 4.40 13.33
C GLY A 57 -16.05 4.54 13.57
N SER A 58 -15.39 3.40 13.60
CA SER A 58 -13.95 3.38 13.82
C SER A 58 -13.22 3.20 12.49
N PRO A 59 -11.96 3.70 12.44
CA PRO A 59 -11.15 3.59 11.24
C PRO A 59 -10.63 2.17 11.05
N LEU A 60 -10.56 1.77 9.78
CA LEU A 60 -10.08 0.43 9.46
C LEU A 60 -8.55 0.40 9.58
N ARG A 61 -8.07 -0.61 10.29
CA ARG A 61 -6.64 -0.77 10.50
C ARG A 61 -5.90 -0.60 9.17
N VAL A 62 -4.58 -0.48 9.28
CA VAL A 62 -3.74 -0.31 8.10
C VAL A 62 -2.63 -1.36 8.11
N THR A 63 -2.18 -1.71 6.92
CA THR A 63 -1.12 -2.70 6.78
C THR A 63 -0.01 -2.16 5.87
N HIS A 64 1.15 -1.93 6.49
CA HIS A 64 2.29 -1.41 5.76
C HIS A 64 3.13 -2.58 5.23
N ILE A 65 3.01 -2.82 3.93
CA ILE A 65 3.75 -3.89 3.29
C ILE A 65 5.09 -3.36 2.80
N LYS A 66 6.10 -3.50 3.65
CA LYS A 66 7.43 -3.04 3.31
C LYS A 66 7.89 -3.72 2.01
N VAL A 67 8.68 -2.98 1.24
CA VAL A 67 9.18 -3.50 -0.02
C VAL A 67 10.72 -3.49 0.02
N MET A 68 11.29 -4.69 -0.06
CA MET A 68 12.73 -4.83 -0.04
C MET A 68 13.31 -4.68 -1.45
N CYS A 69 13.91 -3.52 -1.68
CA CYS A 69 14.51 -3.23 -2.97
C CYS A 69 15.97 -3.69 -2.94
N GLU A 70 16.19 -4.90 -3.41
CA GLU A 70 17.53 -5.46 -3.44
C GLU A 70 17.86 -5.97 -4.85
N GLY A 71 19.07 -5.65 -5.28
CA GLY A 71 19.52 -6.07 -6.60
C GLY A 71 18.56 -5.58 -7.70
N GLY A 72 18.12 -4.34 -7.53
CA GLY A 72 17.20 -3.75 -8.49
C GLY A 72 15.89 -4.52 -8.54
N ARG A 73 15.69 -5.36 -7.53
CA ARG A 73 14.48 -6.16 -7.47
C ARG A 73 13.68 -5.80 -6.20
N TYR A 74 12.37 -5.95 -6.31
CA TYR A 74 11.49 -5.64 -5.19
C TYR A 74 10.82 -6.90 -4.66
N THR A 75 10.70 -6.96 -3.33
CA THR A 75 10.09 -8.11 -2.69
C THR A 75 9.54 -7.72 -1.33
N VAL A 76 8.48 -8.41 -0.92
CA VAL A 76 7.85 -8.14 0.36
C VAL A 76 8.47 -9.05 1.42
N GLY A 77 9.48 -9.81 1.00
CA GLY A 77 10.15 -10.73 1.91
C GLY A 77 9.94 -12.18 1.46
N GLY A 78 9.78 -12.35 0.16
CA GLY A 78 9.58 -13.68 -0.39
C GLY A 78 10.56 -13.95 -1.54
N LEU A 79 10.55 -15.19 -2.00
CA LEU A 79 11.42 -15.59 -3.08
C LEU A 79 11.06 -14.80 -4.35
N GLU A 80 9.77 -14.58 -4.52
CA GLU A 80 9.28 -13.84 -5.68
C GLU A 80 9.78 -12.40 -5.63
N THR A 81 10.12 -11.89 -6.80
CA THR A 81 10.60 -10.52 -6.91
C THR A 81 9.96 -9.82 -8.11
N PHE A 82 10.37 -8.58 -8.31
CA PHE A 82 9.85 -7.78 -9.41
C PHE A 82 10.83 -6.70 -9.83
N ASP A 83 10.66 -6.21 -11.05
CA ASP A 83 11.53 -5.17 -11.58
C ASP A 83 10.97 -3.80 -11.19
N SER A 84 9.66 -3.67 -11.33
CA SER A 84 9.00 -2.42 -10.99
C SER A 84 7.91 -2.67 -9.95
N LEU A 85 7.50 -1.59 -9.29
CA LEU A 85 6.47 -1.68 -8.27
C LEU A 85 5.14 -2.07 -8.93
N THR A 86 5.04 -1.76 -10.22
CA THR A 86 3.83 -2.06 -10.97
C THR A 86 3.66 -3.58 -11.11
N ASP A 87 4.75 -4.24 -11.45
CA ASP A 87 4.72 -5.68 -11.62
C ASP A 87 4.57 -6.35 -10.24
N LEU A 88 4.72 -5.53 -9.21
CA LEU A 88 4.60 -6.02 -7.84
C LEU A 88 3.16 -5.79 -7.36
N VAL A 89 2.70 -4.57 -7.50
CA VAL A 89 1.36 -4.20 -7.08
C VAL A 89 0.35 -5.00 -7.91
N GLU A 90 0.63 -5.09 -9.20
CA GLU A 90 -0.25 -5.81 -10.11
C GLU A 90 -0.19 -7.32 -9.82
N HIS A 91 0.81 -7.70 -9.04
CA HIS A 91 0.99 -9.09 -8.69
C HIS A 91 0.15 -9.42 -7.46
N PHE A 92 0.30 -8.61 -6.42
CA PHE A 92 -0.44 -8.81 -5.19
C PHE A 92 -1.86 -8.24 -5.31
N LYS A 93 -2.10 -7.55 -6.42
CA LYS A 93 -3.40 -6.95 -6.67
C LYS A 93 -4.44 -8.06 -6.84
N LYS A 94 -3.94 -9.29 -6.95
CA LYS A 94 -4.82 -10.43 -7.12
C LYS A 94 -4.60 -11.42 -5.97
N THR A 95 -3.38 -11.94 -5.90
CA THR A 95 -3.03 -12.89 -4.87
C THR A 95 -3.41 -12.34 -3.49
N GLY A 96 -2.88 -11.16 -3.19
CA GLY A 96 -3.16 -10.52 -1.92
C GLY A 96 -1.96 -10.62 -0.98
N ILE A 97 -2.11 -10.03 0.19
CA ILE A 97 -1.04 -10.04 1.18
C ILE A 97 -1.58 -10.63 2.49
N GLU A 98 -0.78 -11.49 3.09
CA GLU A 98 -1.16 -12.13 4.34
C GLU A 98 -0.57 -11.37 5.52
N GLU A 99 -1.44 -11.04 6.47
CA GLU A 99 -1.02 -10.32 7.66
C GLU A 99 -0.37 -11.28 8.67
N ALA A 100 0.26 -10.68 9.68
CA ALA A 100 0.93 -11.46 10.70
C ALA A 100 -0.12 -12.03 11.65
N SER A 101 -1.34 -11.51 11.53
CA SER A 101 -2.43 -11.96 12.37
C SER A 101 -3.07 -13.22 11.77
N GLY A 102 -2.79 -13.45 10.50
CA GLY A 102 -3.33 -14.60 9.81
C GLY A 102 -4.35 -14.18 8.76
N ALA A 103 -4.87 -12.97 8.92
CA ALA A 103 -5.85 -12.44 8.00
C ALA A 103 -5.16 -12.04 6.69
N PHE A 104 -5.92 -12.12 5.62
CA PHE A 104 -5.39 -11.77 4.31
C PHE A 104 -5.87 -10.37 3.88
N VAL A 105 -5.14 -9.79 2.94
CA VAL A 105 -5.47 -8.47 2.44
C VAL A 105 -5.34 -8.46 0.93
N TYR A 106 -6.17 -7.62 0.30
CA TYR A 106 -6.15 -7.51 -1.15
C TYR A 106 -6.20 -6.04 -1.59
N LEU A 107 -5.66 -5.79 -2.76
CA LEU A 107 -5.64 -4.44 -3.30
C LEU A 107 -6.72 -4.31 -4.37
N ARG A 108 -7.83 -3.69 -3.99
CA ARG A 108 -8.94 -3.50 -4.90
C ARG A 108 -8.73 -2.22 -5.72
N GLN A 109 -8.44 -1.14 -5.00
CA GLN A 109 -8.22 0.15 -5.65
C GLN A 109 -7.11 0.92 -4.93
N PRO A 110 -6.27 1.61 -5.74
CA PRO A 110 -5.17 2.38 -5.19
C PRO A 110 -5.68 3.68 -4.56
N TYR A 111 -4.78 4.34 -3.85
CA TYR A 111 -5.13 5.61 -3.20
C TYR A 111 -4.65 6.80 -4.02
N TYR A 112 -5.59 7.70 -4.30
CA TYR A 112 -5.28 8.88 -5.07
C TYR A 112 -4.99 10.07 -4.16
N SER A 113 -5.88 10.26 -3.18
CA SER A 113 -5.72 11.35 -2.23
C SER A 113 -5.75 12.70 -2.98
N GLY A 114 -5.93 13.76 -2.20
CA GLY A 114 -5.98 15.10 -2.77
C GLY A 114 -4.92 15.99 -2.14
N PRO A 115 -4.85 17.26 -2.64
CA PRO A 115 -3.90 18.22 -2.14
C PRO A 115 -4.32 18.75 -0.78
N SER A 116 -3.33 18.89 0.10
CA SER A 116 -3.60 19.39 1.44
C SER A 116 -4.13 20.82 1.38
N SER A 117 -4.72 21.25 2.48
CA SER A 117 -5.27 22.60 2.56
C SER A 117 -4.15 23.62 2.71
N GLY A 118 -3.38 23.45 3.78
CA GLY A 118 -2.26 24.35 4.05
C GLY A 118 -1.59 24.00 5.38
N GLY A 1 -10.04 14.50 -21.11
CA GLY A 1 -10.24 13.07 -20.88
C GLY A 1 -8.95 12.42 -20.37
N SER A 2 -8.82 12.38 -19.05
CA SER A 2 -7.65 11.80 -18.43
C SER A 2 -8.00 10.42 -17.85
N SER A 3 -7.47 9.39 -18.50
CA SER A 3 -7.72 8.02 -18.06
C SER A 3 -6.63 7.59 -17.09
N GLY A 4 -7.02 7.42 -15.84
CA GLY A 4 -6.10 6.99 -14.80
C GLY A 4 -5.32 5.75 -15.24
N SER A 5 -4.01 5.80 -15.01
CA SER A 5 -3.15 4.68 -15.37
C SER A 5 -2.12 4.44 -14.28
N SER A 6 -2.51 3.66 -13.30
CA SER A 6 -1.63 3.34 -12.19
C SER A 6 -1.09 4.63 -11.56
N GLY A 7 -1.90 5.20 -10.67
CA GLY A 7 -1.53 6.42 -10.00
C GLY A 7 -1.70 6.29 -8.48
N TRP A 8 -0.92 5.37 -7.91
CA TRP A 8 -0.97 5.13 -6.48
C TRP A 8 0.27 5.76 -5.86
N TYR A 9 1.33 5.81 -6.65
CA TYR A 9 2.59 6.38 -6.19
C TYR A 9 2.39 7.83 -5.71
N HIS A 10 2.36 7.96 -4.38
CA HIS A 10 2.18 9.28 -3.78
C HIS A 10 3.51 10.03 -3.80
N GLY A 11 4.59 9.27 -3.85
CA GLY A 11 5.92 9.85 -3.87
C GLY A 11 6.58 9.75 -2.50
N HIS A 12 6.79 10.91 -1.88
CA HIS A 12 7.41 10.96 -0.56
C HIS A 12 6.34 11.20 0.50
N MET A 13 5.66 10.12 0.87
CA MET A 13 4.62 10.20 1.88
C MET A 13 5.08 9.60 3.21
N SER A 14 4.61 10.20 4.29
CA SER A 14 4.97 9.74 5.61
C SER A 14 4.06 8.59 6.03
N GLY A 15 4.69 7.53 6.53
CA GLY A 15 3.95 6.36 6.97
C GLY A 15 2.71 6.76 7.76
N GLY A 16 2.94 7.43 8.87
CA GLY A 16 1.86 7.87 9.73
C GLY A 16 0.75 8.54 8.91
N GLN A 17 1.17 9.27 7.89
CA GLN A 17 0.23 9.96 7.02
C GLN A 17 -0.67 8.96 6.32
N ALA A 18 -0.05 8.13 5.49
CA ALA A 18 -0.79 7.12 4.75
C ALA A 18 -1.90 6.55 5.62
N GLU A 19 -1.51 6.17 6.84
CA GLU A 19 -2.46 5.61 7.78
C GLU A 19 -3.69 6.51 7.90
N THR A 20 -3.43 7.78 8.17
CA THR A 20 -4.50 8.75 8.31
C THR A 20 -5.20 8.97 6.96
N LEU A 21 -4.40 8.99 5.91
CA LEU A 21 -4.93 9.18 4.57
C LEU A 21 -5.88 8.04 4.23
N LEU A 22 -5.35 6.82 4.30
CA LEU A 22 -6.15 5.64 4.00
C LEU A 22 -7.40 5.64 4.87
N GLN A 23 -7.19 5.91 6.15
CA GLN A 23 -8.29 5.95 7.10
C GLN A 23 -9.28 7.05 6.73
N ALA A 24 -8.73 8.24 6.51
CA ALA A 24 -9.54 9.39 6.15
C ALA A 24 -10.53 8.99 5.05
N LYS A 25 -10.05 8.13 4.16
CA LYS A 25 -10.88 7.66 3.07
C LYS A 25 -11.86 6.61 3.59
N GLY A 26 -11.29 5.56 4.15
CA GLY A 26 -12.10 4.47 4.69
C GLY A 26 -12.19 3.30 3.70
N GLU A 27 -12.14 3.64 2.42
CA GLU A 27 -12.21 2.64 1.37
C GLU A 27 -11.43 1.39 1.79
N PRO A 28 -12.18 0.28 1.97
CA PRO A 28 -11.57 -0.98 2.37
C PRO A 28 -10.86 -1.64 1.19
N TRP A 29 -9.67 -2.15 1.48
CA TRP A 29 -8.87 -2.80 0.46
C TRP A 29 -8.30 -1.72 -0.46
N THR A 30 -7.66 -0.74 0.17
CA THR A 30 -7.06 0.36 -0.57
C THR A 30 -5.55 0.42 -0.30
N PHE A 31 -4.79 0.25 -1.35
CA PHE A 31 -3.33 0.28 -1.25
C PHE A 31 -2.77 1.56 -1.87
N LEU A 32 -1.49 1.79 -1.62
CA LEU A 32 -0.83 2.97 -2.14
C LEU A 32 0.69 2.81 -1.96
N VAL A 33 1.42 3.25 -2.98
CA VAL A 33 2.87 3.16 -2.95
C VAL A 33 3.45 4.54 -2.58
N ARG A 34 4.32 4.52 -1.59
CA ARG A 34 4.95 5.75 -1.13
C ARG A 34 6.38 5.47 -0.67
N GLU A 35 7.26 6.42 -0.95
CA GLU A 35 8.65 6.29 -0.57
C GLU A 35 8.80 6.31 0.96
N SER A 36 9.66 5.44 1.45
CA SER A 36 9.89 5.34 2.88
C SER A 36 10.85 6.44 3.34
N LEU A 37 10.33 7.30 4.20
CA LEU A 37 11.12 8.40 4.72
C LEU A 37 12.19 7.85 5.67
N SER A 38 11.74 7.03 6.61
CA SER A 38 12.64 6.44 7.58
C SER A 38 13.65 5.53 6.86
N GLN A 39 13.20 4.95 5.76
CA GLN A 39 14.04 4.06 4.99
C GLN A 39 14.21 4.60 3.56
N PRO A 40 15.26 5.45 3.38
CA PRO A 40 15.53 6.02 2.07
C PRO A 40 16.16 5.00 1.14
N GLY A 41 15.40 4.61 0.13
CA GLY A 41 15.86 3.64 -0.84
C GLY A 41 14.86 2.50 -1.02
N ASP A 42 13.90 2.46 -0.08
CA ASP A 42 12.88 1.44 -0.12
C ASP A 42 11.51 2.10 -0.24
N PHE A 43 10.48 1.26 -0.26
CA PHE A 43 9.12 1.75 -0.37
C PHE A 43 8.18 1.00 0.59
N VAL A 44 7.08 1.65 0.92
CA VAL A 44 6.11 1.06 1.83
C VAL A 44 4.77 0.89 1.09
N LEU A 45 4.08 -0.19 1.44
CA LEU A 45 2.79 -0.47 0.82
C LEU A 45 1.71 -0.51 1.91
N SER A 46 1.03 0.61 2.05
CA SER A 46 -0.03 0.72 3.04
C SER A 46 -1.37 0.34 2.41
N VAL A 47 -1.90 -0.79 2.85
CA VAL A 47 -3.17 -1.28 2.34
C VAL A 47 -4.21 -1.22 3.46
N LEU A 48 -5.36 -0.65 3.13
CA LEU A 48 -6.45 -0.53 4.10
C LEU A 48 -7.24 -1.84 4.13
N SER A 49 -7.35 -2.38 5.34
CA SER A 49 -8.07 -3.63 5.52
C SER A 49 -9.53 -3.34 5.88
N ASP A 50 -10.37 -4.36 5.71
CA ASP A 50 -11.78 -4.23 6.01
C ASP A 50 -12.04 -4.65 7.46
N GLN A 51 -10.98 -4.59 8.25
CA GLN A 51 -11.08 -4.95 9.66
C GLN A 51 -10.92 -3.72 10.54
N PRO A 52 -12.05 -3.34 11.20
CA PRO A 52 -12.04 -2.18 12.08
C PRO A 52 -11.33 -2.50 13.41
N LYS A 53 -11.17 -1.47 14.22
CA LYS A 53 -10.52 -1.63 15.51
C LYS A 53 -11.57 -1.84 16.59
N ALA A 54 -12.63 -1.05 16.50
CA ALA A 54 -13.72 -1.15 17.47
C ALA A 54 -14.98 -1.64 16.76
N GLY A 55 -15.05 -1.35 15.47
CA GLY A 55 -16.19 -1.75 14.67
C GLY A 55 -16.74 -0.57 13.86
N PRO A 56 -18.08 -0.38 13.95
CA PRO A 56 -18.73 0.69 13.24
C PRO A 56 -18.47 2.04 13.91
N GLY A 57 -17.82 2.92 13.17
CA GLY A 57 -17.50 4.24 13.68
C GLY A 57 -16.00 4.36 13.99
N SER A 58 -15.30 3.25 13.82
CA SER A 58 -13.88 3.22 14.07
C SER A 58 -13.12 3.07 12.76
N PRO A 59 -11.85 3.58 12.77
CA PRO A 59 -11.00 3.51 11.59
C PRO A 59 -10.48 2.09 11.36
N LEU A 60 -10.43 1.70 10.10
CA LEU A 60 -9.95 0.38 9.73
C LEU A 60 -8.42 0.34 9.84
N ARG A 61 -7.94 -0.66 10.55
CA ARG A 61 -6.51 -0.82 10.74
C ARG A 61 -5.77 -0.67 9.41
N VAL A 62 -4.50 -0.33 9.50
CA VAL A 62 -3.68 -0.15 8.31
C VAL A 62 -2.53 -1.17 8.33
N THR A 63 -2.19 -1.64 7.15
CA THR A 63 -1.12 -2.62 7.00
C THR A 63 -0.04 -2.09 6.06
N HIS A 64 1.15 -1.92 6.61
CA HIS A 64 2.28 -1.42 5.83
C HIS A 64 3.14 -2.60 5.38
N ILE A 65 3.10 -2.86 4.08
CA ILE A 65 3.87 -3.95 3.51
C ILE A 65 5.19 -3.40 2.95
N LYS A 66 6.22 -3.47 3.79
CA LYS A 66 7.53 -2.98 3.41
C LYS A 66 7.98 -3.70 2.13
N VAL A 67 8.59 -2.94 1.23
CA VAL A 67 9.07 -3.50 -0.02
C VAL A 67 10.59 -3.58 0.01
N MET A 68 11.09 -4.81 0.01
CA MET A 68 12.51 -5.05 0.04
C MET A 68 13.13 -4.88 -1.35
N CYS A 69 14.01 -3.90 -1.46
CA CYS A 69 14.67 -3.62 -2.73
C CYS A 69 16.13 -4.07 -2.61
N GLU A 70 16.37 -5.31 -3.03
CA GLU A 70 17.70 -5.87 -2.99
C GLU A 70 18.13 -6.39 -4.37
N GLY A 71 19.25 -5.89 -4.84
CA GLY A 71 19.77 -6.30 -6.14
C GLY A 71 18.84 -5.84 -7.26
N GLY A 72 18.26 -4.66 -7.07
CA GLY A 72 17.35 -4.10 -8.05
C GLY A 72 16.08 -4.94 -8.17
N ARG A 73 15.82 -5.72 -7.13
CA ARG A 73 14.65 -6.57 -7.10
C ARG A 73 13.76 -6.23 -5.91
N TYR A 74 12.48 -6.08 -6.19
CA TYR A 74 11.52 -5.75 -5.14
C TYR A 74 10.81 -7.01 -4.64
N THR A 75 10.65 -7.07 -3.32
CA THR A 75 9.98 -8.21 -2.70
C THR A 75 9.40 -7.81 -1.35
N VAL A 76 8.27 -8.41 -1.03
CA VAL A 76 7.59 -8.13 0.23
C VAL A 76 8.08 -9.12 1.30
N GLY A 77 9.08 -9.91 0.92
CA GLY A 77 9.64 -10.89 1.82
C GLY A 77 9.42 -12.31 1.28
N GLY A 78 9.10 -12.38 0.00
CA GLY A 78 8.86 -13.66 -0.64
C GLY A 78 9.93 -13.96 -1.68
N LEU A 79 9.83 -15.15 -2.27
CA LEU A 79 10.77 -15.57 -3.29
C LEU A 79 10.60 -14.71 -4.54
N GLU A 80 9.34 -14.57 -4.95
CA GLU A 80 9.01 -13.78 -6.12
C GLU A 80 9.51 -12.34 -5.95
N THR A 81 9.94 -11.77 -7.06
CA THR A 81 10.45 -10.41 -7.05
C THR A 81 9.80 -9.59 -8.17
N PHE A 82 10.30 -8.37 -8.33
CA PHE A 82 9.78 -7.48 -9.36
C PHE A 82 10.80 -6.40 -9.72
N ASP A 83 10.68 -5.90 -10.94
CA ASP A 83 11.59 -4.86 -11.41
C ASP A 83 10.95 -3.48 -11.14
N SER A 84 9.64 -3.44 -11.23
CA SER A 84 8.91 -2.21 -11.01
C SER A 84 7.83 -2.43 -9.93
N LEU A 85 7.59 -1.37 -9.18
CA LEU A 85 6.59 -1.43 -8.12
C LEU A 85 5.25 -1.85 -8.71
N THR A 86 5.04 -1.45 -9.96
CA THR A 86 3.80 -1.77 -10.64
C THR A 86 3.66 -3.29 -10.80
N ASP A 87 4.69 -3.89 -11.37
CA ASP A 87 4.70 -5.33 -11.58
C ASP A 87 4.57 -6.04 -10.22
N LEU A 88 4.93 -5.31 -9.18
CA LEU A 88 4.84 -5.86 -7.84
C LEU A 88 3.41 -5.75 -7.33
N VAL A 89 2.85 -4.55 -7.46
CA VAL A 89 1.49 -4.30 -7.02
C VAL A 89 0.52 -5.07 -7.91
N GLU A 90 0.76 -4.98 -9.21
CA GLU A 90 -0.07 -5.67 -10.18
C GLU A 90 -0.01 -7.18 -9.95
N HIS A 91 0.99 -7.60 -9.19
CA HIS A 91 1.16 -9.01 -8.89
C HIS A 91 0.28 -9.40 -7.71
N PHE A 92 0.45 -8.68 -6.62
CA PHE A 92 -0.33 -8.94 -5.41
C PHE A 92 -1.73 -8.33 -5.52
N LYS A 93 -1.93 -7.58 -6.59
CA LYS A 93 -3.21 -6.94 -6.83
C LYS A 93 -4.30 -8.01 -7.00
N LYS A 94 -3.84 -9.24 -7.18
CA LYS A 94 -4.75 -10.36 -7.35
C LYS A 94 -4.49 -11.39 -6.24
N THR A 95 -3.30 -11.95 -6.26
CA THR A 95 -2.93 -12.95 -5.26
C THR A 95 -3.17 -12.41 -3.86
N GLY A 96 -3.19 -11.09 -3.75
CA GLY A 96 -3.41 -10.44 -2.47
C GLY A 96 -2.21 -10.63 -1.55
N ILE A 97 -2.31 -10.03 -0.37
CA ILE A 97 -1.24 -10.14 0.62
C ILE A 97 -1.75 -10.92 1.83
N GLU A 98 -0.81 -11.57 2.51
CA GLU A 98 -1.14 -12.36 3.69
C GLU A 98 -0.58 -11.70 4.94
N GLU A 99 -1.45 -11.57 5.94
CA GLU A 99 -1.05 -10.96 7.19
C GLU A 99 -0.47 -12.01 8.13
N ALA A 100 0.01 -11.54 9.28
CA ALA A 100 0.60 -12.43 10.27
C ALA A 100 -0.50 -12.97 11.18
N SER A 101 -1.59 -12.23 11.24
CA SER A 101 -2.72 -12.62 12.07
C SER A 101 -3.44 -13.82 11.44
N GLY A 102 -3.12 -14.06 10.18
CA GLY A 102 -3.73 -15.16 9.46
C GLY A 102 -4.69 -14.65 8.39
N ALA A 103 -5.14 -13.43 8.57
CA ALA A 103 -6.06 -12.82 7.63
C ALA A 103 -5.29 -12.36 6.39
N PHE A 104 -6.02 -12.30 5.28
CA PHE A 104 -5.41 -11.88 4.02
C PHE A 104 -5.96 -10.52 3.58
N VAL A 105 -5.13 -9.80 2.84
CA VAL A 105 -5.50 -8.48 2.35
C VAL A 105 -5.44 -8.47 0.83
N TYR A 106 -6.28 -7.64 0.23
CA TYR A 106 -6.32 -7.52 -1.21
C TYR A 106 -6.35 -6.06 -1.65
N LEU A 107 -5.64 -5.78 -2.73
CA LEU A 107 -5.57 -4.43 -3.26
C LEU A 107 -6.68 -4.24 -4.29
N ARG A 108 -7.88 -3.96 -3.79
CA ARG A 108 -9.03 -3.75 -4.65
C ARG A 108 -8.81 -2.53 -5.54
N GLN A 109 -8.48 -1.41 -4.88
CA GLN A 109 -8.24 -0.18 -5.60
C GLN A 109 -7.21 0.68 -4.85
N PRO A 110 -6.39 1.42 -5.65
CA PRO A 110 -5.37 2.27 -5.07
C PRO A 110 -5.99 3.54 -4.46
N TYR A 111 -5.18 4.22 -3.66
CA TYR A 111 -5.63 5.44 -3.01
C TYR A 111 -4.87 6.66 -3.54
N TYR A 112 -5.63 7.70 -3.84
CA TYR A 112 -5.05 8.93 -4.35
C TYR A 112 -5.12 10.05 -3.31
N SER A 113 -4.41 11.12 -3.60
CA SER A 113 -4.38 12.27 -2.70
C SER A 113 -4.58 13.56 -3.49
N GLY A 114 -3.85 13.66 -4.59
CA GLY A 114 -3.93 14.84 -5.45
C GLY A 114 -3.49 16.09 -4.70
N PRO A 115 -3.16 17.14 -5.49
CA PRO A 115 -2.71 18.40 -4.91
C PRO A 115 -3.89 19.17 -4.31
N SER A 116 -3.55 20.27 -3.63
CA SER A 116 -4.56 21.10 -3.01
C SER A 116 -5.55 20.23 -2.24
N SER A 117 -5.15 19.86 -1.03
CA SER A 117 -6.00 19.02 -0.19
C SER A 117 -5.51 19.08 1.26
N GLY A 118 -6.44 18.90 2.18
CA GLY A 118 -6.12 18.92 3.60
C GLY A 118 -5.26 20.14 3.94
N GLY A 1 3.31 17.30 -19.25
CA GLY A 1 3.29 16.29 -18.20
C GLY A 1 3.38 14.89 -18.79
N SER A 2 3.70 13.94 -17.92
CA SER A 2 3.83 12.56 -18.34
C SER A 2 3.75 11.63 -17.11
N SER A 3 3.29 10.41 -17.37
CA SER A 3 3.16 9.43 -16.30
C SER A 3 3.51 8.04 -16.83
N GLY A 4 3.75 7.13 -15.90
CA GLY A 4 4.10 5.77 -16.27
C GLY A 4 3.00 4.79 -15.84
N SER A 5 3.38 3.53 -15.71
CA SER A 5 2.45 2.50 -15.31
C SER A 5 1.76 2.89 -14.00
N SER A 6 0.44 2.89 -14.04
CA SER A 6 -0.35 3.26 -12.88
C SER A 6 0.14 4.58 -12.29
N GLY A 7 -0.38 4.91 -11.12
CA GLY A 7 0.00 6.15 -10.45
C GLY A 7 -0.50 6.16 -9.01
N TRP A 8 0.05 5.25 -8.22
CA TRP A 8 -0.33 5.15 -6.82
C TRP A 8 0.82 5.72 -5.98
N TYR A 9 1.99 5.76 -6.58
CA TYR A 9 3.17 6.27 -5.91
C TYR A 9 2.96 7.72 -5.46
N HIS A 10 2.72 7.88 -4.17
CA HIS A 10 2.50 9.20 -3.61
C HIS A 10 3.83 9.96 -3.56
N GLY A 11 4.89 9.22 -3.34
CA GLY A 11 6.22 9.80 -3.26
C GLY A 11 6.74 9.80 -1.82
N HIS A 12 7.13 10.98 -1.37
CA HIS A 12 7.65 11.13 -0.01
C HIS A 12 6.48 11.27 0.96
N MET A 13 5.91 10.12 1.32
CA MET A 13 4.79 10.10 2.24
C MET A 13 5.19 9.49 3.59
N SER A 14 4.69 10.09 4.66
CA SER A 14 4.99 9.63 5.99
C SER A 14 4.05 8.48 6.37
N GLY A 15 4.65 7.36 6.75
CA GLY A 15 3.88 6.19 7.14
C GLY A 15 2.65 6.59 7.96
N GLY A 16 2.92 7.15 9.13
CA GLY A 16 1.85 7.58 10.02
C GLY A 16 0.75 8.31 9.24
N GLN A 17 1.18 9.00 8.18
CA GLN A 17 0.24 9.74 7.36
C GLN A 17 -0.67 8.77 6.59
N ALA A 18 -0.04 7.98 5.74
CA ALA A 18 -0.78 7.01 4.94
C ALA A 18 -1.90 6.41 5.79
N GLU A 19 -1.53 5.99 6.99
CA GLU A 19 -2.48 5.39 7.90
C GLU A 19 -3.72 6.27 8.02
N THR A 20 -3.48 7.54 8.31
CA THR A 20 -4.57 8.49 8.45
C THR A 20 -5.23 8.76 7.11
N LEU A 21 -4.40 8.85 6.09
CA LEU A 21 -4.89 9.10 4.74
C LEU A 21 -5.83 7.97 4.33
N LEU A 22 -5.30 6.75 4.37
CA LEU A 22 -6.07 5.58 4.00
C LEU A 22 -7.38 5.56 4.81
N GLN A 23 -7.27 5.98 6.06
CA GLN A 23 -8.42 6.02 6.94
C GLN A 23 -9.37 7.15 6.52
N ALA A 24 -8.77 8.30 6.21
CA ALA A 24 -9.54 9.45 5.81
C ALA A 24 -10.54 9.04 4.72
N LYS A 25 -10.07 8.17 3.83
CA LYS A 25 -10.92 7.69 2.75
C LYS A 25 -11.88 6.62 3.29
N GLY A 26 -11.29 5.62 3.91
CA GLY A 26 -12.07 4.53 4.48
C GLY A 26 -12.18 3.36 3.50
N GLU A 27 -12.11 3.69 2.22
CA GLU A 27 -12.19 2.68 1.18
C GLU A 27 -11.39 1.44 1.59
N PRO A 28 -12.13 0.31 1.76
CA PRO A 28 -11.50 -0.94 2.15
C PRO A 28 -10.76 -1.57 0.97
N TRP A 29 -9.58 -2.10 1.27
CA TRP A 29 -8.77 -2.74 0.23
C TRP A 29 -8.15 -1.63 -0.62
N THR A 30 -7.60 -0.64 0.06
CA THR A 30 -6.98 0.48 -0.64
C THR A 30 -5.48 0.51 -0.35
N PHE A 31 -4.69 0.33 -1.41
CA PHE A 31 -3.26 0.33 -1.28
C PHE A 31 -2.66 1.62 -1.86
N LEU A 32 -1.38 1.83 -1.56
CA LEU A 32 -0.69 3.01 -2.04
C LEU A 32 0.82 2.83 -1.82
N VAL A 33 1.58 3.26 -2.82
CA VAL A 33 3.02 3.16 -2.75
C VAL A 33 3.61 4.50 -2.33
N ARG A 34 4.56 4.44 -1.40
CA ARG A 34 5.20 5.64 -0.90
C ARG A 34 6.66 5.35 -0.55
N GLU A 35 7.41 6.43 -0.36
CA GLU A 35 8.82 6.30 -0.02
C GLU A 35 9.00 6.31 1.49
N SER A 36 9.85 5.41 1.96
CA SER A 36 10.13 5.29 3.39
C SER A 36 11.08 6.41 3.82
N LEU A 37 10.62 7.17 4.80
CA LEU A 37 11.42 8.27 5.33
C LEU A 37 12.54 7.71 6.20
N SER A 38 12.17 6.76 7.05
CA SER A 38 13.13 6.14 7.95
C SER A 38 14.16 5.36 7.13
N GLN A 39 13.72 4.84 5.99
CA GLN A 39 14.60 4.08 5.13
C GLN A 39 14.61 4.69 3.73
N PRO A 40 15.65 5.54 3.48
CA PRO A 40 15.80 6.20 2.19
C PRO A 40 16.31 5.21 1.13
N GLY A 41 15.45 4.94 0.17
CA GLY A 41 15.80 4.02 -0.91
C GLY A 41 14.80 2.87 -0.99
N ASP A 42 14.07 2.68 0.10
CA ASP A 42 13.07 1.62 0.16
C ASP A 42 11.69 2.21 -0.08
N PHE A 43 10.68 1.35 0.03
CA PHE A 43 9.31 1.79 -0.17
C PHE A 43 8.36 1.00 0.74
N VAL A 44 7.23 1.63 1.04
CA VAL A 44 6.23 1.00 1.89
C VAL A 44 4.91 0.90 1.13
N LEU A 45 4.17 -0.16 1.43
CA LEU A 45 2.89 -0.38 0.78
C LEU A 45 1.79 -0.48 1.84
N SER A 46 1.09 0.64 2.02
CA SER A 46 0.01 0.69 3.00
C SER A 46 -1.31 0.31 2.34
N VAL A 47 -1.89 -0.78 2.82
CA VAL A 47 -3.15 -1.25 2.29
C VAL A 47 -4.22 -1.19 3.39
N LEU A 48 -5.33 -0.56 3.05
CA LEU A 48 -6.43 -0.42 3.99
C LEU A 48 -7.22 -1.73 4.04
N SER A 49 -7.27 -2.31 5.24
CA SER A 49 -7.98 -3.56 5.42
C SER A 49 -9.45 -3.28 5.74
N ASP A 50 -10.27 -4.31 5.57
CA ASP A 50 -11.69 -4.18 5.83
C ASP A 50 -11.98 -4.61 7.27
N GLN A 51 -10.94 -4.60 8.08
CA GLN A 51 -11.06 -4.97 9.48
C GLN A 51 -10.92 -3.74 10.38
N PRO A 52 -12.07 -3.36 11.01
CA PRO A 52 -12.09 -2.20 11.89
C PRO A 52 -11.42 -2.53 13.23
N LYS A 53 -11.33 -1.51 14.07
CA LYS A 53 -10.71 -1.67 15.38
C LYS A 53 -11.80 -1.88 16.42
N ALA A 54 -12.85 -1.07 16.32
CA ALA A 54 -13.96 -1.15 17.24
C ALA A 54 -15.20 -1.65 16.50
N GLY A 55 -15.23 -1.38 15.20
CA GLY A 55 -16.34 -1.80 14.37
C GLY A 55 -16.96 -0.60 13.64
N PRO A 56 -18.28 -0.40 13.88
CA PRO A 56 -19.00 0.70 13.25
C PRO A 56 -18.63 2.04 13.91
N GLY A 57 -18.04 2.91 13.10
CA GLY A 57 -17.64 4.22 13.59
C GLY A 57 -16.16 4.23 13.98
N SER A 58 -15.50 3.12 13.69
CA SER A 58 -14.08 2.98 14.01
C SER A 58 -13.26 2.95 12.72
N PRO A 59 -11.98 3.38 12.85
CA PRO A 59 -11.09 3.39 11.70
C PRO A 59 -10.60 1.99 11.36
N LEU A 60 -10.49 1.72 10.07
CA LEU A 60 -10.05 0.43 9.60
C LEU A 60 -8.52 0.34 9.70
N ARG A 61 -8.06 -0.68 10.39
CA ARG A 61 -6.63 -0.88 10.57
C ARG A 61 -5.89 -0.67 9.25
N VAL A 62 -4.58 -0.54 9.35
CA VAL A 62 -3.75 -0.33 8.17
C VAL A 62 -2.64 -1.37 8.15
N THR A 63 -2.30 -1.81 6.95
CA THR A 63 -1.25 -2.80 6.79
C THR A 63 -0.12 -2.23 5.91
N HIS A 64 1.05 -2.12 6.51
CA HIS A 64 2.21 -1.61 5.80
C HIS A 64 3.04 -2.77 5.27
N ILE A 65 3.06 -2.90 3.95
CA ILE A 65 3.83 -3.96 3.31
C ILE A 65 5.13 -3.38 2.77
N LYS A 66 6.17 -3.49 3.61
CA LYS A 66 7.48 -2.99 3.22
C LYS A 66 7.90 -3.61 1.90
N VAL A 67 8.69 -2.86 1.15
CA VAL A 67 9.16 -3.33 -0.15
C VAL A 67 10.68 -3.19 -0.21
N MET A 68 11.36 -4.33 -0.12
CA MET A 68 12.81 -4.34 -0.16
C MET A 68 13.32 -4.32 -1.61
N CYS A 69 14.14 -3.33 -1.89
CA CYS A 69 14.70 -3.19 -3.23
C CYS A 69 16.17 -3.59 -3.18
N GLU A 70 16.41 -4.86 -3.48
CA GLU A 70 17.77 -5.39 -3.48
C GLU A 70 18.09 -6.03 -4.83
N GLY A 71 19.27 -5.71 -5.33
CA GLY A 71 19.72 -6.27 -6.60
C GLY A 71 18.73 -5.90 -7.72
N GLY A 72 18.23 -4.68 -7.64
CA GLY A 72 17.29 -4.20 -8.64
C GLY A 72 16.04 -5.07 -8.67
N ARG A 73 15.66 -5.55 -7.50
CA ARG A 73 14.48 -6.40 -7.39
C ARG A 73 13.65 -5.99 -6.16
N TYR A 74 12.34 -6.00 -6.34
CA TYR A 74 11.44 -5.63 -5.26
C TYR A 74 10.80 -6.88 -4.64
N THR A 75 10.69 -6.85 -3.32
CA THR A 75 10.10 -7.95 -2.59
C THR A 75 9.54 -7.49 -1.26
N VAL A 76 8.50 -8.17 -0.81
CA VAL A 76 7.87 -7.84 0.46
C VAL A 76 8.45 -8.70 1.57
N GLY A 77 9.48 -9.46 1.21
CA GLY A 77 10.13 -10.35 2.16
C GLY A 77 9.92 -11.81 1.79
N GLY A 78 9.74 -12.04 0.49
CA GLY A 78 9.52 -13.39 -0.01
C GLY A 78 10.52 -13.72 -1.12
N LEU A 79 10.51 -14.99 -1.52
CA LEU A 79 11.40 -15.45 -2.56
C LEU A 79 11.10 -14.69 -3.86
N GLU A 80 9.81 -14.54 -4.14
CA GLU A 80 9.39 -13.84 -5.33
C GLU A 80 9.94 -12.42 -5.34
N THR A 81 10.11 -11.89 -6.55
CA THR A 81 10.64 -10.55 -6.72
C THR A 81 10.00 -9.88 -7.93
N PHE A 82 10.44 -8.65 -8.18
CA PHE A 82 9.93 -7.89 -9.31
C PHE A 82 10.92 -6.81 -9.74
N ASP A 83 10.75 -6.35 -10.97
CA ASP A 83 11.63 -5.33 -11.52
C ASP A 83 11.01 -3.95 -11.25
N SER A 84 9.70 -3.89 -11.36
CA SER A 84 8.98 -2.64 -11.14
C SER A 84 7.89 -2.85 -10.08
N LEU A 85 7.59 -1.77 -9.38
CA LEU A 85 6.57 -1.82 -8.34
C LEU A 85 5.24 -2.25 -8.96
N THR A 86 5.06 -1.89 -10.21
CA THR A 86 3.84 -2.24 -10.93
C THR A 86 3.69 -3.76 -11.00
N ASP A 87 4.75 -4.41 -11.43
CA ASP A 87 4.74 -5.85 -11.56
C ASP A 87 4.57 -6.49 -10.17
N LEU A 88 4.75 -5.66 -9.15
CA LEU A 88 4.61 -6.11 -7.79
C LEU A 88 3.17 -5.90 -7.32
N VAL A 89 2.73 -4.65 -7.38
CA VAL A 89 1.38 -4.31 -6.97
C VAL A 89 0.38 -5.08 -7.83
N GLU A 90 0.68 -5.14 -9.12
CA GLU A 90 -0.19 -5.85 -10.05
C GLU A 90 -0.14 -7.35 -9.79
N HIS A 91 0.89 -7.76 -9.06
CA HIS A 91 1.07 -9.16 -8.72
C HIS A 91 0.24 -9.50 -7.48
N PHE A 92 0.37 -8.65 -6.48
CA PHE A 92 -0.36 -8.84 -5.24
C PHE A 92 -1.78 -8.27 -5.33
N LYS A 93 -2.02 -7.56 -6.42
CA LYS A 93 -3.33 -6.96 -6.65
C LYS A 93 -4.37 -8.07 -6.80
N LYS A 94 -3.88 -9.28 -6.96
CA LYS A 94 -4.75 -10.43 -7.13
C LYS A 94 -4.52 -11.42 -5.98
N THR A 95 -3.31 -11.94 -5.93
CA THR A 95 -2.95 -12.89 -4.89
C THR A 95 -3.26 -12.32 -3.51
N GLY A 96 -3.06 -11.01 -3.39
CA GLY A 96 -3.32 -10.33 -2.12
C GLY A 96 -2.14 -10.48 -1.17
N ILE A 97 -2.34 -10.01 0.05
CA ILE A 97 -1.30 -10.09 1.07
C ILE A 97 -1.87 -10.77 2.31
N GLU A 98 -1.02 -11.53 2.98
CA GLU A 98 -1.42 -12.24 4.18
C GLU A 98 -0.89 -11.52 5.42
N GLU A 99 -1.82 -11.14 6.29
CA GLU A 99 -1.46 -10.43 7.50
C GLU A 99 -0.88 -11.42 8.52
N ALA A 100 -0.56 -10.89 9.70
CA ALA A 100 0.01 -11.70 10.76
C ALA A 100 -1.12 -12.24 11.64
N SER A 101 -2.26 -11.58 11.55
CA SER A 101 -3.41 -11.98 12.33
C SER A 101 -4.07 -13.21 11.70
N GLY A 102 -3.55 -13.60 10.54
CA GLY A 102 -4.06 -14.75 9.83
C GLY A 102 -5.08 -14.33 8.77
N ALA A 103 -5.37 -13.04 8.76
CA ALA A 103 -6.32 -12.49 7.81
C ALA A 103 -5.57 -12.08 6.53
N PHE A 104 -6.30 -12.12 5.42
CA PHE A 104 -5.72 -11.75 4.14
C PHE A 104 -6.19 -10.35 3.71
N VAL A 105 -5.38 -9.73 2.87
CA VAL A 105 -5.70 -8.40 2.36
C VAL A 105 -5.53 -8.38 0.85
N TYR A 106 -6.33 -7.55 0.21
CA TYR A 106 -6.27 -7.41 -1.24
C TYR A 106 -6.29 -5.94 -1.66
N LEU A 107 -5.64 -5.67 -2.78
CA LEU A 107 -5.56 -4.32 -3.30
C LEU A 107 -6.63 -4.13 -4.39
N ARG A 108 -7.78 -3.64 -3.96
CA ARG A 108 -8.88 -3.40 -4.88
C ARG A 108 -8.62 -2.16 -5.72
N GLN A 109 -8.27 -1.08 -5.03
CA GLN A 109 -7.99 0.18 -5.71
C GLN A 109 -6.95 0.98 -4.93
N PRO A 110 -6.11 1.73 -5.70
CA PRO A 110 -5.07 2.54 -5.08
C PRO A 110 -5.66 3.80 -4.44
N TYR A 111 -4.79 4.53 -3.76
CA TYR A 111 -5.21 5.76 -3.09
C TYR A 111 -4.70 6.99 -3.85
N TYR A 112 -5.52 8.04 -3.83
CA TYR A 112 -5.16 9.27 -4.49
C TYR A 112 -5.25 10.46 -3.54
N SER A 113 -4.40 11.44 -3.78
CA SER A 113 -4.37 12.63 -2.96
C SER A 113 -4.87 13.84 -3.75
N GLY A 114 -5.37 14.83 -3.03
CA GLY A 114 -5.87 16.04 -3.65
C GLY A 114 -5.52 17.27 -2.83
N PRO A 115 -4.29 17.81 -3.08
CA PRO A 115 -3.82 18.98 -2.37
C PRO A 115 -4.50 20.24 -2.89
N SER A 116 -4.82 21.13 -1.96
CA SER A 116 -5.47 22.38 -2.31
C SER A 116 -4.46 23.53 -2.28
N SER A 117 -3.95 23.79 -1.09
CA SER A 117 -2.97 24.85 -0.92
C SER A 117 -1.55 24.29 -1.07
N GLY A 118 -0.63 25.20 -1.37
CA GLY A 118 0.76 24.81 -1.55
C GLY A 118 1.65 25.47 -0.50
N GLY A 1 -11.70 2.33 -24.55
CA GLY A 1 -12.11 1.89 -23.22
C GLY A 1 -10.96 1.98 -22.23
N SER A 2 -11.31 2.21 -20.97
CA SER A 2 -10.32 2.32 -19.92
C SER A 2 -9.83 0.92 -19.52
N SER A 3 -8.90 0.41 -20.32
CA SER A 3 -8.33 -0.90 -20.06
C SER A 3 -7.67 -0.93 -18.68
N GLY A 4 -6.68 -0.07 -18.52
CA GLY A 4 -5.96 0.03 -17.26
C GLY A 4 -5.08 1.28 -17.22
N SER A 5 -4.73 1.68 -16.00
CA SER A 5 -3.90 2.85 -15.81
C SER A 5 -3.39 2.91 -14.37
N SER A 6 -2.08 2.82 -14.23
CA SER A 6 -1.46 2.87 -12.92
C SER A 6 -1.79 4.19 -12.22
N GLY A 7 -1.58 4.21 -10.91
CA GLY A 7 -1.85 5.40 -10.13
C GLY A 7 -2.01 5.06 -8.64
N TRP A 8 -0.93 5.30 -7.90
CA TRP A 8 -0.94 5.02 -6.48
C TRP A 8 0.30 5.67 -5.87
N TYR A 9 1.42 5.52 -6.56
CA TYR A 9 2.68 6.09 -6.10
C TYR A 9 2.52 7.57 -5.76
N HIS A 10 2.42 7.85 -4.47
CA HIS A 10 2.26 9.21 -4.00
C HIS A 10 3.61 9.92 -4.04
N GLY A 11 4.67 9.13 -3.92
CA GLY A 11 6.02 9.66 -3.93
C GLY A 11 6.62 9.67 -2.52
N HIS A 12 6.88 10.88 -2.03
CA HIS A 12 7.46 11.03 -0.70
C HIS A 12 6.34 11.26 0.32
N MET A 13 5.74 10.17 0.74
CA MET A 13 4.66 10.23 1.71
C MET A 13 5.09 9.63 3.06
N SER A 14 4.58 10.23 4.13
CA SER A 14 4.91 9.77 5.46
C SER A 14 4.00 8.60 5.84
N GLY A 15 4.63 7.53 6.31
CA GLY A 15 3.90 6.34 6.71
C GLY A 15 2.67 6.71 7.55
N GLY A 16 2.93 7.30 8.70
CA GLY A 16 1.85 7.71 9.60
C GLY A 16 0.73 8.39 8.81
N GLN A 17 1.13 9.18 7.83
CA GLN A 17 0.17 9.90 7.02
C GLN A 17 -0.76 8.91 6.30
N ALA A 18 -0.17 8.10 5.45
CA ALA A 18 -0.93 7.11 4.71
C ALA A 18 -2.03 6.53 5.61
N GLU A 19 -1.60 6.02 6.75
CA GLU A 19 -2.53 5.44 7.70
C GLU A 19 -3.76 6.34 7.85
N THR A 20 -3.49 7.62 8.07
CA THR A 20 -4.57 8.58 8.23
C THR A 20 -5.28 8.82 6.90
N LEU A 21 -4.49 8.97 5.85
CA LEU A 21 -5.03 9.20 4.52
C LEU A 21 -5.99 8.06 4.17
N LEU A 22 -5.48 6.85 4.31
CA LEU A 22 -6.29 5.67 4.00
C LEU A 22 -7.53 5.66 4.88
N GLN A 23 -7.31 5.95 6.16
CA GLN A 23 -8.41 5.97 7.11
C GLN A 23 -9.42 7.06 6.73
N ALA A 24 -8.89 8.23 6.42
CA ALA A 24 -9.73 9.35 6.04
C ALA A 24 -10.72 8.91 4.97
N LYS A 25 -10.23 8.07 4.07
CA LYS A 25 -11.08 7.55 3.00
C LYS A 25 -11.98 6.45 3.55
N GLY A 26 -11.34 5.48 4.19
CA GLY A 26 -12.09 4.36 4.76
C GLY A 26 -12.19 3.21 3.76
N GLU A 27 -12.09 3.56 2.49
CA GLU A 27 -12.18 2.56 1.43
C GLU A 27 -11.41 1.30 1.82
N PRO A 28 -12.18 0.19 1.96
CA PRO A 28 -11.59 -1.09 2.34
C PRO A 28 -10.84 -1.71 1.15
N TRP A 29 -9.62 -2.13 1.42
CA TRP A 29 -8.80 -2.74 0.39
C TRP A 29 -8.22 -1.63 -0.48
N THR A 30 -7.57 -0.69 0.18
CA THR A 30 -6.96 0.43 -0.52
C THR A 30 -5.46 0.50 -0.23
N PHE A 31 -4.68 0.34 -1.29
CA PHE A 31 -3.23 0.37 -1.17
C PHE A 31 -2.67 1.66 -1.76
N LEU A 32 -1.39 1.88 -1.49
CA LEU A 32 -0.72 3.07 -1.99
C LEU A 32 0.79 2.92 -1.81
N VAL A 33 1.53 3.29 -2.84
CA VAL A 33 2.97 3.19 -2.81
C VAL A 33 3.56 4.56 -2.42
N ARG A 34 4.49 4.52 -1.47
CA ARG A 34 5.14 5.73 -1.01
C ARG A 34 6.59 5.45 -0.64
N GLU A 35 7.44 6.43 -0.92
CA GLU A 35 8.86 6.30 -0.62
C GLU A 35 9.08 6.35 0.89
N SER A 36 9.98 5.48 1.35
CA SER A 36 10.30 5.42 2.77
C SER A 36 11.22 6.58 3.14
N LEU A 37 10.68 7.49 3.94
CA LEU A 37 11.43 8.65 4.38
C LEU A 37 12.57 8.19 5.30
N SER A 38 12.20 7.40 6.28
CA SER A 38 13.17 6.88 7.24
C SER A 38 14.18 5.97 6.52
N GLN A 39 13.70 5.34 5.46
CA GLN A 39 14.54 4.44 4.68
C GLN A 39 14.60 4.91 3.22
N PRO A 40 15.64 5.73 2.92
CA PRO A 40 15.82 6.24 1.58
C PRO A 40 16.36 5.16 0.64
N GLY A 41 15.51 4.75 -0.30
CA GLY A 41 15.89 3.73 -1.25
C GLY A 41 14.88 2.58 -1.25
N ASP A 42 14.02 2.58 -0.24
CA ASP A 42 13.01 1.55 -0.11
C ASP A 42 11.62 2.18 -0.28
N PHE A 43 10.61 1.34 -0.15
CA PHE A 43 9.24 1.80 -0.28
C PHE A 43 8.31 1.06 0.70
N VAL A 44 7.20 1.71 1.02
CA VAL A 44 6.24 1.14 1.94
C VAL A 44 4.89 0.99 1.23
N LEU A 45 4.19 -0.09 1.57
CA LEU A 45 2.90 -0.36 0.97
C LEU A 45 1.84 -0.41 2.07
N SER A 46 1.02 0.64 2.13
CA SER A 46 -0.03 0.72 3.12
C SER A 46 -1.37 0.36 2.49
N VAL A 47 -1.88 -0.80 2.88
CA VAL A 47 -3.15 -1.28 2.37
C VAL A 47 -4.21 -1.20 3.47
N LEU A 48 -5.37 -0.69 3.10
CA LEU A 48 -6.46 -0.55 4.04
C LEU A 48 -7.24 -1.87 4.12
N SER A 49 -7.38 -2.36 5.33
CA SER A 49 -8.09 -3.61 5.56
C SER A 49 -9.55 -3.32 5.90
N ASP A 50 -10.38 -4.34 5.69
CA ASP A 50 -11.81 -4.21 5.97
C ASP A 50 -12.07 -4.61 7.42
N GLN A 51 -11.00 -4.66 8.19
CA GLN A 51 -11.11 -5.03 9.60
C GLN A 51 -10.93 -3.79 10.49
N PRO A 52 -12.07 -3.38 11.11
CA PRO A 52 -12.06 -2.22 11.99
C PRO A 52 -11.41 -2.55 13.34
N LYS A 53 -11.26 -1.53 14.15
CA LYS A 53 -10.65 -1.70 15.46
C LYS A 53 -11.75 -1.93 16.51
N ALA A 54 -12.80 -1.12 16.40
CA ALA A 54 -13.91 -1.23 17.32
C ALA A 54 -15.17 -1.65 16.55
N GLY A 55 -15.18 -1.31 15.27
CA GLY A 55 -16.31 -1.63 14.42
C GLY A 55 -16.83 -0.40 13.69
N PRO A 56 -18.16 -0.18 13.82
CA PRO A 56 -18.80 0.97 13.19
C PRO A 56 -18.48 2.26 13.94
N GLY A 57 -17.71 3.11 13.26
CA GLY A 57 -17.33 4.38 13.85
C GLY A 57 -15.83 4.40 14.21
N SER A 58 -15.18 3.29 13.90
CA SER A 58 -13.76 3.15 14.19
C SER A 58 -12.97 3.08 12.87
N PRO A 59 -11.68 3.51 12.95
CA PRO A 59 -10.81 3.49 11.78
C PRO A 59 -10.37 2.06 11.45
N LEU A 60 -10.33 1.78 10.16
CA LEU A 60 -9.92 0.46 9.70
C LEU A 60 -8.40 0.34 9.79
N ARG A 61 -7.95 -0.70 10.48
CA ARG A 61 -6.53 -0.94 10.65
C ARG A 61 -5.80 -0.77 9.32
N VAL A 62 -4.50 -0.57 9.42
CA VAL A 62 -3.67 -0.40 8.23
C VAL A 62 -2.53 -1.41 8.25
N THR A 63 -2.13 -1.82 7.06
CA THR A 63 -1.05 -2.78 6.92
C THR A 63 0.06 -2.23 6.03
N HIS A 64 1.24 -2.11 6.62
CA HIS A 64 2.39 -1.59 5.89
C HIS A 64 3.28 -2.75 5.43
N ILE A 65 3.33 -2.93 4.12
CA ILE A 65 4.13 -4.00 3.54
C ILE A 65 5.45 -3.42 3.04
N LYS A 66 6.45 -3.47 3.91
CA LYS A 66 7.76 -2.96 3.57
C LYS A 66 8.29 -3.70 2.34
N VAL A 67 8.56 -2.93 1.29
CA VAL A 67 9.07 -3.51 0.05
C VAL A 67 10.60 -3.57 0.12
N MET A 68 11.11 -4.77 -0.10
CA MET A 68 12.56 -4.98 -0.07
C MET A 68 13.16 -4.85 -1.47
N CYS A 69 13.96 -3.81 -1.64
CA CYS A 69 14.60 -3.56 -2.93
C CYS A 69 16.06 -4.01 -2.82
N GLU A 70 16.30 -5.25 -3.23
CA GLU A 70 17.63 -5.81 -3.19
C GLU A 70 18.00 -6.40 -4.55
N GLY A 71 19.17 -6.03 -5.04
CA GLY A 71 19.65 -6.51 -6.32
C GLY A 71 18.73 -6.05 -7.45
N GLY A 72 18.16 -4.87 -7.26
CA GLY A 72 17.27 -4.30 -8.26
C GLY A 72 15.97 -5.12 -8.36
N ARG A 73 15.66 -5.81 -7.27
CA ARG A 73 14.46 -6.62 -7.22
C ARG A 73 13.61 -6.23 -6.00
N TYR A 74 12.31 -6.16 -6.24
CA TYR A 74 11.38 -5.81 -5.18
C TYR A 74 10.67 -7.05 -4.63
N THR A 75 10.55 -7.09 -3.31
CA THR A 75 9.90 -8.22 -2.65
C THR A 75 9.38 -7.79 -1.28
N VAL A 76 8.26 -8.40 -0.89
CA VAL A 76 7.65 -8.11 0.38
C VAL A 76 8.17 -9.07 1.44
N GLY A 77 9.15 -9.88 1.04
CA GLY A 77 9.74 -10.85 1.93
C GLY A 77 9.47 -12.28 1.44
N GLY A 78 9.06 -12.36 0.18
CA GLY A 78 8.78 -13.65 -0.42
C GLY A 78 9.81 -14.01 -1.48
N LEU A 79 9.68 -15.21 -2.02
CA LEU A 79 10.60 -15.67 -3.05
C LEU A 79 10.38 -14.88 -4.32
N GLU A 80 9.12 -14.59 -4.60
CA GLU A 80 8.77 -13.83 -5.79
C GLU A 80 9.34 -12.41 -5.70
N THR A 81 9.75 -11.91 -6.86
CA THR A 81 10.32 -10.57 -6.93
C THR A 81 9.75 -9.82 -8.14
N PHE A 82 10.24 -8.61 -8.32
CA PHE A 82 9.81 -7.78 -9.44
C PHE A 82 10.86 -6.73 -9.81
N ASP A 83 10.70 -6.17 -10.99
CA ASP A 83 11.64 -5.17 -11.47
C ASP A 83 11.07 -3.77 -11.18
N SER A 84 9.77 -3.65 -11.33
CA SER A 84 9.09 -2.38 -11.08
C SER A 84 7.97 -2.57 -10.07
N LEU A 85 7.76 -1.54 -9.26
CA LEU A 85 6.73 -1.57 -8.25
C LEU A 85 5.39 -1.90 -8.90
N THR A 86 5.27 -1.55 -10.17
CA THR A 86 4.05 -1.80 -10.91
C THR A 86 3.82 -3.31 -11.05
N ASP A 87 4.86 -4.01 -11.47
CA ASP A 87 4.78 -5.45 -11.64
C ASP A 87 4.63 -6.11 -10.28
N LEU A 88 4.93 -5.34 -9.24
CA LEU A 88 4.84 -5.84 -7.88
C LEU A 88 3.40 -5.67 -7.38
N VAL A 89 2.91 -4.45 -7.51
CA VAL A 89 1.55 -4.15 -7.07
C VAL A 89 0.56 -4.89 -7.96
N GLU A 90 0.88 -4.93 -9.25
CA GLU A 90 0.03 -5.61 -10.21
C GLU A 90 0.02 -7.12 -9.96
N HIS A 91 0.94 -7.54 -9.10
CA HIS A 91 1.05 -8.95 -8.76
C HIS A 91 0.14 -9.27 -7.58
N PHE A 92 0.36 -8.56 -6.48
CA PHE A 92 -0.43 -8.75 -5.28
C PHE A 92 -1.83 -8.14 -5.44
N LYS A 93 -2.00 -7.42 -6.54
CA LYS A 93 -3.27 -6.77 -6.82
C LYS A 93 -4.36 -7.84 -6.98
N LYS A 94 -3.90 -9.07 -7.14
CA LYS A 94 -4.82 -10.19 -7.32
C LYS A 94 -4.61 -11.20 -6.17
N THR A 95 -3.41 -11.77 -6.16
CA THR A 95 -3.07 -12.75 -5.13
C THR A 95 -3.36 -12.18 -3.74
N GLY A 96 -3.01 -10.92 -3.56
CA GLY A 96 -3.23 -10.25 -2.29
C GLY A 96 -2.06 -10.50 -1.33
N ILE A 97 -2.21 -10.00 -0.11
CA ILE A 97 -1.19 -10.16 0.90
C ILE A 97 -1.78 -10.88 2.12
N GLU A 98 -0.91 -11.53 2.86
CA GLU A 98 -1.34 -12.25 4.05
C GLU A 98 -0.76 -11.60 5.31
N GLU A 99 -1.64 -11.40 6.28
CA GLU A 99 -1.23 -10.78 7.54
C GLU A 99 -0.61 -11.82 8.46
N ALA A 100 -0.17 -11.35 9.62
CA ALA A 100 0.46 -12.22 10.60
C ALA A 100 -0.61 -12.81 11.51
N SER A 101 -1.79 -12.19 11.46
CA SER A 101 -2.90 -12.64 12.27
C SER A 101 -3.60 -13.83 11.61
N GLY A 102 -3.26 -14.04 10.35
CA GLY A 102 -3.84 -15.13 9.58
C GLY A 102 -4.79 -14.61 8.50
N ALA A 103 -5.25 -13.39 8.71
CA ALA A 103 -6.16 -12.76 7.77
C ALA A 103 -5.37 -12.31 6.53
N PHE A 104 -6.09 -12.25 5.42
CA PHE A 104 -5.48 -11.83 4.17
C PHE A 104 -6.01 -10.46 3.72
N VAL A 105 -5.19 -9.78 2.94
CA VAL A 105 -5.55 -8.46 2.44
C VAL A 105 -5.42 -8.44 0.92
N TYR A 106 -6.25 -7.60 0.30
CA TYR A 106 -6.24 -7.48 -1.15
C TYR A 106 -6.30 -6.01 -1.57
N LEU A 107 -5.67 -5.74 -2.71
CA LEU A 107 -5.65 -4.38 -3.23
C LEU A 107 -6.71 -4.24 -4.34
N ARG A 108 -7.93 -3.94 -3.91
CA ARG A 108 -9.03 -3.78 -4.84
C ARG A 108 -8.84 -2.51 -5.67
N GLN A 109 -8.46 -1.44 -4.98
CA GLN A 109 -8.25 -0.16 -5.63
C GLN A 109 -7.20 0.66 -4.88
N PRO A 110 -6.42 1.45 -5.66
CA PRO A 110 -5.39 2.28 -5.08
C PRO A 110 -5.98 3.50 -4.38
N TYR A 111 -5.09 4.37 -3.90
CA TYR A 111 -5.53 5.57 -3.21
C TYR A 111 -4.98 6.82 -3.91
N TYR A 112 -5.82 7.84 -3.98
CA TYR A 112 -5.44 9.09 -4.61
C TYR A 112 -5.54 10.25 -3.62
N SER A 113 -4.74 11.28 -3.89
CA SER A 113 -4.74 12.46 -3.03
C SER A 113 -5.14 13.69 -3.85
N GLY A 114 -5.97 14.52 -3.24
CA GLY A 114 -6.43 15.74 -3.88
C GLY A 114 -7.04 16.71 -2.87
N PRO A 115 -7.04 18.01 -3.25
CA PRO A 115 -7.58 19.05 -2.39
C PRO A 115 -9.11 19.00 -2.38
N SER A 116 -9.69 19.18 -3.57
CA SER A 116 -11.12 19.17 -3.71
C SER A 116 -11.55 18.06 -4.68
N SER A 117 -10.99 18.13 -5.88
CA SER A 117 -11.29 17.14 -6.90
C SER A 117 -12.75 17.28 -7.35
N GLY A 118 -12.92 17.70 -8.59
CA GLY A 118 -14.24 17.88 -9.16
C GLY A 118 -14.22 18.90 -10.30
N GLY A 1 -3.67 10.23 -24.54
CA GLY A 1 -2.60 10.24 -23.56
C GLY A 1 -2.51 8.88 -22.84
N SER A 2 -2.17 8.95 -21.57
CA SER A 2 -2.04 7.75 -20.77
C SER A 2 -0.86 6.90 -21.26
N SER A 3 0.27 7.09 -20.61
CA SER A 3 1.47 6.35 -20.98
C SER A 3 2.28 6.02 -19.73
N GLY A 4 2.00 4.84 -19.18
CA GLY A 4 2.69 4.39 -17.99
C GLY A 4 2.13 3.06 -17.49
N SER A 5 1.29 3.15 -16.47
CA SER A 5 0.68 1.96 -15.90
C SER A 5 -0.32 2.35 -14.82
N SER A 6 0.18 3.07 -13.83
CA SER A 6 -0.65 3.52 -12.73
C SER A 6 -0.04 4.76 -12.07
N GLY A 7 -0.67 5.17 -10.98
CA GLY A 7 -0.20 6.35 -10.25
C GLY A 7 -0.66 6.31 -8.80
N TRP A 8 -0.11 5.36 -8.06
CA TRP A 8 -0.46 5.21 -6.65
C TRP A 8 0.71 5.74 -5.82
N TYR A 9 1.83 5.95 -6.49
CA TYR A 9 3.02 6.46 -5.82
C TYR A 9 2.81 7.88 -5.32
N HIS A 10 2.53 7.98 -4.03
CA HIS A 10 2.30 9.29 -3.41
C HIS A 10 3.63 10.04 -3.29
N GLY A 11 4.70 9.27 -3.17
CA GLY A 11 6.03 9.84 -3.04
C GLY A 11 6.56 9.69 -1.62
N HIS A 12 7.11 10.79 -1.11
CA HIS A 12 7.65 10.79 0.23
C HIS A 12 6.52 10.98 1.25
N MET A 13 5.89 9.87 1.59
CA MET A 13 4.79 9.90 2.55
C MET A 13 5.20 9.27 3.88
N SER A 14 4.77 9.91 4.96
CA SER A 14 5.09 9.43 6.29
C SER A 14 4.12 8.31 6.68
N GLY A 15 4.69 7.21 7.14
CA GLY A 15 3.90 6.06 7.55
C GLY A 15 2.64 6.51 8.30
N GLY A 16 2.86 7.14 9.44
CA GLY A 16 1.75 7.62 10.26
C GLY A 16 0.71 8.33 9.39
N GLN A 17 1.19 9.02 8.37
CA GLN A 17 0.31 9.74 7.47
C GLN A 17 -0.57 8.76 6.69
N ALA A 18 0.09 7.92 5.90
CA ALA A 18 -0.64 6.94 5.10
C ALA A 18 -1.81 6.38 5.92
N GLU A 19 -1.49 5.98 7.15
CA GLU A 19 -2.50 5.44 8.03
C GLU A 19 -3.72 6.36 8.08
N THR A 20 -3.46 7.62 8.39
CA THR A 20 -4.51 8.61 8.47
C THR A 20 -5.13 8.85 7.09
N LEU A 21 -4.27 8.88 6.09
CA LEU A 21 -4.72 9.10 4.73
C LEU A 21 -5.68 7.98 4.32
N LEU A 22 -5.15 6.76 4.30
CA LEU A 22 -5.95 5.60 3.94
C LEU A 22 -7.25 5.61 4.74
N GLN A 23 -7.13 6.00 5.99
CA GLN A 23 -8.29 6.06 6.87
C GLN A 23 -9.23 7.19 6.43
N ALA A 24 -8.64 8.34 6.13
CA ALA A 24 -9.41 9.49 5.70
C ALA A 24 -10.38 9.06 4.60
N LYS A 25 -9.91 8.17 3.74
CA LYS A 25 -10.73 7.67 2.65
C LYS A 25 -11.72 6.63 3.19
N GLY A 26 -11.17 5.61 3.83
CA GLY A 26 -11.99 4.56 4.39
C GLY A 26 -12.13 3.40 3.41
N GLU A 27 -11.84 3.69 2.15
CA GLU A 27 -11.93 2.68 1.11
C GLU A 27 -11.22 1.39 1.55
N PRO A 28 -12.03 0.30 1.68
CA PRO A 28 -11.49 -0.98 2.08
C PRO A 28 -10.71 -1.64 0.94
N TRP A 29 -9.56 -2.19 1.29
CA TRP A 29 -8.72 -2.85 0.31
C TRP A 29 -8.10 -1.78 -0.58
N THR A 30 -7.62 -0.72 0.07
CA THR A 30 -7.00 0.38 -0.65
C THR A 30 -5.50 0.41 -0.37
N PHE A 31 -4.73 0.23 -1.43
CA PHE A 31 -3.28 0.24 -1.33
C PHE A 31 -2.69 1.51 -1.92
N LEU A 32 -1.40 1.73 -1.64
CA LEU A 32 -0.72 2.89 -2.14
C LEU A 32 0.79 2.71 -1.96
N VAL A 33 1.55 3.29 -2.88
CA VAL A 33 3.00 3.19 -2.84
C VAL A 33 3.57 4.52 -2.35
N ARG A 34 4.53 4.41 -1.44
CA ARG A 34 5.17 5.60 -0.89
C ARG A 34 6.65 5.32 -0.60
N GLU A 35 7.39 6.38 -0.37
CA GLU A 35 8.81 6.27 -0.07
C GLU A 35 9.02 6.10 1.44
N SER A 36 10.04 5.33 1.77
CA SER A 36 10.36 5.08 3.17
C SER A 36 11.27 6.18 3.70
N LEU A 37 10.85 6.77 4.81
CA LEU A 37 11.62 7.85 5.43
C LEU A 37 12.74 7.24 6.28
N SER A 38 12.36 6.25 7.08
CA SER A 38 13.32 5.58 7.95
C SER A 38 14.34 4.82 7.11
N GLN A 39 13.99 4.60 5.85
CA GLN A 39 14.85 3.89 4.93
C GLN A 39 14.86 4.57 3.57
N PRO A 40 15.99 5.27 3.27
CA PRO A 40 16.13 5.96 2.00
C PRO A 40 16.40 4.98 0.86
N GLY A 41 15.39 4.83 0.01
CA GLY A 41 15.50 3.91 -1.12
C GLY A 41 14.38 2.88 -1.10
N ASP A 42 14.05 2.44 0.11
CA ASP A 42 13.00 1.45 0.28
C ASP A 42 11.63 2.12 0.10
N PHE A 43 10.60 1.28 0.01
CA PHE A 43 9.25 1.79 -0.15
C PHE A 43 8.28 1.04 0.76
N VAL A 44 7.16 1.69 1.05
CA VAL A 44 6.14 1.11 1.90
C VAL A 44 4.85 0.95 1.11
N LEU A 45 4.14 -0.12 1.41
CA LEU A 45 2.88 -0.40 0.73
C LEU A 45 1.76 -0.53 1.77
N SER A 46 1.13 0.60 2.05
CA SER A 46 0.04 0.63 3.02
C SER A 46 -1.27 0.25 2.34
N VAL A 47 -1.88 -0.81 2.84
CA VAL A 47 -3.14 -1.29 2.29
C VAL A 47 -4.21 -1.24 3.38
N LEU A 48 -5.33 -0.62 3.04
CA LEU A 48 -6.43 -0.51 3.98
C LEU A 48 -7.23 -1.80 3.99
N SER A 49 -7.38 -2.36 5.18
CA SER A 49 -8.12 -3.61 5.34
C SER A 49 -9.59 -3.31 5.63
N ASP A 50 -10.43 -4.31 5.40
CA ASP A 50 -11.85 -4.17 5.63
C ASP A 50 -12.18 -4.60 7.05
N GLN A 51 -11.15 -4.62 7.89
CA GLN A 51 -11.30 -5.00 9.28
C GLN A 51 -11.14 -3.78 10.19
N PRO A 52 -12.26 -3.39 10.84
CA PRO A 52 -12.25 -2.25 11.74
C PRO A 52 -11.57 -2.61 13.07
N LYS A 53 -11.44 -1.60 13.92
CA LYS A 53 -10.81 -1.80 15.21
C LYS A 53 -11.89 -2.04 16.26
N ALA A 54 -12.93 -1.24 16.20
CA ALA A 54 -14.04 -1.36 17.13
C ALA A 54 -15.30 -1.79 16.37
N GLY A 55 -15.33 -1.44 15.10
CA GLY A 55 -16.47 -1.79 14.26
C GLY A 55 -17.00 -0.54 13.54
N PRO A 56 -18.35 -0.36 13.65
CA PRO A 56 -19.00 0.77 13.01
C PRO A 56 -18.72 2.07 13.78
N GLY A 57 -17.90 2.92 13.17
CA GLY A 57 -17.55 4.19 13.78
C GLY A 57 -16.05 4.25 14.07
N SER A 58 -15.38 3.15 13.81
CA SER A 58 -13.95 3.07 14.03
C SER A 58 -13.20 2.99 12.70
N PRO A 59 -11.92 3.46 12.73
CA PRO A 59 -11.10 3.45 11.52
C PRO A 59 -10.62 2.04 11.20
N LEU A 60 -10.60 1.71 9.92
CA LEU A 60 -10.17 0.41 9.48
C LEU A 60 -8.65 0.31 9.62
N ARG A 61 -8.21 -0.70 10.34
CA ARG A 61 -6.79 -0.93 10.55
C ARG A 61 -6.02 -0.75 9.24
N VAL A 62 -4.72 -0.52 9.38
CA VAL A 62 -3.88 -0.34 8.21
C VAL A 62 -2.76 -1.38 8.23
N THR A 63 -2.25 -1.68 7.05
CA THR A 63 -1.18 -2.66 6.92
C THR A 63 -0.06 -2.11 6.02
N HIS A 64 1.07 -1.83 6.65
CA HIS A 64 2.22 -1.31 5.92
C HIS A 64 3.07 -2.47 5.40
N ILE A 65 3.04 -2.64 4.09
CA ILE A 65 3.81 -3.70 3.46
C ILE A 65 5.10 -3.12 2.88
N LYS A 66 6.19 -3.32 3.61
CA LYS A 66 7.48 -2.83 3.19
C LYS A 66 7.88 -3.51 1.88
N VAL A 67 8.76 -2.85 1.15
CA VAL A 67 9.23 -3.37 -0.12
C VAL A 67 10.76 -3.33 -0.16
N MET A 68 11.36 -4.50 -0.22
CA MET A 68 12.81 -4.60 -0.25
C MET A 68 13.33 -4.49 -1.69
N CYS A 69 14.11 -3.46 -1.92
CA CYS A 69 14.68 -3.22 -3.24
C CYS A 69 16.15 -3.62 -3.20
N GLU A 70 16.40 -4.86 -3.60
CA GLU A 70 17.77 -5.38 -3.62
C GLU A 70 18.09 -5.99 -4.99
N GLY A 71 19.15 -5.50 -5.58
CA GLY A 71 19.57 -5.99 -6.89
C GLY A 71 18.52 -5.68 -7.96
N GLY A 72 18.01 -4.46 -7.91
CA GLY A 72 16.99 -4.03 -8.85
C GLY A 72 15.76 -4.92 -8.79
N ARG A 73 15.63 -5.60 -7.65
CA ARG A 73 14.49 -6.49 -7.43
C ARG A 73 13.68 -6.02 -6.23
N TYR A 74 12.36 -6.05 -6.40
CA TYR A 74 11.46 -5.65 -5.34
C TYR A 74 10.71 -6.85 -4.77
N THR A 75 10.60 -6.85 -3.44
CA THR A 75 9.90 -7.93 -2.76
C THR A 75 9.39 -7.46 -1.40
N VAL A 76 8.33 -8.12 -0.93
CA VAL A 76 7.74 -7.78 0.34
C VAL A 76 8.30 -8.71 1.42
N GLY A 77 9.28 -9.50 1.02
CA GLY A 77 9.90 -10.44 1.94
C GLY A 77 9.65 -11.89 1.51
N GLY A 78 9.57 -12.07 0.20
CA GLY A 78 9.33 -13.39 -0.36
C GLY A 78 10.32 -13.69 -1.49
N LEU A 79 10.21 -14.90 -2.01
CA LEU A 79 11.08 -15.33 -3.10
C LEU A 79 10.75 -14.52 -4.36
N GLU A 80 9.45 -14.41 -4.63
CA GLU A 80 9.00 -13.68 -5.79
C GLU A 80 9.48 -12.24 -5.73
N THR A 81 9.89 -11.73 -6.89
CA THR A 81 10.39 -10.36 -6.97
C THR A 81 9.76 -9.65 -8.18
N PHE A 82 10.23 -8.43 -8.41
CA PHE A 82 9.72 -7.64 -9.51
C PHE A 82 10.72 -6.54 -9.90
N ASP A 83 10.59 -6.07 -11.13
CA ASP A 83 11.46 -5.03 -11.64
C ASP A 83 10.78 -3.67 -11.46
N SER A 84 9.47 -3.68 -11.61
CA SER A 84 8.69 -2.46 -11.47
C SER A 84 7.64 -2.63 -10.37
N LEU A 85 7.51 -1.59 -9.57
CA LEU A 85 6.56 -1.60 -8.46
C LEU A 85 5.20 -2.05 -8.99
N THR A 86 4.96 -1.77 -10.27
CA THR A 86 3.71 -2.13 -10.90
C THR A 86 3.58 -3.66 -10.98
N ASP A 87 4.59 -4.27 -11.58
CA ASP A 87 4.60 -5.71 -11.74
C ASP A 87 4.54 -6.37 -10.35
N LEU A 88 4.83 -5.57 -9.34
CA LEU A 88 4.82 -6.06 -7.97
C LEU A 88 3.41 -5.91 -7.41
N VAL A 89 2.88 -4.70 -7.52
CA VAL A 89 1.55 -4.41 -7.03
C VAL A 89 0.52 -5.19 -7.86
N GLU A 90 0.78 -5.24 -9.15
CA GLU A 90 -0.11 -5.95 -10.06
C GLU A 90 -0.08 -7.45 -9.77
N HIS A 91 0.92 -7.86 -9.00
CA HIS A 91 1.07 -9.25 -8.64
C HIS A 91 0.21 -9.57 -7.41
N PHE A 92 0.41 -8.77 -6.37
CA PHE A 92 -0.35 -8.95 -5.14
C PHE A 92 -1.75 -8.36 -5.25
N LYS A 93 -1.98 -7.69 -6.37
CA LYS A 93 -3.28 -7.07 -6.62
C LYS A 93 -4.32 -8.17 -6.79
N LYS A 94 -3.84 -9.38 -7.03
CA LYS A 94 -4.73 -10.51 -7.20
C LYS A 94 -4.57 -11.47 -6.03
N THR A 95 -3.36 -12.01 -5.90
CA THR A 95 -3.07 -12.95 -4.83
C THR A 95 -3.45 -12.34 -3.49
N GLY A 96 -2.93 -11.14 -3.23
CA GLY A 96 -3.21 -10.45 -1.98
C GLY A 96 -2.03 -10.55 -1.02
N ILE A 97 -2.23 -10.02 0.18
CA ILE A 97 -1.19 -10.05 1.19
C ILE A 97 -1.72 -10.74 2.44
N GLU A 98 -0.81 -11.38 3.17
CA GLU A 98 -1.18 -12.08 4.38
C GLU A 98 -0.67 -11.33 5.61
N GLU A 99 -1.59 -11.03 6.51
CA GLU A 99 -1.24 -10.31 7.73
C GLU A 99 -0.50 -11.24 8.70
N ALA A 100 -0.20 -10.69 9.87
CA ALA A 100 0.50 -11.46 10.89
C ALA A 100 -0.53 -12.07 11.85
N SER A 101 -1.76 -11.61 11.73
CA SER A 101 -2.83 -12.10 12.57
C SER A 101 -3.48 -13.33 11.93
N GLY A 102 -3.05 -13.63 10.71
CA GLY A 102 -3.57 -14.76 9.98
C GLY A 102 -4.63 -14.32 8.96
N ALA A 103 -4.91 -13.02 8.97
CA ALA A 103 -5.90 -12.47 8.07
C ALA A 103 -5.21 -12.09 6.76
N PHE A 104 -6.00 -12.10 5.69
CA PHE A 104 -5.48 -11.76 4.37
C PHE A 104 -5.96 -10.38 3.93
N VAL A 105 -5.24 -9.82 2.97
CA VAL A 105 -5.59 -8.51 2.45
C VAL A 105 -5.45 -8.51 0.92
N TYR A 106 -6.17 -7.58 0.30
CA TYR A 106 -6.14 -7.46 -1.15
C TYR A 106 -6.17 -6.00 -1.59
N LEU A 107 -5.53 -5.74 -2.71
CA LEU A 107 -5.48 -4.39 -3.25
C LEU A 107 -6.58 -4.22 -4.30
N ARG A 108 -7.67 -3.62 -3.87
CA ARG A 108 -8.80 -3.39 -4.76
C ARG A 108 -8.56 -2.13 -5.61
N GLN A 109 -8.44 -1.01 -4.91
CA GLN A 109 -8.22 0.27 -5.57
C GLN A 109 -7.14 1.07 -4.83
N PRO A 110 -6.29 1.76 -5.63
CA PRO A 110 -5.22 2.56 -5.07
C PRO A 110 -5.77 3.85 -4.47
N TYR A 111 -5.01 4.41 -3.53
CA TYR A 111 -5.41 5.65 -2.89
C TYR A 111 -4.68 6.85 -3.50
N TYR A 112 -5.36 7.99 -3.48
CA TYR A 112 -4.81 9.20 -4.03
C TYR A 112 -4.89 10.35 -3.02
N SER A 113 -4.00 11.32 -3.20
CA SER A 113 -3.97 12.48 -2.32
C SER A 113 -3.81 13.75 -3.13
N GLY A 114 -4.57 14.77 -2.74
CA GLY A 114 -4.53 16.05 -3.42
C GLY A 114 -3.67 17.05 -2.65
N PRO A 115 -4.36 17.95 -1.89
CA PRO A 115 -3.68 18.96 -1.11
C PRO A 115 -3.04 18.35 0.14
N SER A 116 -2.15 19.12 0.74
CA SER A 116 -1.47 18.67 1.94
C SER A 116 -2.45 18.56 3.10
N SER A 117 -2.14 17.65 4.02
CA SER A 117 -2.99 17.43 5.17
C SER A 117 -2.14 17.42 6.45
N GLY A 118 -2.43 18.37 7.33
CA GLY A 118 -1.71 18.47 8.58
C GLY A 118 -0.68 19.61 8.53
N GLY A 1 -4.31 9.32 -22.88
CA GLY A 1 -4.49 8.08 -23.62
C GLY A 1 -4.30 6.87 -22.70
N SER A 2 -3.12 6.27 -22.79
CA SER A 2 -2.81 5.11 -21.98
C SER A 2 -1.32 4.77 -22.10
N SER A 3 -0.55 5.32 -21.18
CA SER A 3 0.89 5.09 -21.17
C SER A 3 1.48 5.48 -19.81
N GLY A 4 1.96 4.48 -19.09
CA GLY A 4 2.55 4.71 -17.79
C GLY A 4 2.30 3.52 -16.86
N SER A 5 3.14 3.41 -15.85
CA SER A 5 3.02 2.33 -14.88
C SER A 5 2.20 2.79 -13.68
N SER A 6 0.90 2.88 -13.89
CA SER A 6 -0.01 3.30 -12.84
C SER A 6 0.45 4.64 -12.26
N GLY A 7 -0.11 4.97 -11.11
CA GLY A 7 0.23 6.21 -10.44
C GLY A 7 -0.31 6.24 -9.01
N TRP A 8 0.20 5.33 -8.19
CA TRP A 8 -0.22 5.24 -6.81
C TRP A 8 0.93 5.75 -5.94
N TYR A 9 2.09 5.88 -6.55
CA TYR A 9 3.26 6.36 -5.84
C TYR A 9 3.06 7.80 -5.36
N HIS A 10 2.73 7.92 -4.08
CA HIS A 10 2.52 9.23 -3.49
C HIS A 10 3.85 9.94 -3.30
N GLY A 11 4.87 9.14 -3.04
CA GLY A 11 6.21 9.67 -2.82
C GLY A 11 6.61 9.61 -1.35
N HIS A 12 7.27 10.67 -0.90
CA HIS A 12 7.70 10.74 0.48
C HIS A 12 6.49 10.95 1.39
N MET A 13 5.88 9.84 1.78
CA MET A 13 4.72 9.89 2.65
C MET A 13 5.04 9.31 4.03
N SER A 14 4.72 10.10 5.05
CA SER A 14 4.97 9.68 6.42
C SER A 14 4.04 8.53 6.79
N GLY A 15 4.59 7.58 7.55
CA GLY A 15 3.82 6.43 7.98
C GLY A 15 2.52 6.86 8.67
N GLY A 16 2.70 7.53 9.81
CA GLY A 16 1.56 8.00 10.57
C GLY A 16 0.53 8.68 9.67
N GLN A 17 1.02 9.22 8.57
CA GLN A 17 0.17 9.91 7.62
C GLN A 17 -0.65 8.89 6.80
N ALA A 18 0.07 8.08 6.05
CA ALA A 18 -0.58 7.07 5.22
C ALA A 18 -1.75 6.46 6.00
N GLU A 19 -1.46 6.04 7.22
CA GLU A 19 -2.48 5.45 8.06
C GLU A 19 -3.72 6.34 8.12
N THR A 20 -3.48 7.62 8.37
CA THR A 20 -4.56 8.58 8.45
C THR A 20 -5.16 8.82 7.06
N LEU A 21 -4.28 8.90 6.08
CA LEU A 21 -4.71 9.13 4.70
C LEU A 21 -5.64 8.00 4.28
N LEU A 22 -5.11 6.79 4.33
CA LEU A 22 -5.89 5.62 3.95
C LEU A 22 -7.22 5.61 4.73
N GLN A 23 -7.12 5.97 6.00
CA GLN A 23 -8.29 6.01 6.86
C GLN A 23 -9.22 7.15 6.42
N ALA A 24 -8.61 8.27 6.06
CA ALA A 24 -9.37 9.43 5.63
C ALA A 24 -10.33 9.02 4.51
N LYS A 25 -9.86 8.10 3.68
CA LYS A 25 -10.66 7.61 2.57
C LYS A 25 -11.67 6.59 3.09
N GLY A 26 -11.15 5.56 3.73
CA GLY A 26 -12.00 4.52 4.28
C GLY A 26 -12.12 3.34 3.30
N GLU A 27 -11.87 3.63 2.04
CA GLU A 27 -11.94 2.62 1.00
C GLU A 27 -11.19 1.36 1.44
N PRO A 28 -11.97 0.25 1.59
CA PRO A 28 -11.39 -1.01 2.00
C PRO A 28 -10.62 -1.66 0.85
N TRP A 29 -9.47 -2.21 1.19
CA TRP A 29 -8.63 -2.87 0.20
C TRP A 29 -8.00 -1.78 -0.68
N THR A 30 -7.58 -0.71 -0.03
CA THR A 30 -6.97 0.40 -0.73
C THR A 30 -5.46 0.44 -0.45
N PHE A 31 -4.69 0.26 -1.51
CA PHE A 31 -3.24 0.27 -1.40
C PHE A 31 -2.65 1.55 -1.99
N LEU A 32 -1.38 1.78 -1.69
CA LEU A 32 -0.69 2.95 -2.19
C LEU A 32 0.81 2.78 -1.98
N VAL A 33 1.58 3.28 -2.94
CA VAL A 33 3.02 3.19 -2.86
C VAL A 33 3.58 4.50 -2.31
N ARG A 34 4.49 4.37 -1.36
CA ARG A 34 5.11 5.52 -0.73
C ARG A 34 6.58 5.23 -0.42
N GLU A 35 7.31 6.30 -0.12
CA GLU A 35 8.72 6.17 0.21
C GLU A 35 8.90 6.11 1.72
N SER A 36 9.82 5.24 2.15
CA SER A 36 10.09 5.07 3.56
C SER A 36 10.94 6.25 4.07
N LEU A 37 10.30 7.07 4.88
CA LEU A 37 10.98 8.24 5.45
C LEU A 37 12.12 7.77 6.35
N SER A 38 11.82 6.75 7.15
CA SER A 38 12.81 6.21 8.06
C SER A 38 13.92 5.51 7.27
N GLN A 39 13.54 4.95 6.14
CA GLN A 39 14.48 4.24 5.29
C GLN A 39 14.51 4.87 3.90
N PRO A 40 15.49 5.79 3.69
CA PRO A 40 15.64 6.46 2.42
C PRO A 40 16.24 5.53 1.37
N GLY A 41 15.40 5.13 0.43
CA GLY A 41 15.85 4.25 -0.63
C GLY A 41 14.85 3.09 -0.83
N ASP A 42 14.06 2.85 0.20
CA ASP A 42 13.07 1.79 0.16
C ASP A 42 11.69 2.40 -0.10
N PHE A 43 10.68 1.54 0.03
CA PHE A 43 9.31 1.97 -0.19
C PHE A 43 8.34 1.21 0.71
N VAL A 44 7.21 1.84 0.99
CA VAL A 44 6.20 1.24 1.84
C VAL A 44 4.90 1.07 1.04
N LEU A 45 4.19 0.01 1.36
CA LEU A 45 2.93 -0.28 0.68
C LEU A 45 1.81 -0.38 1.71
N SER A 46 1.16 0.74 1.95
CA SER A 46 0.08 0.79 2.91
C SER A 46 -1.24 0.37 2.25
N VAL A 47 -1.82 -0.70 2.76
CA VAL A 47 -3.08 -1.21 2.23
C VAL A 47 -4.14 -1.19 3.33
N LEU A 48 -5.26 -0.56 3.00
CA LEU A 48 -6.37 -0.46 3.94
C LEU A 48 -7.14 -1.77 3.94
N SER A 49 -7.21 -2.39 5.12
CA SER A 49 -7.93 -3.64 5.27
C SER A 49 -9.41 -3.38 5.57
N ASP A 50 -10.22 -4.39 5.34
CA ASP A 50 -11.65 -4.28 5.59
C ASP A 50 -11.96 -4.76 7.00
N GLN A 51 -10.96 -4.66 7.87
CA GLN A 51 -11.11 -5.08 9.25
C GLN A 51 -10.96 -3.87 10.19
N PRO A 52 -12.11 -3.52 10.84
CA PRO A 52 -12.12 -2.40 11.76
C PRO A 52 -11.44 -2.77 13.08
N LYS A 53 -11.25 -1.75 13.90
CA LYS A 53 -10.61 -1.95 15.20
C LYS A 53 -11.68 -2.24 16.25
N ALA A 54 -12.75 -1.46 16.19
CA ALA A 54 -13.85 -1.62 17.13
C ALA A 54 -15.10 -2.04 16.36
N GLY A 55 -15.16 -1.65 15.10
CA GLY A 55 -16.28 -1.98 14.26
C GLY A 55 -16.87 -0.72 13.61
N PRO A 56 -18.21 -0.55 13.78
CA PRO A 56 -18.90 0.60 13.23
C PRO A 56 -18.60 1.87 14.03
N GLY A 57 -17.79 2.73 13.44
CA GLY A 57 -17.42 3.98 14.08
C GLY A 57 -15.92 4.04 14.33
N SER A 58 -15.24 2.95 13.98
CA SER A 58 -13.80 2.87 14.17
C SER A 58 -13.11 2.81 12.80
N PRO A 59 -11.84 3.28 12.78
CA PRO A 59 -11.06 3.30 11.56
C PRO A 59 -10.58 1.89 11.20
N LEU A 60 -10.54 1.61 9.90
CA LEU A 60 -10.11 0.32 9.42
C LEU A 60 -8.59 0.22 9.53
N ARG A 61 -8.15 -0.80 10.25
CA ARG A 61 -6.72 -1.01 10.45
C ARG A 61 -5.96 -0.76 9.14
N VAL A 62 -4.66 -0.56 9.28
CA VAL A 62 -3.82 -0.31 8.12
C VAL A 62 -2.69 -1.35 8.09
N THR A 63 -2.32 -1.72 6.88
CA THR A 63 -1.25 -2.70 6.68
C THR A 63 -0.14 -2.12 5.81
N HIS A 64 1.04 -2.02 6.40
CA HIS A 64 2.19 -1.50 5.69
C HIS A 64 3.06 -2.64 5.18
N ILE A 65 3.04 -2.82 3.87
CA ILE A 65 3.82 -3.88 3.24
C ILE A 65 5.14 -3.30 2.74
N LYS A 66 6.15 -3.39 3.59
CA LYS A 66 7.47 -2.88 3.25
C LYS A 66 7.95 -3.56 1.96
N VAL A 67 8.63 -2.78 1.14
CA VAL A 67 9.16 -3.30 -0.12
C VAL A 67 10.69 -3.23 -0.10
N MET A 68 11.29 -4.37 -0.38
CA MET A 68 12.75 -4.46 -0.40
C MET A 68 13.28 -4.40 -1.83
N CYS A 69 13.95 -3.31 -2.14
CA CYS A 69 14.51 -3.11 -3.46
C CYS A 69 15.99 -3.52 -3.42
N GLU A 70 16.23 -4.78 -3.77
CA GLU A 70 17.59 -5.30 -3.78
C GLU A 70 17.89 -5.96 -5.13
N GLY A 71 19.12 -5.73 -5.60
CA GLY A 71 19.54 -6.30 -6.86
C GLY A 71 18.55 -5.97 -7.98
N GLY A 72 17.94 -4.79 -7.86
CA GLY A 72 16.97 -4.35 -8.85
C GLY A 72 15.69 -5.19 -8.78
N ARG A 73 15.56 -5.92 -7.67
CA ARG A 73 14.40 -6.77 -7.47
C ARG A 73 13.62 -6.32 -6.24
N TYR A 74 12.32 -6.23 -6.40
CA TYR A 74 11.45 -5.80 -5.31
C TYR A 74 10.74 -7.01 -4.69
N THR A 75 10.63 -6.98 -3.37
CA THR A 75 9.97 -8.06 -2.65
C THR A 75 9.45 -7.54 -1.30
N VAL A 76 8.35 -8.16 -0.86
CA VAL A 76 7.74 -7.78 0.40
C VAL A 76 8.26 -8.70 1.51
N GLY A 77 9.23 -9.52 1.15
CA GLY A 77 9.81 -10.46 2.09
C GLY A 77 9.56 -11.90 1.66
N GLY A 78 9.15 -12.05 0.41
CA GLY A 78 8.86 -13.37 -0.13
C GLY A 78 9.89 -13.77 -1.18
N LEU A 79 9.75 -14.98 -1.68
CA LEU A 79 10.66 -15.50 -2.69
C LEU A 79 10.45 -14.74 -4.00
N GLU A 80 9.19 -14.55 -4.34
CA GLU A 80 8.83 -13.85 -5.56
C GLU A 80 9.40 -12.43 -5.53
N THR A 81 9.77 -11.95 -6.72
CA THR A 81 10.32 -10.62 -6.84
C THR A 81 9.68 -9.88 -8.02
N PHE A 82 10.17 -8.67 -8.25
CA PHE A 82 9.65 -7.86 -9.35
C PHE A 82 10.69 -6.82 -9.79
N ASP A 83 10.55 -6.39 -11.04
CA ASP A 83 11.46 -5.42 -11.60
C ASP A 83 10.87 -4.02 -11.42
N SER A 84 9.55 -3.96 -11.44
CA SER A 84 8.85 -2.70 -11.29
C SER A 84 7.78 -2.82 -10.19
N LEU A 85 7.59 -1.73 -9.48
CA LEU A 85 6.60 -1.70 -8.41
C LEU A 85 5.24 -2.12 -8.95
N THR A 86 5.04 -1.84 -10.23
CA THR A 86 3.80 -2.18 -10.90
C THR A 86 3.62 -3.70 -10.96
N ASP A 87 4.66 -4.36 -11.44
CA ASP A 87 4.64 -5.81 -11.57
C ASP A 87 4.58 -6.43 -10.17
N LEU A 88 4.87 -5.60 -9.18
CA LEU A 88 4.85 -6.07 -7.80
C LEU A 88 3.44 -5.90 -7.23
N VAL A 89 2.87 -4.72 -7.48
CA VAL A 89 1.53 -4.44 -7.00
C VAL A 89 0.51 -5.25 -7.80
N GLU A 90 0.77 -5.35 -9.10
CA GLU A 90 -0.12 -6.10 -9.98
C GLU A 90 -0.09 -7.58 -9.61
N HIS A 91 0.87 -7.94 -8.77
CA HIS A 91 1.00 -9.32 -8.33
C HIS A 91 0.06 -9.58 -7.16
N PHE A 92 0.26 -8.81 -6.09
CA PHE A 92 -0.56 -8.95 -4.90
C PHE A 92 -1.94 -8.33 -5.12
N LYS A 93 -2.09 -7.67 -6.26
CA LYS A 93 -3.35 -7.02 -6.60
C LYS A 93 -4.43 -8.09 -6.76
N LYS A 94 -3.98 -9.33 -6.92
CA LYS A 94 -4.90 -10.44 -7.08
C LYS A 94 -4.76 -11.39 -5.90
N THR A 95 -3.57 -11.97 -5.78
CA THR A 95 -3.29 -12.90 -4.70
C THR A 95 -3.61 -12.27 -3.35
N GLY A 96 -2.99 -11.12 -3.11
CA GLY A 96 -3.20 -10.41 -1.87
C GLY A 96 -2.02 -10.60 -0.92
N ILE A 97 -2.14 -9.99 0.27
CA ILE A 97 -1.09 -10.09 1.26
C ILE A 97 -1.65 -10.75 2.53
N GLU A 98 -0.81 -11.55 3.16
CA GLU A 98 -1.21 -12.24 4.38
C GLU A 98 -0.74 -11.47 5.60
N GLU A 99 -1.68 -11.24 6.52
CA GLU A 99 -1.37 -10.53 7.74
C GLU A 99 -0.81 -11.48 8.80
N ALA A 100 -0.20 -10.89 9.82
CA ALA A 100 0.38 -11.67 10.90
C ALA A 100 -0.74 -12.28 11.74
N SER A 101 -1.94 -11.75 11.54
CA SER A 101 -3.10 -12.24 12.27
C SER A 101 -3.67 -13.48 11.58
N GLY A 102 -3.32 -13.63 10.32
CA GLY A 102 -3.79 -14.76 9.54
C GLY A 102 -4.73 -14.32 8.43
N ALA A 103 -5.32 -13.14 8.64
CA ALA A 103 -6.25 -12.59 7.67
C ALA A 103 -5.48 -12.14 6.42
N PHE A 104 -6.15 -12.22 5.29
CA PHE A 104 -5.54 -11.82 4.03
C PHE A 104 -6.00 -10.42 3.61
N VAL A 105 -5.20 -9.80 2.76
CA VAL A 105 -5.50 -8.46 2.28
C VAL A 105 -5.34 -8.42 0.76
N TYR A 106 -6.15 -7.58 0.13
CA TYR A 106 -6.11 -7.44 -1.32
C TYR A 106 -6.15 -5.97 -1.72
N LEU A 107 -5.55 -5.69 -2.87
CA LEU A 107 -5.50 -4.32 -3.38
C LEU A 107 -6.59 -4.15 -4.45
N ARG A 108 -7.69 -3.53 -4.04
CA ARG A 108 -8.80 -3.30 -4.95
C ARG A 108 -8.56 -2.02 -5.76
N GLN A 109 -8.43 -0.92 -5.03
CA GLN A 109 -8.21 0.37 -5.66
C GLN A 109 -7.10 1.13 -4.93
N PRO A 110 -6.22 1.78 -5.73
CA PRO A 110 -5.11 2.56 -5.17
C PRO A 110 -5.61 3.87 -4.59
N TYR A 111 -4.82 4.41 -3.66
CA TYR A 111 -5.17 5.66 -3.02
C TYR A 111 -4.81 6.85 -3.92
N TYR A 112 -5.60 7.91 -3.79
CA TYR A 112 -5.37 9.11 -4.58
C TYR A 112 -5.49 10.36 -3.70
N SER A 113 -4.36 11.02 -3.51
CA SER A 113 -4.33 12.24 -2.71
C SER A 113 -4.34 13.46 -3.62
N GLY A 114 -5.04 14.50 -3.16
CA GLY A 114 -5.13 15.73 -3.92
C GLY A 114 -5.73 16.85 -3.06
N PRO A 115 -4.82 17.73 -2.55
CA PRO A 115 -5.25 18.85 -1.73
C PRO A 115 -5.89 19.95 -2.57
N SER A 116 -7.17 20.19 -2.29
CA SER A 116 -7.91 21.22 -3.01
C SER A 116 -8.15 20.76 -4.46
N SER A 117 -9.24 21.24 -5.03
CA SER A 117 -9.59 20.90 -6.39
C SER A 117 -9.59 22.15 -7.26
N GLY A 118 -8.99 22.02 -8.44
CA GLY A 118 -8.90 23.13 -9.38
C GLY A 118 -7.90 22.84 -10.49
N GLY A 1 -8.73 8.40 -26.93
CA GLY A 1 -8.80 7.86 -25.59
C GLY A 1 -8.12 8.80 -24.58
N SER A 2 -7.40 8.19 -23.65
CA SER A 2 -6.71 8.94 -22.63
C SER A 2 -5.51 8.14 -22.12
N SER A 3 -4.38 8.84 -21.98
CA SER A 3 -3.17 8.21 -21.50
C SER A 3 -3.25 8.00 -19.98
N GLY A 4 -2.92 6.79 -19.56
CA GLY A 4 -2.95 6.47 -18.14
C GLY A 4 -2.10 5.22 -17.85
N SER A 5 -1.26 5.35 -16.85
CA SER A 5 -0.39 4.25 -16.45
C SER A 5 -0.19 4.26 -14.94
N SER A 6 -0.75 3.24 -14.29
CA SER A 6 -0.64 3.12 -12.85
C SER A 6 -1.16 4.38 -12.17
N GLY A 7 -1.19 4.34 -10.85
CA GLY A 7 -1.66 5.48 -10.07
C GLY A 7 -1.82 5.11 -8.60
N TRP A 8 -0.82 5.48 -7.81
CA TRP A 8 -0.85 5.19 -6.39
C TRP A 8 0.41 5.82 -5.76
N TYR A 9 1.52 5.70 -6.49
CA TYR A 9 2.77 6.25 -6.02
C TYR A 9 2.62 7.72 -5.62
N HIS A 10 2.54 7.94 -4.32
CA HIS A 10 2.39 9.29 -3.80
C HIS A 10 3.75 9.99 -3.81
N GLY A 11 4.80 9.19 -3.73
CA GLY A 11 6.15 9.72 -3.74
C GLY A 11 6.75 9.70 -2.32
N HIS A 12 6.97 10.90 -1.79
CA HIS A 12 7.53 11.03 -0.46
C HIS A 12 6.40 11.25 0.55
N MET A 13 5.77 10.14 0.95
CA MET A 13 4.69 10.20 1.90
C MET A 13 5.11 9.60 3.25
N SER A 14 4.65 10.24 4.31
CA SER A 14 4.97 9.78 5.66
C SER A 14 4.06 8.61 6.04
N GLY A 15 4.69 7.53 6.48
CA GLY A 15 3.95 6.35 6.89
C GLY A 15 2.71 6.72 7.71
N GLY A 16 2.98 7.36 8.84
CA GLY A 16 1.89 7.77 9.72
C GLY A 16 0.78 8.46 8.94
N GLN A 17 1.18 9.18 7.91
CA GLN A 17 0.22 9.89 7.07
C GLN A 17 -0.70 8.90 6.36
N ALA A 18 -0.09 8.08 5.51
CA ALA A 18 -0.85 7.08 4.77
C ALA A 18 -1.94 6.50 5.66
N GLU A 19 -1.51 6.03 6.83
CA GLU A 19 -2.44 5.45 7.78
C GLU A 19 -3.68 6.33 7.93
N THR A 20 -3.44 7.61 8.15
CA THR A 20 -4.52 8.57 8.30
C THR A 20 -5.23 8.79 6.97
N LEU A 21 -4.43 8.92 5.93
CA LEU A 21 -4.97 9.14 4.60
C LEU A 21 -5.92 7.99 4.24
N LEU A 22 -5.38 6.79 4.32
CA LEU A 22 -6.18 5.60 4.01
C LEU A 22 -7.45 5.61 4.84
N GLN A 23 -7.28 5.90 6.12
CA GLN A 23 -8.41 5.94 7.04
C GLN A 23 -9.37 7.06 6.64
N ALA A 24 -8.80 8.22 6.32
CA ALA A 24 -9.58 9.36 5.91
C ALA A 24 -10.61 8.93 4.87
N LYS A 25 -10.17 8.04 3.99
CA LYS A 25 -11.04 7.54 2.93
C LYS A 25 -11.93 6.44 3.50
N GLY A 26 -11.30 5.46 4.12
CA GLY A 26 -12.03 4.34 4.70
C GLY A 26 -12.15 3.19 3.71
N GLU A 27 -12.06 3.53 2.44
CA GLU A 27 -12.16 2.54 1.38
C GLU A 27 -11.39 1.27 1.77
N PRO A 28 -12.17 0.16 1.92
CA PRO A 28 -11.58 -1.11 2.30
C PRO A 28 -10.85 -1.75 1.12
N TRP A 29 -9.59 -2.09 1.35
CA TRP A 29 -8.78 -2.70 0.31
C TRP A 29 -8.20 -1.59 -0.56
N THR A 30 -7.53 -0.66 0.11
CA THR A 30 -6.93 0.47 -0.59
C THR A 30 -5.43 0.53 -0.30
N PHE A 31 -4.64 0.38 -1.34
CA PHE A 31 -3.19 0.41 -1.22
C PHE A 31 -2.62 1.70 -1.80
N LEU A 32 -1.35 1.93 -1.51
CA LEU A 32 -0.68 3.13 -1.99
C LEU A 32 0.84 2.96 -1.82
N VAL A 33 1.56 3.36 -2.86
CA VAL A 33 3.01 3.26 -2.83
C VAL A 33 3.61 4.60 -2.40
N ARG A 34 4.51 4.53 -1.44
CA ARG A 34 5.16 5.73 -0.92
C ARG A 34 6.61 5.41 -0.53
N GLU A 35 7.49 6.34 -0.88
CA GLU A 35 8.91 6.18 -0.57
C GLU A 35 9.12 6.21 0.95
N SER A 36 9.95 5.29 1.43
CA SER A 36 10.24 5.20 2.85
C SER A 36 11.15 6.36 3.26
N LEU A 37 10.55 7.34 3.91
CA LEU A 37 11.30 8.50 4.37
C LEU A 37 12.39 8.06 5.34
N SER A 38 11.96 7.27 6.32
CA SER A 38 12.90 6.76 7.32
C SER A 38 13.92 5.85 6.67
N GLN A 39 13.50 5.20 5.58
CA GLN A 39 14.38 4.31 4.86
C GLN A 39 14.53 4.76 3.41
N PRO A 40 15.60 5.57 3.16
CA PRO A 40 15.86 6.08 1.83
C PRO A 40 16.43 4.98 0.92
N GLY A 41 15.64 4.60 -0.07
CA GLY A 41 16.06 3.56 -1.01
C GLY A 41 15.00 2.46 -1.10
N ASP A 42 14.17 2.38 -0.07
CA ASP A 42 13.11 1.38 -0.03
C ASP A 42 11.77 2.06 -0.23
N PHE A 43 10.71 1.28 -0.04
CA PHE A 43 9.36 1.80 -0.20
C PHE A 43 8.39 1.08 0.75
N VAL A 44 7.28 1.75 1.03
CA VAL A 44 6.27 1.19 1.91
C VAL A 44 4.95 1.06 1.14
N LEU A 45 4.21 0.02 1.49
CA LEU A 45 2.94 -0.24 0.85
C LEU A 45 1.85 -0.37 1.91
N SER A 46 1.11 0.72 2.10
CA SER A 46 0.05 0.75 3.08
C SER A 46 -1.28 0.36 2.42
N VAL A 47 -1.83 -0.75 2.87
CA VAL A 47 -3.10 -1.23 2.34
C VAL A 47 -4.16 -1.18 3.44
N LEU A 48 -5.34 -0.70 3.05
CA LEU A 48 -6.45 -0.59 3.98
C LEU A 48 -7.21 -1.92 4.01
N SER A 49 -7.40 -2.43 5.22
CA SER A 49 -8.12 -3.68 5.39
C SER A 49 -9.58 -3.41 5.78
N ASP A 50 -10.39 -4.43 5.61
CA ASP A 50 -11.81 -4.31 5.92
C ASP A 50 -12.05 -4.77 7.37
N GLN A 51 -10.99 -4.67 8.16
CA GLN A 51 -11.07 -5.06 9.56
C GLN A 51 -10.93 -3.84 10.46
N PRO A 52 -12.08 -3.44 11.07
CA PRO A 52 -12.09 -2.30 11.97
C PRO A 52 -11.45 -2.64 13.31
N LYS A 53 -11.30 -1.62 14.15
CA LYS A 53 -10.71 -1.80 15.45
C LYS A 53 -11.82 -2.03 16.49
N ALA A 54 -12.86 -1.21 16.38
CA ALA A 54 -13.98 -1.31 17.28
C ALA A 54 -15.23 -1.74 16.50
N GLY A 55 -15.23 -1.42 15.21
CA GLY A 55 -16.34 -1.77 14.35
C GLY A 55 -16.87 -0.53 13.61
N PRO A 56 -18.21 -0.32 13.74
CA PRO A 56 -18.85 0.80 13.09
C PRO A 56 -18.55 2.11 13.83
N GLY A 57 -17.77 2.96 13.17
CA GLY A 57 -17.40 4.24 13.75
C GLY A 57 -15.91 4.26 14.11
N SER A 58 -15.25 3.14 13.86
CA SER A 58 -13.84 3.02 14.15
C SER A 58 -13.04 2.95 12.85
N PRO A 59 -11.75 3.39 12.94
CA PRO A 59 -10.88 3.39 11.78
C PRO A 59 -10.41 1.97 11.45
N LEU A 60 -10.34 1.68 10.16
CA LEU A 60 -9.91 0.37 9.69
C LEU A 60 -8.39 0.28 9.80
N ARG A 61 -7.94 -0.77 10.49
CA ARG A 61 -6.51 -0.98 10.66
C ARG A 61 -5.78 -0.79 9.33
N VAL A 62 -4.49 -0.52 9.44
CA VAL A 62 -3.66 -0.31 8.26
C VAL A 62 -2.52 -1.33 8.26
N THR A 63 -2.15 -1.75 7.06
CA THR A 63 -1.08 -2.72 6.90
C THR A 63 0.02 -2.16 5.99
N HIS A 64 1.21 -2.03 6.56
CA HIS A 64 2.34 -1.51 5.82
C HIS A 64 3.19 -2.68 5.29
N ILE A 65 3.15 -2.84 3.98
CA ILE A 65 3.90 -3.90 3.33
C ILE A 65 5.23 -3.35 2.82
N LYS A 66 6.25 -3.47 3.66
CA LYS A 66 7.57 -2.98 3.31
C LYS A 66 8.01 -3.65 2.01
N VAL A 67 8.71 -2.86 1.19
CA VAL A 67 9.21 -3.36 -0.08
C VAL A 67 10.73 -3.39 -0.06
N MET A 68 11.28 -4.59 -0.02
CA MET A 68 12.71 -4.76 0.01
C MET A 68 13.31 -4.64 -1.40
N CYS A 69 14.10 -3.61 -1.59
CA CYS A 69 14.74 -3.37 -2.87
C CYS A 69 16.20 -3.82 -2.79
N GLU A 70 16.42 -5.07 -3.19
CA GLU A 70 17.76 -5.64 -3.16
C GLU A 70 18.12 -6.21 -4.53
N GLY A 71 19.34 -5.89 -4.96
CA GLY A 71 19.81 -6.35 -6.25
C GLY A 71 18.87 -5.94 -7.37
N GLY A 72 18.27 -4.76 -7.20
CA GLY A 72 17.34 -4.25 -8.19
C GLY A 72 16.06 -5.08 -8.23
N ARG A 73 15.84 -5.83 -7.16
CA ARG A 73 14.66 -6.68 -7.06
C ARG A 73 13.79 -6.24 -5.88
N TYR A 74 12.50 -6.15 -6.15
CA TYR A 74 11.55 -5.76 -5.12
C TYR A 74 10.83 -6.97 -4.54
N THR A 75 10.71 -6.97 -3.22
CA THR A 75 10.04 -8.06 -2.53
C THR A 75 9.50 -7.59 -1.18
N VAL A 76 8.37 -8.16 -0.80
CA VAL A 76 7.73 -7.80 0.46
C VAL A 76 8.25 -8.73 1.56
N GLY A 77 9.24 -9.54 1.20
CA GLY A 77 9.82 -10.47 2.15
C GLY A 77 9.59 -11.91 1.71
N GLY A 78 9.21 -12.06 0.45
CA GLY A 78 8.95 -13.38 -0.10
C GLY A 78 9.98 -13.73 -1.18
N LEU A 79 9.85 -14.95 -1.69
CA LEU A 79 10.76 -15.43 -2.72
C LEU A 79 10.53 -14.63 -4.00
N GLU A 80 9.26 -14.50 -4.36
CA GLU A 80 8.89 -13.77 -5.57
C GLU A 80 9.44 -12.34 -5.51
N THR A 81 9.83 -11.85 -6.67
CA THR A 81 10.38 -10.50 -6.77
C THR A 81 9.74 -9.76 -7.93
N PHE A 82 10.24 -8.55 -8.17
CA PHE A 82 9.73 -7.73 -9.25
C PHE A 82 10.75 -6.66 -9.65
N ASP A 83 10.66 -6.24 -10.91
CA ASP A 83 11.57 -5.23 -11.42
C ASP A 83 10.94 -3.85 -11.24
N SER A 84 9.63 -3.80 -11.40
CA SER A 84 8.91 -2.55 -11.25
C SER A 84 7.84 -2.70 -10.16
N LEU A 85 7.61 -1.61 -9.46
CA LEU A 85 6.63 -1.59 -8.39
C LEU A 85 5.27 -1.99 -8.95
N THR A 86 5.06 -1.61 -10.20
CA THR A 86 3.80 -1.92 -10.87
C THR A 86 3.63 -3.43 -11.02
N ASP A 87 4.70 -4.09 -11.45
CA ASP A 87 4.67 -5.52 -11.63
C ASP A 87 4.56 -6.20 -10.27
N LEU A 88 4.77 -5.41 -9.22
CA LEU A 88 4.68 -5.92 -7.87
C LEU A 88 3.27 -5.71 -7.33
N VAL A 89 2.80 -4.48 -7.47
CA VAL A 89 1.47 -4.13 -7.01
C VAL A 89 0.42 -4.88 -7.85
N GLU A 90 0.72 -4.98 -9.14
CA GLU A 90 -0.17 -5.66 -10.06
C GLU A 90 -0.12 -7.18 -9.83
N HIS A 91 0.81 -7.58 -8.98
CA HIS A 91 0.97 -8.99 -8.67
C HIS A 91 0.10 -9.36 -7.46
N PHE A 92 0.25 -8.58 -6.40
CA PHE A 92 -0.51 -8.80 -5.19
C PHE A 92 -1.92 -8.21 -5.30
N LYS A 93 -2.13 -7.47 -6.39
CA LYS A 93 -3.41 -6.84 -6.64
C LYS A 93 -4.47 -7.93 -6.91
N LYS A 94 -3.97 -9.11 -7.23
CA LYS A 94 -4.85 -10.23 -7.52
C LYS A 94 -4.73 -11.26 -6.40
N THR A 95 -3.53 -11.80 -6.26
CA THR A 95 -3.28 -12.81 -5.23
C THR A 95 -3.67 -12.27 -3.86
N GLY A 96 -3.05 -11.16 -3.48
CA GLY A 96 -3.34 -10.54 -2.20
C GLY A 96 -2.16 -10.72 -1.23
N ILE A 97 -2.34 -10.19 -0.04
CA ILE A 97 -1.30 -10.29 0.98
C ILE A 97 -1.88 -10.94 2.23
N GLU A 98 -0.99 -11.58 2.99
CA GLU A 98 -1.40 -12.25 4.21
C GLU A 98 -0.91 -11.48 5.44
N GLU A 99 -1.82 -11.31 6.40
CA GLU A 99 -1.48 -10.60 7.61
C GLU A 99 -0.95 -11.57 8.67
N ALA A 100 -0.56 -11.00 9.81
CA ALA A 100 -0.03 -11.80 10.90
C ALA A 100 -1.19 -12.29 11.77
N SER A 101 -2.36 -11.71 11.53
CA SER A 101 -3.54 -12.07 12.29
C SER A 101 -4.26 -13.23 11.60
N GLY A 102 -3.54 -13.88 10.69
CA GLY A 102 -4.11 -15.00 9.96
C GLY A 102 -5.18 -14.53 8.98
N ALA A 103 -5.16 -13.23 8.71
CA ALA A 103 -6.13 -12.64 7.80
C ALA A 103 -5.42 -12.24 6.50
N PHE A 104 -6.18 -12.21 5.43
CA PHE A 104 -5.65 -11.85 4.12
C PHE A 104 -6.13 -10.46 3.70
N VAL A 105 -5.33 -9.82 2.86
CA VAL A 105 -5.67 -8.49 2.37
C VAL A 105 -5.53 -8.46 0.84
N TYR A 106 -6.35 -7.63 0.22
CA TYR A 106 -6.33 -7.51 -1.23
C TYR A 106 -6.36 -6.03 -1.65
N LEU A 107 -5.72 -5.77 -2.78
CA LEU A 107 -5.66 -4.41 -3.30
C LEU A 107 -6.71 -4.25 -4.40
N ARG A 108 -7.93 -3.98 -3.98
CA ARG A 108 -9.03 -3.79 -4.91
C ARG A 108 -8.82 -2.53 -5.74
N GLN A 109 -8.37 -1.48 -5.06
CA GLN A 109 -8.12 -0.22 -5.72
C GLN A 109 -7.09 0.61 -4.94
N PRO A 110 -6.33 1.46 -5.68
CA PRO A 110 -5.32 2.29 -5.06
C PRO A 110 -5.96 3.47 -4.32
N TYR A 111 -5.11 4.39 -3.90
CA TYR A 111 -5.57 5.56 -3.17
C TYR A 111 -5.10 6.85 -3.85
N TYR A 112 -5.93 7.87 -3.74
CA TYR A 112 -5.62 9.16 -4.33
C TYR A 112 -5.54 10.25 -3.27
N SER A 113 -4.69 11.23 -3.53
CA SER A 113 -4.51 12.34 -2.60
C SER A 113 -4.82 13.66 -3.30
N GLY A 114 -5.96 14.24 -2.93
CA GLY A 114 -6.38 15.49 -3.50
C GLY A 114 -7.82 15.83 -3.11
N PRO A 115 -7.97 16.36 -1.87
CA PRO A 115 -9.28 16.72 -1.36
C PRO A 115 -9.79 18.01 -2.00
N SER A 116 -11.09 18.25 -1.83
CA SER A 116 -11.70 19.44 -2.39
C SER A 116 -12.23 20.33 -1.28
N SER A 117 -11.42 21.31 -0.91
CA SER A 117 -11.80 22.24 0.14
C SER A 117 -13.25 22.71 -0.06
N GLY A 118 -13.91 22.96 1.05
CA GLY A 118 -15.29 23.41 1.02
C GLY A 118 -16.15 22.60 1.99
N GLY A 1 8.53 7.71 -14.11
CA GLY A 1 9.58 6.72 -14.02
C GLY A 1 9.97 6.21 -15.41
N SER A 2 9.48 5.02 -15.72
CA SER A 2 9.76 4.41 -17.02
C SER A 2 9.00 3.09 -17.15
N SER A 3 7.96 3.13 -17.97
CA SER A 3 7.14 1.95 -18.20
C SER A 3 6.28 1.67 -16.95
N GLY A 4 5.14 2.33 -16.90
CA GLY A 4 4.22 2.16 -15.79
C GLY A 4 2.79 2.52 -16.19
N SER A 5 1.87 1.64 -15.83
CA SER A 5 0.47 1.86 -16.14
C SER A 5 -0.33 2.05 -14.85
N SER A 6 -0.05 3.15 -14.18
CA SER A 6 -0.74 3.47 -12.94
C SER A 6 -0.14 4.74 -12.31
N GLY A 7 -0.73 5.14 -11.19
CA GLY A 7 -0.27 6.33 -10.50
C GLY A 7 -0.75 6.33 -9.04
N TRP A 8 -0.23 5.38 -8.28
CA TRP A 8 -0.60 5.25 -6.88
C TRP A 8 0.57 5.78 -6.04
N TYR A 9 1.73 5.86 -6.68
CA TYR A 9 2.92 6.34 -6.00
C TYR A 9 2.73 7.78 -5.51
N HIS A 10 2.52 7.89 -4.21
CA HIS A 10 2.31 9.20 -3.60
C HIS A 10 3.67 9.90 -3.44
N GLY A 11 4.71 9.20 -3.83
CA GLY A 11 6.06 9.74 -3.74
C GLY A 11 6.72 9.35 -2.40
N HIS A 12 7.02 10.37 -1.62
CA HIS A 12 7.65 10.15 -0.32
C HIS A 12 6.66 10.50 0.79
N MET A 13 5.89 9.50 1.20
CA MET A 13 4.91 9.67 2.24
C MET A 13 5.40 9.09 3.56
N SER A 14 4.80 9.56 4.65
CA SER A 14 5.17 9.09 5.98
C SER A 14 4.16 8.05 6.45
N GLY A 15 4.70 6.91 6.90
CA GLY A 15 3.85 5.83 7.38
C GLY A 15 2.66 6.38 8.16
N GLY A 16 2.96 7.04 9.27
CA GLY A 16 1.92 7.61 10.12
C GLY A 16 0.87 8.33 9.27
N GLN A 17 1.35 9.03 8.26
CA GLN A 17 0.46 9.77 7.37
C GLN A 17 -0.46 8.81 6.62
N ALA A 18 0.15 7.96 5.80
CA ALA A 18 -0.59 7.00 5.03
C ALA A 18 -1.73 6.44 5.88
N GLU A 19 -1.37 5.94 7.05
CA GLU A 19 -2.35 5.38 7.96
C GLU A 19 -3.57 6.30 8.06
N THR A 20 -3.30 7.58 8.28
CA THR A 20 -4.37 8.55 8.40
C THR A 20 -5.00 8.82 7.03
N LEU A 21 -4.14 8.93 6.02
CA LEU A 21 -4.61 9.17 4.67
C LEU A 21 -5.58 8.07 4.26
N LEU A 22 -5.15 6.83 4.45
CA LEU A 22 -5.97 5.68 4.12
C LEU A 22 -7.26 5.73 4.94
N GLN A 23 -7.10 6.07 6.20
CA GLN A 23 -8.25 6.15 7.10
C GLN A 23 -9.19 7.27 6.67
N ALA A 24 -8.60 8.41 6.30
CA ALA A 24 -9.36 9.55 5.86
C ALA A 24 -10.31 9.13 4.74
N LYS A 25 -9.81 8.23 3.91
CA LYS A 25 -10.60 7.73 2.79
C LYS A 25 -11.62 6.72 3.30
N GLY A 26 -11.12 5.70 3.99
CA GLY A 26 -11.98 4.67 4.53
C GLY A 26 -12.18 3.53 3.53
N GLU A 27 -11.71 3.77 2.30
CA GLU A 27 -11.83 2.78 1.25
C GLU A 27 -11.19 1.46 1.68
N PRO A 28 -12.04 0.41 1.78
CA PRO A 28 -11.57 -0.91 2.18
C PRO A 28 -10.80 -1.59 1.04
N TRP A 29 -9.64 -2.11 1.38
CA TRP A 29 -8.80 -2.79 0.40
C TRP A 29 -8.17 -1.71 -0.49
N THR A 30 -7.73 -0.64 0.14
CA THR A 30 -7.10 0.45 -0.59
C THR A 30 -5.60 0.47 -0.32
N PHE A 31 -4.84 0.31 -1.39
CA PHE A 31 -3.39 0.32 -1.29
C PHE A 31 -2.80 1.60 -1.87
N LEU A 32 -1.54 1.82 -1.56
CA LEU A 32 -0.85 3.01 -2.04
C LEU A 32 0.67 2.82 -1.88
N VAL A 33 1.40 3.31 -2.86
CA VAL A 33 2.85 3.20 -2.84
C VAL A 33 3.45 4.49 -2.29
N ARG A 34 4.35 4.34 -1.34
CA ARG A 34 5.01 5.48 -0.73
C ARG A 34 6.46 5.14 -0.38
N GLU A 35 7.33 6.12 -0.58
CA GLU A 35 8.74 5.93 -0.29
C GLU A 35 8.98 6.00 1.22
N SER A 36 9.97 5.23 1.66
CA SER A 36 10.31 5.18 3.06
C SER A 36 11.20 6.38 3.42
N LEU A 37 10.89 6.98 4.57
CA LEU A 37 11.65 8.13 5.04
C LEU A 37 12.88 7.64 5.80
N SER A 38 12.63 6.76 6.76
CA SER A 38 13.71 6.20 7.57
C SER A 38 14.66 5.38 6.69
N GLN A 39 14.12 4.93 5.56
CA GLN A 39 14.90 4.14 4.63
C GLN A 39 14.86 4.76 3.23
N PRO A 40 15.94 5.53 2.91
CA PRO A 40 16.03 6.17 1.61
C PRO A 40 16.38 5.17 0.52
N GLY A 41 15.36 4.85 -0.29
CA GLY A 41 15.54 3.90 -1.38
C GLY A 41 14.47 2.81 -1.33
N ASP A 42 14.00 2.54 -0.12
CA ASP A 42 12.98 1.52 0.07
C ASP A 42 11.60 2.16 -0.10
N PHE A 43 10.59 1.30 -0.11
CA PHE A 43 9.22 1.77 -0.26
C PHE A 43 8.28 1.00 0.68
N VAL A 44 7.15 1.63 0.98
CA VAL A 44 6.17 1.04 1.86
C VAL A 44 4.84 0.89 1.11
N LEU A 45 4.14 -0.19 1.42
CA LEU A 45 2.85 -0.45 0.78
C LEU A 45 1.76 -0.52 1.85
N SER A 46 1.04 0.59 1.98
CA SER A 46 -0.03 0.66 2.96
C SER A 46 -1.37 0.29 2.31
N VAL A 47 -1.95 -0.79 2.80
CA VAL A 47 -3.22 -1.26 2.28
C VAL A 47 -4.27 -1.21 3.38
N LEU A 48 -5.41 -0.61 3.05
CA LEU A 48 -6.50 -0.48 4.00
C LEU A 48 -7.29 -1.79 4.03
N SER A 49 -7.51 -2.29 5.24
CA SER A 49 -8.25 -3.53 5.42
C SER A 49 -9.73 -3.22 5.68
N ASP A 50 -10.55 -4.22 5.41
CA ASP A 50 -11.99 -4.07 5.61
C ASP A 50 -12.36 -4.50 7.03
N GLN A 51 -11.35 -4.49 7.89
CA GLN A 51 -11.55 -4.89 9.27
C GLN A 51 -11.36 -3.68 10.20
N PRO A 52 -12.49 -3.22 10.79
CA PRO A 52 -12.47 -2.09 11.69
C PRO A 52 -11.89 -2.48 13.05
N LYS A 53 -11.66 -1.48 13.88
CA LYS A 53 -11.11 -1.72 15.21
C LYS A 53 -12.26 -1.90 16.20
N ALA A 54 -13.25 -1.03 16.09
CA ALA A 54 -14.41 -1.10 16.96
C ALA A 54 -15.65 -1.44 16.15
N GLY A 55 -15.60 -1.06 14.87
CA GLY A 55 -16.72 -1.31 13.97
C GLY A 55 -17.17 -0.02 13.29
N PRO A 56 -18.49 0.27 13.42
CA PRO A 56 -19.07 1.47 12.82
C PRO A 56 -18.68 2.72 13.62
N GLY A 57 -17.84 3.53 13.01
CA GLY A 57 -17.39 4.76 13.65
C GLY A 57 -15.91 4.67 14.02
N SER A 58 -15.33 3.52 13.71
CA SER A 58 -13.92 3.29 14.01
C SER A 58 -13.12 3.20 12.70
N PRO A 59 -11.81 3.55 12.80
CA PRO A 59 -10.93 3.51 11.64
C PRO A 59 -10.56 2.06 11.28
N LEU A 60 -10.41 1.82 9.99
CA LEU A 60 -10.06 0.50 9.50
C LEU A 60 -8.54 0.31 9.63
N ARG A 61 -8.17 -0.77 10.29
CA ARG A 61 -6.77 -1.09 10.49
C ARG A 61 -6.00 -0.89 9.18
N VAL A 62 -4.73 -0.54 9.33
CA VAL A 62 -3.87 -0.32 8.18
C VAL A 62 -2.79 -1.40 8.14
N THR A 63 -2.35 -1.70 6.93
CA THR A 63 -1.32 -2.72 6.74
C THR A 63 -0.21 -2.17 5.85
N HIS A 64 0.96 -1.99 6.46
CA HIS A 64 2.11 -1.48 5.73
C HIS A 64 3.01 -2.64 5.31
N ILE A 65 3.18 -2.79 4.00
CA ILE A 65 4.00 -3.85 3.46
C ILE A 65 5.31 -3.25 2.92
N LYS A 66 6.35 -3.33 3.72
CA LYS A 66 7.64 -2.80 3.33
C LYS A 66 8.11 -3.50 2.05
N VAL A 67 8.81 -2.74 1.23
CA VAL A 67 9.31 -3.28 -0.03
C VAL A 67 10.85 -3.21 -0.03
N MET A 68 11.45 -4.37 -0.22
CA MET A 68 12.90 -4.47 -0.25
C MET A 68 13.43 -4.35 -1.67
N CYS A 69 14.27 -3.35 -1.88
CA CYS A 69 14.86 -3.13 -3.20
C CYS A 69 16.32 -3.55 -3.14
N GLU A 70 16.55 -4.80 -3.54
CA GLU A 70 17.90 -5.34 -3.54
C GLU A 70 18.24 -5.90 -4.92
N GLY A 71 19.33 -5.39 -5.48
CA GLY A 71 19.77 -5.83 -6.79
C GLY A 71 18.75 -5.44 -7.87
N GLY A 72 18.16 -4.28 -7.69
CA GLY A 72 17.18 -3.79 -8.64
C GLY A 72 15.95 -4.69 -8.66
N ARG A 73 15.70 -5.33 -7.52
CA ARG A 73 14.56 -6.23 -7.40
C ARG A 73 13.73 -5.86 -6.17
N TYR A 74 12.43 -5.85 -6.36
CA TYR A 74 11.51 -5.53 -5.27
C TYR A 74 10.87 -6.78 -4.70
N THR A 75 10.76 -6.81 -3.38
CA THR A 75 10.16 -7.95 -2.70
C THR A 75 9.62 -7.52 -1.33
N VAL A 76 8.56 -8.20 -0.91
CA VAL A 76 7.94 -7.90 0.36
C VAL A 76 8.51 -8.84 1.44
N GLY A 77 9.52 -9.59 1.04
CA GLY A 77 10.16 -10.52 1.95
C GLY A 77 9.95 -11.96 1.49
N GLY A 78 9.68 -12.11 0.21
CA GLY A 78 9.45 -13.43 -0.36
C GLY A 78 10.50 -13.75 -1.44
N LEU A 79 10.40 -14.97 -1.96
CA LEU A 79 11.33 -15.41 -2.99
C LEU A 79 11.06 -14.64 -4.28
N GLU A 80 9.78 -14.41 -4.54
CA GLU A 80 9.38 -13.69 -5.74
C GLU A 80 9.87 -12.24 -5.67
N THR A 81 10.19 -11.71 -6.85
CA THR A 81 10.68 -10.35 -6.94
C THR A 81 10.01 -9.63 -8.11
N PHE A 82 10.41 -8.37 -8.30
CA PHE A 82 9.87 -7.57 -9.38
C PHE A 82 10.85 -6.47 -9.79
N ASP A 83 10.70 -6.02 -11.02
CA ASP A 83 11.55 -4.97 -11.55
C ASP A 83 10.87 -3.61 -11.36
N SER A 84 9.55 -3.62 -11.53
CA SER A 84 8.77 -2.41 -11.39
C SER A 84 7.70 -2.60 -10.30
N LEU A 85 7.54 -1.54 -9.50
CA LEU A 85 6.55 -1.59 -8.43
C LEU A 85 5.19 -2.00 -8.99
N THR A 86 5.02 -1.71 -10.28
CA THR A 86 3.77 -2.04 -10.95
C THR A 86 3.61 -3.56 -11.06
N ASP A 87 4.70 -4.20 -11.47
CA ASP A 87 4.70 -5.65 -11.63
C ASP A 87 4.54 -6.30 -10.25
N LEU A 88 4.69 -5.48 -9.23
CA LEU A 88 4.56 -5.97 -7.86
C LEU A 88 3.12 -5.79 -7.39
N VAL A 89 2.65 -4.56 -7.51
CA VAL A 89 1.29 -4.24 -7.09
C VAL A 89 0.30 -5.02 -7.96
N GLU A 90 0.64 -5.16 -9.22
CA GLU A 90 -0.20 -5.89 -10.15
C GLU A 90 -0.09 -7.39 -9.91
N HIS A 91 0.84 -7.75 -9.03
CA HIS A 91 1.05 -9.15 -8.70
C HIS A 91 0.24 -9.52 -7.47
N PHE A 92 0.38 -8.70 -6.43
CA PHE A 92 -0.33 -8.93 -5.19
C PHE A 92 -1.77 -8.41 -5.28
N LYS A 93 -2.05 -7.74 -6.39
CA LYS A 93 -3.38 -7.18 -6.60
C LYS A 93 -4.39 -8.32 -6.71
N LYS A 94 -3.86 -9.53 -6.86
CA LYS A 94 -4.71 -10.70 -6.96
C LYS A 94 -4.39 -11.66 -5.81
N THR A 95 -3.16 -12.16 -5.81
CA THR A 95 -2.73 -13.08 -4.77
C THR A 95 -3.01 -12.49 -3.39
N GLY A 96 -3.03 -11.16 -3.33
CA GLY A 96 -3.28 -10.47 -2.08
C GLY A 96 -2.09 -10.59 -1.13
N ILE A 97 -2.28 -10.10 0.08
CA ILE A 97 -1.24 -10.13 1.09
C ILE A 97 -1.79 -10.77 2.36
N GLU A 98 -0.89 -11.42 3.10
CA GLU A 98 -1.28 -12.07 4.33
C GLU A 98 -0.71 -11.30 5.53
N GLU A 99 -1.61 -10.93 6.43
CA GLU A 99 -1.22 -10.19 7.61
C GLU A 99 -0.58 -11.13 8.65
N ALA A 100 -0.11 -10.54 9.73
CA ALA A 100 0.51 -11.32 10.79
C ALA A 100 -0.57 -11.88 11.70
N SER A 101 -1.75 -11.27 11.65
CA SER A 101 -2.87 -11.71 12.45
C SER A 101 -3.45 -13.00 11.89
N GLY A 102 -3.15 -13.25 10.63
CA GLY A 102 -3.62 -14.44 9.95
C GLY A 102 -4.64 -14.10 8.86
N ALA A 103 -5.19 -12.90 8.97
CA ALA A 103 -6.17 -12.42 8.01
C ALA A 103 -5.45 -11.99 6.73
N PHE A 104 -6.12 -12.21 5.61
CA PHE A 104 -5.55 -11.85 4.32
C PHE A 104 -6.05 -10.46 3.88
N VAL A 105 -5.34 -9.91 2.91
CA VAL A 105 -5.69 -8.60 2.39
C VAL A 105 -5.67 -8.64 0.86
N TYR A 106 -6.27 -7.62 0.26
CA TYR A 106 -6.31 -7.52 -1.19
C TYR A 106 -6.36 -6.06 -1.64
N LEU A 107 -5.78 -5.82 -2.81
CA LEU A 107 -5.76 -4.48 -3.37
C LEU A 107 -6.85 -4.35 -4.43
N ARG A 108 -7.99 -3.82 -4.00
CA ARG A 108 -9.10 -3.63 -4.90
C ARG A 108 -8.93 -2.34 -5.72
N GLN A 109 -8.31 -1.36 -5.07
CA GLN A 109 -8.08 -0.08 -5.71
C GLN A 109 -7.06 0.74 -4.92
N PRO A 110 -6.30 1.59 -5.67
CA PRO A 110 -5.29 2.42 -5.03
C PRO A 110 -5.92 3.58 -4.28
N TYR A 111 -5.18 4.10 -3.32
CA TYR A 111 -5.66 5.21 -2.51
C TYR A 111 -5.97 6.43 -3.39
N TYR A 112 -5.11 6.65 -4.36
CA TYR A 112 -5.27 7.78 -5.27
C TYR A 112 -5.53 9.08 -4.51
N SER A 113 -4.49 9.88 -4.41
CA SER A 113 -4.58 11.15 -3.71
C SER A 113 -4.93 12.27 -4.69
N GLY A 114 -4.25 12.24 -5.83
CA GLY A 114 -4.47 13.24 -6.86
C GLY A 114 -3.16 13.59 -7.59
N PRO A 115 -3.24 13.57 -8.94
CA PRO A 115 -2.07 13.88 -9.75
C PRO A 115 -1.78 15.39 -9.74
N SER A 116 -0.49 15.71 -9.74
CA SER A 116 -0.07 17.10 -9.73
C SER A 116 -0.53 17.78 -8.45
N SER A 117 0.42 18.35 -7.74
CA SER A 117 0.12 19.04 -6.49
C SER A 117 1.40 19.64 -5.90
N GLY A 118 2.38 18.77 -5.66
CA GLY A 118 3.64 19.20 -5.11
C GLY A 118 4.81 18.72 -5.96
N GLY A 1 -6.93 9.76 -19.99
CA GLY A 1 -5.59 10.25 -19.73
C GLY A 1 -5.12 9.85 -18.33
N SER A 2 -3.85 10.09 -18.08
CA SER A 2 -3.26 9.76 -16.78
C SER A 2 -3.21 8.24 -16.61
N SER A 3 -4.39 7.65 -16.46
CA SER A 3 -4.49 6.21 -16.29
C SER A 3 -3.58 5.50 -17.30
N GLY A 4 -3.01 4.40 -16.84
CA GLY A 4 -2.12 3.61 -17.69
C GLY A 4 -1.27 2.65 -16.85
N SER A 5 0.02 2.91 -16.84
CA SER A 5 0.94 2.07 -16.09
C SER A 5 0.53 2.04 -14.61
N SER A 6 0.39 3.22 -14.05
CA SER A 6 0.01 3.34 -12.65
C SER A 6 0.01 4.82 -12.23
N GLY A 7 -0.21 5.03 -10.94
CA GLY A 7 -0.24 6.38 -10.40
C GLY A 7 -0.70 6.38 -8.94
N TRP A 8 -0.11 5.48 -8.16
CA TRP A 8 -0.45 5.37 -6.76
C TRP A 8 0.71 5.94 -5.94
N TYR A 9 1.89 5.90 -6.55
CA TYR A 9 3.08 6.42 -5.89
C TYR A 9 2.88 7.86 -5.43
N HIS A 10 2.62 8.02 -4.14
CA HIS A 10 2.41 9.34 -3.57
C HIS A 10 3.75 10.07 -3.47
N GLY A 11 4.82 9.28 -3.41
CA GLY A 11 6.15 9.84 -3.29
C GLY A 11 6.73 9.64 -1.90
N HIS A 12 7.27 10.72 -1.35
CA HIS A 12 7.85 10.66 -0.01
C HIS A 12 6.77 10.96 1.02
N MET A 13 5.98 9.94 1.33
CA MET A 13 4.92 10.08 2.31
C MET A 13 5.32 9.48 3.66
N SER A 14 4.77 10.06 4.71
CA SER A 14 5.06 9.59 6.05
C SER A 14 4.10 8.47 6.44
N GLY A 15 4.68 7.36 6.87
CA GLY A 15 3.88 6.21 7.27
C GLY A 15 2.64 6.65 8.05
N GLY A 16 2.89 7.25 9.20
CA GLY A 16 1.81 7.72 10.05
C GLY A 16 0.73 8.42 9.23
N GLN A 17 1.17 9.12 8.19
CA GLN A 17 0.27 9.84 7.32
C GLN A 17 -0.63 8.84 6.57
N ALA A 18 0.01 8.04 5.74
CA ALA A 18 -0.71 7.05 4.95
C ALA A 18 -1.84 6.45 5.81
N GLU A 19 -1.46 6.01 7.00
CA GLU A 19 -2.42 5.42 7.92
C GLU A 19 -3.68 6.30 8.01
N THR A 20 -3.45 7.57 8.31
CA THR A 20 -4.54 8.52 8.44
C THR A 20 -5.19 8.76 7.08
N LEU A 21 -4.34 8.88 6.06
CA LEU A 21 -4.82 9.11 4.71
C LEU A 21 -5.77 7.99 4.30
N LEU A 22 -5.24 6.76 4.37
CA LEU A 22 -6.03 5.60 4.02
C LEU A 22 -7.33 5.59 4.82
N GLN A 23 -7.21 5.90 6.10
CA GLN A 23 -8.36 5.93 6.98
C GLN A 23 -9.32 7.04 6.55
N ALA A 24 -8.75 8.23 6.35
CA ALA A 24 -9.55 9.37 5.94
C ALA A 24 -10.52 8.94 4.85
N LYS A 25 -10.03 8.08 3.96
CA LYS A 25 -10.86 7.59 2.87
C LYS A 25 -11.81 6.52 3.40
N GLY A 26 -11.24 5.53 4.06
CA GLY A 26 -12.02 4.45 4.63
C GLY A 26 -12.22 3.33 3.60
N GLU A 27 -11.80 3.61 2.39
CA GLU A 27 -11.93 2.63 1.31
C GLU A 27 -11.23 1.33 1.69
N PRO A 28 -12.06 0.26 1.81
CA PRO A 28 -11.53 -1.05 2.17
C PRO A 28 -10.81 -1.70 0.99
N TRP A 29 -9.59 -2.14 1.25
CA TRP A 29 -8.78 -2.77 0.22
C TRP A 29 -8.19 -1.67 -0.65
N THR A 30 -7.60 -0.67 0.01
CA THR A 30 -6.99 0.44 -0.70
C THR A 30 -5.49 0.49 -0.41
N PHE A 31 -4.71 0.32 -1.47
CA PHE A 31 -3.26 0.34 -1.34
C PHE A 31 -2.68 1.64 -1.90
N LEU A 32 -1.41 1.87 -1.61
CA LEU A 32 -0.73 3.06 -2.08
C LEU A 32 0.78 2.89 -1.90
N VAL A 33 1.52 3.35 -2.89
CA VAL A 33 2.97 3.26 -2.85
C VAL A 33 3.55 4.59 -2.36
N ARG A 34 4.47 4.47 -1.41
CA ARG A 34 5.11 5.65 -0.85
C ARG A 34 6.56 5.34 -0.48
N GLU A 35 7.32 6.40 -0.24
CA GLU A 35 8.72 6.25 0.11
C GLU A 35 8.87 6.13 1.62
N SER A 36 9.77 5.24 2.03
CA SER A 36 10.02 5.02 3.44
C SER A 36 10.93 6.13 3.99
N LEU A 37 10.46 6.74 5.07
CA LEU A 37 11.22 7.80 5.71
C LEU A 37 12.34 7.20 6.56
N SER A 38 11.99 6.14 7.27
CA SER A 38 12.95 5.46 8.12
C SER A 38 13.99 4.74 7.26
N GLN A 39 13.58 4.38 6.06
CA GLN A 39 14.46 3.68 5.14
C GLN A 39 14.50 4.41 3.79
N PRO A 40 15.54 5.28 3.65
CA PRO A 40 15.71 6.05 2.42
C PRO A 40 16.24 5.16 1.30
N GLY A 41 15.40 4.93 0.30
CA GLY A 41 15.78 4.11 -0.83
C GLY A 41 14.75 3.00 -1.07
N ASP A 42 14.05 2.65 0.00
CA ASP A 42 13.04 1.60 -0.08
C ASP A 42 11.67 2.25 -0.27
N PHE A 43 10.64 1.41 -0.18
CA PHE A 43 9.28 1.89 -0.34
C PHE A 43 8.32 1.13 0.59
N VAL A 44 7.22 1.80 0.92
CA VAL A 44 6.23 1.20 1.80
C VAL A 44 4.92 1.06 1.04
N LEU A 45 4.19 -0.02 1.36
CA LEU A 45 2.91 -0.28 0.72
C LEU A 45 1.83 -0.39 1.78
N SER A 46 1.10 0.71 1.96
CA SER A 46 0.04 0.75 2.94
C SER A 46 -1.29 0.36 2.29
N VAL A 47 -1.87 -0.72 2.77
CA VAL A 47 -3.13 -1.21 2.25
C VAL A 47 -4.20 -1.16 3.35
N LEU A 48 -5.36 -0.64 2.98
CA LEU A 48 -6.45 -0.52 3.93
C LEU A 48 -7.23 -1.84 3.95
N SER A 49 -7.48 -2.32 5.16
CA SER A 49 -8.20 -3.57 5.34
C SER A 49 -9.66 -3.28 5.71
N ASP A 50 -10.50 -4.27 5.50
CA ASP A 50 -11.92 -4.14 5.81
C ASP A 50 -12.17 -4.60 7.25
N GLN A 51 -11.10 -4.59 8.04
CA GLN A 51 -11.19 -5.01 9.43
C GLN A 51 -11.03 -3.79 10.35
N PRO A 52 -12.18 -3.41 10.99
CA PRO A 52 -12.17 -2.28 11.90
C PRO A 52 -11.51 -2.63 13.23
N LYS A 53 -11.34 -1.63 14.07
CA LYS A 53 -10.73 -1.82 15.36
C LYS A 53 -11.82 -2.04 16.42
N ALA A 54 -12.85 -1.21 16.33
CA ALA A 54 -13.96 -1.31 17.26
C ALA A 54 -15.22 -1.75 16.52
N GLY A 55 -15.25 -1.43 15.23
CA GLY A 55 -16.38 -1.80 14.39
C GLY A 55 -16.97 -0.56 13.70
N PRO A 56 -18.29 -0.37 13.91
CA PRO A 56 -18.98 0.76 13.32
C PRO A 56 -18.65 2.06 14.06
N GLY A 57 -17.91 2.92 13.37
CA GLY A 57 -17.52 4.19 13.95
C GLY A 57 -16.03 4.21 14.27
N SER A 58 -15.36 3.11 13.93
CA SER A 58 -13.94 2.98 14.17
C SER A 58 -13.18 2.93 12.85
N PRO A 59 -11.91 3.40 12.89
CA PRO A 59 -11.07 3.41 11.70
C PRO A 59 -10.57 2.00 11.38
N LEU A 60 -10.51 1.71 10.08
CA LEU A 60 -10.06 0.41 9.63
C LEU A 60 -8.53 0.33 9.74
N ARG A 61 -8.07 -0.70 10.42
CA ARG A 61 -6.63 -0.89 10.59
C ARG A 61 -5.90 -0.67 9.28
N VAL A 62 -4.59 -0.53 9.38
CA VAL A 62 -3.76 -0.31 8.21
C VAL A 62 -2.64 -1.36 8.18
N THR A 63 -2.23 -1.71 6.96
CA THR A 63 -1.19 -2.70 6.79
C THR A 63 -0.08 -2.14 5.89
N HIS A 64 1.12 -2.03 6.45
CA HIS A 64 2.25 -1.52 5.71
C HIS A 64 3.10 -2.69 5.20
N ILE A 65 3.12 -2.82 3.87
CA ILE A 65 3.89 -3.89 3.25
C ILE A 65 5.20 -3.32 2.71
N LYS A 66 6.23 -3.40 3.53
CA LYS A 66 7.54 -2.90 3.14
C LYS A 66 7.99 -3.59 1.86
N VAL A 67 8.65 -2.82 1.01
CA VAL A 67 9.13 -3.35 -0.26
C VAL A 67 10.66 -3.25 -0.29
N MET A 68 11.29 -4.41 -0.17
CA MET A 68 12.74 -4.47 -0.18
C MET A 68 13.28 -4.43 -1.62
N CYS A 69 14.18 -3.49 -1.85
CA CYS A 69 14.78 -3.33 -3.17
C CYS A 69 16.24 -3.76 -3.08
N GLU A 70 16.47 -5.03 -3.40
CA GLU A 70 17.82 -5.57 -3.37
C GLU A 70 18.14 -6.27 -4.69
N GLY A 71 19.32 -5.97 -5.22
CA GLY A 71 19.77 -6.56 -6.47
C GLY A 71 18.86 -6.13 -7.62
N GLY A 72 18.36 -4.91 -7.52
CA GLY A 72 17.49 -4.35 -8.54
C GLY A 72 16.17 -5.13 -8.61
N ARG A 73 15.83 -5.75 -7.49
CA ARG A 73 14.61 -6.53 -7.40
C ARG A 73 13.77 -6.09 -6.19
N TYR A 74 12.47 -6.09 -6.38
CA TYR A 74 11.56 -5.69 -5.32
C TYR A 74 10.87 -6.91 -4.70
N THR A 75 10.74 -6.88 -3.39
CA THR A 75 10.10 -7.97 -2.67
C THR A 75 9.53 -7.48 -1.34
N VAL A 76 8.47 -8.14 -0.90
CA VAL A 76 7.83 -7.78 0.34
C VAL A 76 8.41 -8.64 1.48
N GLY A 77 9.44 -9.38 1.14
CA GLY A 77 10.09 -10.24 2.12
C GLY A 77 9.95 -11.72 1.73
N GLY A 78 9.39 -11.93 0.56
CA GLY A 78 9.18 -13.29 0.06
C GLY A 78 10.20 -13.63 -1.04
N LEU A 79 10.15 -14.88 -1.47
CA LEU A 79 11.05 -15.35 -2.50
C LEU A 79 10.78 -14.59 -3.80
N GLU A 80 9.50 -14.54 -4.15
CA GLU A 80 9.08 -13.85 -5.35
C GLU A 80 9.59 -12.41 -5.36
N THR A 81 10.03 -11.97 -6.52
CA THR A 81 10.55 -10.63 -6.67
C THR A 81 9.92 -9.93 -7.87
N PHE A 82 10.38 -8.72 -8.13
CA PHE A 82 9.87 -7.94 -9.25
C PHE A 82 10.89 -6.91 -9.72
N ASP A 83 10.66 -6.39 -10.91
CA ASP A 83 11.55 -5.40 -11.48
C ASP A 83 10.92 -4.01 -11.33
N SER A 84 9.61 -3.97 -11.46
CA SER A 84 8.88 -2.72 -11.34
C SER A 84 7.82 -2.83 -10.24
N LEU A 85 7.67 -1.76 -9.49
CA LEU A 85 6.70 -1.73 -8.41
C LEU A 85 5.33 -2.16 -8.95
N THR A 86 5.08 -1.79 -10.19
CA THR A 86 3.82 -2.13 -10.84
C THR A 86 3.63 -3.64 -10.87
N ASP A 87 4.68 -4.33 -11.29
CA ASP A 87 4.64 -5.79 -11.38
C ASP A 87 4.50 -6.37 -9.96
N LEU A 88 4.81 -5.53 -8.98
CA LEU A 88 4.72 -5.95 -7.59
C LEU A 88 3.29 -5.75 -7.09
N VAL A 89 2.75 -4.58 -7.39
CA VAL A 89 1.40 -4.26 -6.97
C VAL A 89 0.40 -5.08 -7.81
N GLU A 90 0.69 -5.14 -9.10
CA GLU A 90 -0.17 -5.88 -10.02
C GLU A 90 -0.06 -7.39 -9.74
N HIS A 91 0.87 -7.73 -8.85
CA HIS A 91 1.09 -9.12 -8.51
C HIS A 91 0.18 -9.50 -7.34
N PHE A 92 0.29 -8.75 -6.26
CA PHE A 92 -0.51 -8.99 -5.07
C PHE A 92 -1.92 -8.41 -5.24
N LYS A 93 -2.09 -7.68 -6.32
CA LYS A 93 -3.39 -7.07 -6.61
C LYS A 93 -4.43 -8.16 -6.79
N LYS A 94 -3.95 -9.38 -6.95
CA LYS A 94 -4.84 -10.52 -7.13
C LYS A 94 -4.62 -11.52 -5.98
N THR A 95 -3.42 -12.07 -5.94
CA THR A 95 -3.07 -13.03 -4.91
C THR A 95 -3.37 -12.46 -3.52
N GLY A 96 -3.15 -11.16 -3.40
CA GLY A 96 -3.39 -10.48 -2.14
C GLY A 96 -2.22 -10.68 -1.16
N ILE A 97 -2.29 -9.98 -0.04
CA ILE A 97 -1.25 -10.08 0.96
C ILE A 97 -1.80 -10.79 2.20
N GLU A 98 -0.92 -11.47 2.91
CA GLU A 98 -1.30 -12.20 4.10
C GLU A 98 -0.78 -11.47 5.35
N GLU A 99 -1.68 -11.28 6.30
CA GLU A 99 -1.34 -10.61 7.54
C GLU A 99 -0.64 -11.58 8.50
N ALA A 100 -0.30 -11.07 9.67
CA ALA A 100 0.37 -11.88 10.68
C ALA A 100 -0.68 -12.49 11.61
N SER A 101 -1.93 -12.14 11.35
CA SER A 101 -3.03 -12.64 12.16
C SER A 101 -3.71 -13.81 11.45
N GLY A 102 -3.26 -14.05 10.23
CA GLY A 102 -3.82 -15.14 9.43
C GLY A 102 -4.78 -14.59 8.37
N ALA A 103 -5.23 -13.37 8.59
CA ALA A 103 -6.15 -12.72 7.67
C ALA A 103 -5.39 -12.27 6.43
N PHE A 104 -6.12 -12.18 5.33
CA PHE A 104 -5.53 -11.75 4.07
C PHE A 104 -6.03 -10.36 3.66
N VAL A 105 -5.29 -9.74 2.78
CA VAL A 105 -5.64 -8.41 2.29
C VAL A 105 -5.50 -8.37 0.77
N TYR A 106 -6.38 -7.58 0.15
CA TYR A 106 -6.35 -7.44 -1.30
C TYR A 106 -6.39 -5.96 -1.71
N LEU A 107 -5.82 -5.70 -2.87
CA LEU A 107 -5.79 -4.34 -3.39
C LEU A 107 -6.86 -4.17 -4.46
N ARG A 108 -7.98 -3.59 -4.04
CA ARG A 108 -9.09 -3.37 -4.95
C ARG A 108 -8.87 -2.10 -5.77
N GLN A 109 -8.30 -1.09 -5.10
CA GLN A 109 -8.03 0.17 -5.76
C GLN A 109 -7.00 0.97 -4.95
N PRO A 110 -6.18 1.76 -5.69
CA PRO A 110 -5.16 2.58 -5.05
C PRO A 110 -5.78 3.81 -4.38
N TYR A 111 -4.93 4.57 -3.71
CA TYR A 111 -5.37 5.77 -3.03
C TYR A 111 -4.80 7.03 -3.70
N TYR A 112 -5.57 8.10 -3.61
CA TYR A 112 -5.15 9.37 -4.20
C TYR A 112 -5.08 10.47 -3.13
N SER A 113 -4.42 11.55 -3.49
CA SER A 113 -4.28 12.68 -2.58
C SER A 113 -4.30 14.00 -3.36
N GLY A 114 -5.27 14.83 -3.03
CA GLY A 114 -5.41 16.12 -3.70
C GLY A 114 -4.64 17.21 -2.95
N PRO A 115 -4.01 18.11 -3.74
CA PRO A 115 -3.25 19.21 -3.17
C PRO A 115 -4.17 20.29 -2.60
N SER A 116 -3.79 20.79 -1.44
CA SER A 116 -4.56 21.83 -0.78
C SER A 116 -3.80 23.15 -0.77
N SER A 117 -4.33 24.11 -1.50
CA SER A 117 -3.70 25.42 -1.60
C SER A 117 -4.51 26.32 -2.53
N GLY A 118 -4.52 27.61 -2.19
CA GLY A 118 -5.25 28.58 -2.99
C GLY A 118 -4.85 30.01 -2.61
N GLY A 1 -3.18 1.75 -21.44
CA GLY A 1 -2.34 2.94 -21.60
C GLY A 1 -1.26 2.71 -22.66
N SER A 2 -0.49 3.76 -22.89
CA SER A 2 0.59 3.69 -23.88
C SER A 2 1.93 3.96 -23.21
N SER A 3 1.96 5.04 -22.41
CA SER A 3 3.16 5.41 -21.71
C SER A 3 2.94 5.30 -20.20
N GLY A 4 1.86 5.91 -19.74
CA GLY A 4 1.53 5.88 -18.33
C GLY A 4 0.76 4.61 -17.97
N SER A 5 0.48 4.46 -16.68
CA SER A 5 -0.25 3.31 -16.20
C SER A 5 -0.47 3.42 -14.69
N SER A 6 0.63 3.46 -13.96
CA SER A 6 0.57 3.56 -12.52
C SER A 6 0.27 5.00 -12.11
N GLY A 7 -0.32 5.15 -10.94
CA GLY A 7 -0.67 6.47 -10.42
C GLY A 7 -1.07 6.39 -8.95
N TRP A 8 -0.43 5.48 -8.23
CA TRP A 8 -0.71 5.29 -6.82
C TRP A 8 0.47 5.88 -6.02
N TYR A 9 1.62 5.90 -6.66
CA TYR A 9 2.82 6.41 -6.04
C TYR A 9 2.61 7.85 -5.56
N HIS A 10 2.49 8.00 -4.25
CA HIS A 10 2.28 9.31 -3.66
C HIS A 10 3.62 10.05 -3.57
N GLY A 11 4.67 9.27 -3.42
CA GLY A 11 6.02 9.84 -3.32
C GLY A 11 6.55 9.74 -1.89
N HIS A 12 6.90 10.90 -1.35
CA HIS A 12 7.41 10.96 0.01
C HIS A 12 6.26 11.13 1.00
N MET A 13 5.74 9.99 1.46
CA MET A 13 4.64 10.01 2.41
C MET A 13 5.08 9.47 3.77
N SER A 14 4.59 10.11 4.81
CA SER A 14 4.92 9.71 6.17
C SER A 14 4.01 8.57 6.61
N GLY A 15 4.65 7.49 7.06
CA GLY A 15 3.90 6.32 7.51
C GLY A 15 2.65 6.73 8.29
N GLY A 16 2.88 7.39 9.41
CA GLY A 16 1.79 7.84 10.25
C GLY A 16 0.70 8.51 9.42
N GLN A 17 1.14 9.16 8.35
CA GLN A 17 0.21 9.85 7.46
C GLN A 17 -0.64 8.84 6.70
N ALA A 18 0.02 8.06 5.86
CA ALA A 18 -0.67 7.05 5.07
C ALA A 18 -1.78 6.41 5.92
N GLU A 19 -1.39 5.96 7.10
CA GLU A 19 -2.34 5.34 8.01
C GLU A 19 -3.60 6.20 8.13
N THR A 20 -3.39 7.47 8.38
CA THR A 20 -4.49 8.40 8.52
C THR A 20 -5.17 8.65 7.17
N LEU A 21 -4.32 8.80 6.15
CA LEU A 21 -4.81 9.04 4.80
C LEU A 21 -5.74 7.89 4.39
N LEU A 22 -5.21 6.68 4.43
CA LEU A 22 -5.97 5.51 4.07
C LEU A 22 -7.29 5.51 4.86
N GLN A 23 -7.20 5.91 6.11
CA GLN A 23 -8.37 5.96 6.97
C GLN A 23 -9.30 7.08 6.54
N ALA A 24 -8.72 8.25 6.32
CA ALA A 24 -9.47 9.41 5.90
C ALA A 24 -10.45 9.00 4.79
N LYS A 25 -9.96 8.13 3.92
CA LYS A 25 -10.77 7.65 2.81
C LYS A 25 -11.77 6.62 3.32
N GLY A 26 -11.24 5.60 3.98
CA GLY A 26 -12.06 4.54 4.52
C GLY A 26 -12.24 3.40 3.51
N GLU A 27 -11.76 3.66 2.31
CA GLU A 27 -11.87 2.67 1.24
C GLU A 27 -11.19 1.36 1.66
N PRO A 28 -12.01 0.29 1.74
CA PRO A 28 -11.50 -1.02 2.14
C PRO A 28 -10.73 -1.66 0.98
N TRP A 29 -9.55 -2.16 1.32
CA TRP A 29 -8.70 -2.81 0.33
C TRP A 29 -8.07 -1.72 -0.54
N THR A 30 -7.69 -0.63 0.11
CA THR A 30 -7.08 0.49 -0.60
C THR A 30 -5.58 0.53 -0.34
N PHE A 31 -4.82 0.35 -1.41
CA PHE A 31 -3.37 0.37 -1.31
C PHE A 31 -2.80 1.65 -1.91
N LEU A 32 -1.51 1.86 -1.66
CA LEU A 32 -0.83 3.04 -2.16
C LEU A 32 0.68 2.86 -2.00
N VAL A 33 1.40 3.30 -3.02
CA VAL A 33 2.86 3.18 -3.01
C VAL A 33 3.46 4.50 -2.52
N ARG A 34 4.40 4.38 -1.60
CA ARG A 34 5.06 5.55 -1.06
C ARG A 34 6.53 5.24 -0.75
N GLU A 35 7.37 6.26 -0.88
CA GLU A 35 8.78 6.11 -0.62
C GLU A 35 9.04 6.00 0.89
N SER A 36 9.92 5.07 1.24
CA SER A 36 10.27 4.85 2.63
C SER A 36 11.19 5.97 3.12
N LEU A 37 10.78 6.59 4.22
CA LEU A 37 11.56 7.66 4.80
C LEU A 37 12.64 7.07 5.72
N SER A 38 12.27 6.01 6.41
CA SER A 38 13.20 5.35 7.31
C SER A 38 14.21 4.53 6.51
N GLN A 39 13.87 4.27 5.25
CA GLN A 39 14.73 3.50 4.38
C GLN A 39 14.84 4.18 3.02
N PRO A 40 16.02 4.82 2.78
CA PRO A 40 16.27 5.51 1.52
C PRO A 40 16.53 4.51 0.39
N GLY A 41 15.60 4.48 -0.56
CA GLY A 41 15.73 3.58 -1.70
C GLY A 41 14.57 2.59 -1.73
N ASP A 42 14.17 2.14 -0.55
CA ASP A 42 13.07 1.20 -0.43
C ASP A 42 11.75 1.93 -0.57
N PHE A 43 10.66 1.19 -0.40
CA PHE A 43 9.33 1.77 -0.49
C PHE A 43 8.36 1.07 0.46
N VAL A 44 7.25 1.74 0.72
CA VAL A 44 6.24 1.20 1.62
C VAL A 44 4.92 1.06 0.85
N LEU A 45 4.17 0.04 1.23
CA LEU A 45 2.90 -0.23 0.59
C LEU A 45 1.81 -0.35 1.67
N SER A 46 1.11 0.75 1.89
CA SER A 46 0.06 0.77 2.89
C SER A 46 -1.28 0.39 2.24
N VAL A 47 -1.88 -0.66 2.79
CA VAL A 47 -3.15 -1.14 2.27
C VAL A 47 -4.21 -1.08 3.39
N LEU A 48 -5.38 -0.60 3.03
CA LEU A 48 -6.47 -0.48 3.99
C LEU A 48 -7.25 -1.80 4.02
N SER A 49 -7.47 -2.29 5.23
CA SER A 49 -8.20 -3.53 5.42
C SER A 49 -9.69 -3.23 5.64
N ASP A 50 -10.49 -4.27 5.47
CA ASP A 50 -11.93 -4.14 5.66
C ASP A 50 -12.31 -4.59 7.07
N GLN A 51 -11.31 -4.53 7.96
CA GLN A 51 -11.52 -4.92 9.34
C GLN A 51 -11.32 -3.73 10.27
N PRO A 52 -12.42 -3.29 10.91
CA PRO A 52 -12.37 -2.16 11.83
C PRO A 52 -11.72 -2.56 13.15
N LYS A 53 -11.41 -1.55 13.95
CA LYS A 53 -10.79 -1.79 15.24
C LYS A 53 -11.87 -1.77 16.33
N ALA A 54 -12.80 -0.85 16.18
CA ALA A 54 -13.88 -0.72 17.14
C ALA A 54 -15.22 -0.83 16.40
N GLY A 55 -15.23 -1.65 15.37
CA GLY A 55 -16.43 -1.85 14.57
C GLY A 55 -16.82 -0.58 13.84
N PRO A 56 -18.14 -0.25 13.90
CA PRO A 56 -18.65 0.94 13.24
C PRO A 56 -18.27 2.20 14.01
N GLY A 57 -17.84 3.21 13.26
CA GLY A 57 -17.44 4.47 13.87
C GLY A 57 -15.93 4.52 14.10
N SER A 58 -15.29 3.38 13.88
CA SER A 58 -13.86 3.28 14.05
C SER A 58 -13.18 3.10 12.69
N PRO A 59 -11.89 3.55 12.63
CA PRO A 59 -11.12 3.44 11.40
C PRO A 59 -10.67 2.00 11.16
N LEU A 60 -10.51 1.66 9.89
CA LEU A 60 -10.08 0.33 9.52
C LEU A 60 -8.56 0.23 9.64
N ARG A 61 -8.13 -0.83 10.31
CA ARG A 61 -6.70 -1.05 10.52
C ARG A 61 -5.94 -0.83 9.20
N VAL A 62 -4.67 -0.48 9.34
CA VAL A 62 -3.83 -0.25 8.18
C VAL A 62 -2.73 -1.32 8.13
N THR A 63 -2.32 -1.63 6.91
CA THR A 63 -1.28 -2.62 6.71
C THR A 63 -0.20 -2.09 5.76
N HIS A 64 1.02 -2.03 6.27
CA HIS A 64 2.14 -1.54 5.49
C HIS A 64 2.98 -2.73 5.01
N ILE A 65 3.06 -2.87 3.70
CA ILE A 65 3.83 -3.95 3.10
C ILE A 65 5.20 -3.41 2.66
N LYS A 66 6.16 -3.53 3.56
CA LYS A 66 7.50 -3.06 3.27
C LYS A 66 8.00 -3.71 1.97
N VAL A 67 8.78 -2.94 1.24
CA VAL A 67 9.33 -3.42 -0.02
C VAL A 67 10.86 -3.42 0.05
N MET A 68 11.43 -4.60 -0.14
CA MET A 68 12.88 -4.75 -0.10
C MET A 68 13.48 -4.63 -1.50
N CYS A 69 14.35 -3.65 -1.66
CA CYS A 69 15.00 -3.42 -2.94
C CYS A 69 16.37 -4.10 -2.90
N GLU A 70 16.42 -5.29 -3.45
CA GLU A 70 17.66 -6.05 -3.49
C GLU A 70 17.99 -6.45 -4.93
N GLY A 71 19.17 -6.03 -5.37
CA GLY A 71 19.62 -6.34 -6.72
C GLY A 71 18.67 -5.75 -7.75
N GLY A 72 18.20 -4.54 -7.46
CA GLY A 72 17.29 -3.86 -8.36
C GLY A 72 15.94 -4.59 -8.43
N ARG A 73 15.74 -5.49 -7.50
CA ARG A 73 14.51 -6.26 -7.44
C ARG A 73 13.75 -5.95 -6.16
N TYR A 74 12.43 -5.82 -6.30
CA TYR A 74 11.59 -5.52 -5.17
C TYR A 74 10.91 -6.79 -4.63
N THR A 75 10.80 -6.86 -3.31
CA THR A 75 10.19 -8.01 -2.67
C THR A 75 9.63 -7.61 -1.30
N VAL A 76 8.51 -8.23 -0.96
CA VAL A 76 7.87 -7.95 0.32
C VAL A 76 8.44 -8.88 1.39
N GLY A 77 9.46 -9.62 0.99
CA GLY A 77 10.11 -10.55 1.90
C GLY A 77 9.95 -11.99 1.43
N GLY A 78 9.37 -12.12 0.25
CA GLY A 78 9.14 -13.44 -0.34
C GLY A 78 10.21 -13.76 -1.38
N LEU A 79 10.13 -14.98 -1.90
CA LEU A 79 11.08 -15.43 -2.90
C LEU A 79 10.84 -14.66 -4.20
N GLU A 80 9.57 -14.43 -4.50
CA GLU A 80 9.19 -13.71 -5.70
C GLU A 80 9.73 -12.28 -5.66
N THR A 81 10.01 -11.76 -6.83
CA THR A 81 10.53 -10.40 -6.94
C THR A 81 9.85 -9.65 -8.09
N PHE A 82 10.33 -8.44 -8.34
CA PHE A 82 9.78 -7.62 -9.40
C PHE A 82 10.78 -6.56 -9.85
N ASP A 83 10.62 -6.13 -11.10
CA ASP A 83 11.50 -5.12 -11.65
C ASP A 83 10.93 -3.73 -11.38
N SER A 84 9.61 -3.66 -11.38
CA SER A 84 8.92 -2.40 -11.13
C SER A 84 7.82 -2.61 -10.08
N LEU A 85 7.57 -1.54 -9.33
CA LEU A 85 6.55 -1.59 -8.29
C LEU A 85 5.21 -1.99 -8.92
N THR A 86 5.03 -1.61 -10.17
CA THR A 86 3.82 -1.92 -10.88
C THR A 86 3.62 -3.43 -10.98
N ASP A 87 4.69 -4.11 -11.40
CA ASP A 87 4.65 -5.55 -11.54
C ASP A 87 4.52 -6.19 -10.16
N LEU A 88 4.76 -5.38 -9.14
CA LEU A 88 4.68 -5.85 -7.78
C LEU A 88 3.24 -5.66 -7.26
N VAL A 89 2.74 -4.45 -7.43
CA VAL A 89 1.39 -4.13 -7.00
C VAL A 89 0.38 -4.95 -7.81
N GLU A 90 0.69 -5.10 -9.09
CA GLU A 90 -0.17 -5.84 -9.98
C GLU A 90 -0.06 -7.35 -9.70
N HIS A 91 0.90 -7.68 -8.85
CA HIS A 91 1.12 -9.07 -8.48
C HIS A 91 0.25 -9.43 -7.27
N PHE A 92 0.37 -8.61 -6.23
CA PHE A 92 -0.40 -8.83 -5.03
C PHE A 92 -1.82 -8.27 -5.17
N LYS A 93 -2.04 -7.59 -6.28
CA LYS A 93 -3.35 -7.01 -6.55
C LYS A 93 -4.38 -8.13 -6.69
N LYS A 94 -3.87 -9.34 -6.87
CA LYS A 94 -4.74 -10.50 -7.01
C LYS A 94 -4.47 -11.48 -5.86
N THR A 95 -3.26 -11.99 -5.84
CA THR A 95 -2.86 -12.94 -4.81
C THR A 95 -3.15 -12.36 -3.43
N GLY A 96 -2.93 -11.05 -3.31
CA GLY A 96 -3.15 -10.37 -2.05
C GLY A 96 -1.97 -10.55 -1.10
N ILE A 97 -2.15 -10.08 0.12
CA ILE A 97 -1.10 -10.19 1.12
C ILE A 97 -1.67 -10.84 2.39
N GLU A 98 -0.79 -11.49 3.12
CA GLU A 98 -1.19 -12.16 4.36
C GLU A 98 -0.61 -11.43 5.57
N GLU A 99 -1.50 -11.04 6.46
CA GLU A 99 -1.09 -10.34 7.67
C GLU A 99 -0.47 -11.32 8.67
N ALA A 100 0.08 -10.76 9.74
CA ALA A 100 0.72 -11.57 10.77
C ALA A 100 -0.37 -12.16 11.67
N SER A 101 -1.55 -11.55 11.61
CA SER A 101 -2.67 -12.01 12.41
C SER A 101 -3.28 -13.27 11.79
N GLY A 102 -2.91 -13.51 10.53
CA GLY A 102 -3.42 -14.67 9.82
C GLY A 102 -4.48 -14.26 8.79
N ALA A 103 -4.87 -13.00 8.87
CA ALA A 103 -5.87 -12.47 7.95
C ALA A 103 -5.18 -12.05 6.65
N PHE A 104 -5.93 -12.17 5.56
CA PHE A 104 -5.41 -11.81 4.25
C PHE A 104 -5.89 -10.42 3.84
N VAL A 105 -5.19 -9.85 2.87
CA VAL A 105 -5.53 -8.53 2.38
C VAL A 105 -5.45 -8.51 0.85
N TYR A 106 -6.16 -7.57 0.26
CA TYR A 106 -6.16 -7.44 -1.20
C TYR A 106 -6.18 -5.97 -1.61
N LEU A 107 -5.57 -5.70 -2.76
CA LEU A 107 -5.51 -4.35 -3.27
C LEU A 107 -6.55 -4.18 -4.37
N ARG A 108 -7.75 -3.79 -3.95
CA ARG A 108 -8.84 -3.59 -4.88
C ARG A 108 -8.61 -2.33 -5.71
N GLN A 109 -8.42 -1.23 -5.02
CA GLN A 109 -8.19 0.05 -5.67
C GLN A 109 -7.13 0.86 -4.92
N PRO A 110 -6.35 1.65 -5.70
CA PRO A 110 -5.30 2.47 -5.11
C PRO A 110 -5.89 3.68 -4.40
N TYR A 111 -5.01 4.44 -3.76
CA TYR A 111 -5.43 5.63 -3.05
C TYR A 111 -5.15 6.89 -3.86
N TYR A 112 -6.20 7.67 -4.10
CA TYR A 112 -6.08 8.90 -4.85
C TYR A 112 -6.33 10.12 -3.97
N SER A 113 -5.24 10.72 -3.53
CA SER A 113 -5.32 11.90 -2.67
C SER A 113 -5.32 13.16 -3.53
N GLY A 114 -5.67 14.27 -2.90
CA GLY A 114 -5.71 15.55 -3.58
C GLY A 114 -4.74 16.54 -2.94
N PRO A 115 -4.72 17.78 -3.52
CA PRO A 115 -3.85 18.82 -3.01
C PRO A 115 -4.40 19.41 -1.71
N SER A 116 -5.68 19.74 -1.74
CA SER A 116 -6.32 20.31 -0.57
C SER A 116 -7.57 19.50 -0.22
N SER A 117 -7.80 19.33 1.08
CA SER A 117 -8.95 18.59 1.55
C SER A 117 -8.98 18.60 3.08
N GLY A 118 -10.18 18.81 3.61
CA GLY A 118 -10.36 18.85 5.06
C GLY A 118 -11.85 18.78 5.42
N GLY A 1 -6.75 -3.93 -19.06
CA GLY A 1 -5.37 -3.97 -19.50
C GLY A 1 -4.79 -2.56 -19.61
N SER A 2 -3.73 -2.34 -18.85
CA SER A 2 -3.06 -1.05 -18.86
C SER A 2 -1.77 -1.12 -19.68
N SER A 3 -1.31 0.05 -20.09
CA SER A 3 -0.09 0.13 -20.89
C SER A 3 0.75 1.33 -20.43
N GLY A 4 1.79 1.03 -19.67
CA GLY A 4 2.68 2.06 -19.17
C GLY A 4 3.03 1.82 -17.70
N SER A 5 2.26 2.44 -16.83
CA SER A 5 2.48 2.30 -15.40
C SER A 5 1.46 3.14 -14.63
N SER A 6 0.80 2.49 -13.68
CA SER A 6 -0.20 3.16 -12.87
C SER A 6 0.41 4.39 -12.20
N GLY A 7 -0.38 5.01 -11.34
CA GLY A 7 0.07 6.20 -10.63
C GLY A 7 -0.49 6.22 -9.20
N TRP A 8 0.02 5.31 -8.39
CA TRP A 8 -0.41 5.22 -6.99
C TRP A 8 0.72 5.76 -6.12
N TYR A 9 1.91 5.83 -6.70
CA TYR A 9 3.07 6.32 -5.97
C TYR A 9 2.85 7.77 -5.51
N HIS A 10 2.48 7.89 -4.24
CA HIS A 10 2.24 9.21 -3.67
C HIS A 10 3.57 9.95 -3.53
N GLY A 11 4.63 9.19 -3.38
CA GLY A 11 5.96 9.76 -3.23
C GLY A 11 6.46 9.62 -1.79
N HIS A 12 7.04 10.70 -1.30
CA HIS A 12 7.57 10.71 0.06
C HIS A 12 6.43 10.99 1.05
N MET A 13 5.82 9.91 1.53
CA MET A 13 4.73 10.03 2.47
C MET A 13 5.14 9.51 3.86
N SER A 14 4.56 10.11 4.88
CA SER A 14 4.85 9.72 6.25
C SER A 14 3.96 8.56 6.66
N GLY A 15 4.61 7.48 7.10
CA GLY A 15 3.88 6.30 7.53
C GLY A 15 2.60 6.68 8.28
N GLY A 16 2.79 7.34 9.41
CA GLY A 16 1.66 7.77 10.22
C GLY A 16 0.59 8.43 9.36
N GLN A 17 1.04 9.20 8.38
CA GLN A 17 0.14 9.89 7.49
C GLN A 17 -0.71 8.89 6.70
N ALA A 18 -0.02 8.08 5.90
CA ALA A 18 -0.68 7.09 5.09
C ALA A 18 -1.83 6.47 5.89
N GLU A 19 -1.50 6.05 7.11
CA GLU A 19 -2.49 5.44 7.98
C GLU A 19 -3.72 6.33 8.10
N THR A 20 -3.46 7.61 8.34
CA THR A 20 -4.54 8.58 8.47
C THR A 20 -5.19 8.84 7.12
N LEU A 21 -4.36 8.87 6.09
CA LEU A 21 -4.85 9.10 4.74
C LEU A 21 -5.78 7.97 4.33
N LEU A 22 -5.26 6.76 4.40
CA LEU A 22 -6.03 5.58 4.04
C LEU A 22 -7.31 5.55 4.88
N GLN A 23 -7.17 5.92 6.14
CA GLN A 23 -8.30 5.95 7.05
C GLN A 23 -9.27 7.06 6.67
N ALA A 24 -8.72 8.25 6.52
CA ALA A 24 -9.54 9.41 6.16
C ALA A 24 -10.46 9.03 5.00
N LYS A 25 -9.94 8.17 4.13
CA LYS A 25 -10.70 7.72 2.97
C LYS A 25 -11.75 6.69 3.43
N GLY A 26 -11.25 5.61 4.01
CA GLY A 26 -12.12 4.54 4.48
C GLY A 26 -12.23 3.42 3.45
N GLU A 27 -11.93 3.76 2.21
CA GLU A 27 -11.99 2.80 1.12
C GLU A 27 -11.26 1.52 1.51
N PRO A 28 -12.05 0.42 1.66
CA PRO A 28 -11.50 -0.87 2.03
C PRO A 28 -10.77 -1.51 0.85
N TRP A 29 -9.62 -2.11 1.15
CA TRP A 29 -8.83 -2.76 0.13
C TRP A 29 -8.19 -1.68 -0.73
N THR A 30 -7.73 -0.63 -0.07
CA THR A 30 -7.10 0.49 -0.77
C THR A 30 -5.60 0.52 -0.47
N PHE A 31 -4.81 0.33 -1.52
CA PHE A 31 -3.37 0.34 -1.37
C PHE A 31 -2.77 1.63 -1.96
N LEU A 32 -1.50 1.85 -1.64
CA LEU A 32 -0.81 3.04 -2.12
C LEU A 32 0.69 2.84 -1.94
N VAL A 33 1.45 3.30 -2.93
CA VAL A 33 2.89 3.19 -2.90
C VAL A 33 3.49 4.50 -2.38
N ARG A 34 4.41 4.36 -1.44
CA ARG A 34 5.06 5.52 -0.86
C ARG A 34 6.52 5.19 -0.52
N GLU A 35 7.37 6.21 -0.65
CA GLU A 35 8.78 6.04 -0.35
C GLU A 35 9.01 5.96 1.16
N SER A 36 9.91 5.07 1.55
CA SER A 36 10.21 4.89 2.95
C SER A 36 11.12 6.02 3.44
N LEU A 37 10.88 6.44 4.68
CA LEU A 37 11.66 7.51 5.28
C LEU A 37 12.82 6.91 6.07
N SER A 38 12.47 5.96 6.95
CA SER A 38 13.46 5.31 7.77
C SER A 38 14.42 4.50 6.90
N GLN A 39 13.93 4.12 5.74
CA GLN A 39 14.73 3.35 4.80
C GLN A 39 14.87 4.10 3.48
N PRO A 40 16.08 4.70 3.28
CA PRO A 40 16.35 5.45 2.07
C PRO A 40 16.60 4.51 0.89
N GLY A 41 15.63 4.49 -0.02
CA GLY A 41 15.75 3.65 -1.20
C GLY A 41 14.62 2.60 -1.23
N ASP A 42 14.13 2.27 -0.04
CA ASP A 42 13.06 1.30 0.09
C ASP A 42 11.71 2.01 -0.02
N PHE A 43 10.68 1.22 -0.24
CA PHE A 43 9.33 1.76 -0.36
C PHE A 43 8.37 1.04 0.57
N VAL A 44 7.27 1.72 0.87
CA VAL A 44 6.26 1.16 1.75
C VAL A 44 4.93 1.03 1.00
N LEU A 45 4.19 -0.01 1.34
CA LEU A 45 2.91 -0.24 0.70
C LEU A 45 1.82 -0.33 1.77
N SER A 46 1.08 0.75 1.91
CA SER A 46 0.00 0.81 2.89
C SER A 46 -1.33 0.43 2.23
N VAL A 47 -1.94 -0.60 2.78
CA VAL A 47 -3.21 -1.08 2.27
C VAL A 47 -4.27 -1.04 3.39
N LEU A 48 -5.42 -0.49 3.05
CA LEU A 48 -6.51 -0.39 4.01
C LEU A 48 -7.33 -1.68 3.98
N SER A 49 -7.33 -2.37 5.11
CA SER A 49 -8.06 -3.62 5.23
C SER A 49 -9.54 -3.33 5.54
N ASP A 50 -10.37 -4.33 5.30
CA ASP A 50 -11.80 -4.19 5.54
C ASP A 50 -12.11 -4.68 6.97
N GLN A 51 -11.09 -4.61 7.81
CA GLN A 51 -11.24 -5.04 9.19
C GLN A 51 -11.09 -3.84 10.13
N PRO A 52 -12.22 -3.47 10.79
CA PRO A 52 -12.22 -2.35 11.71
C PRO A 52 -11.56 -2.73 13.03
N LYS A 53 -11.42 -1.74 13.89
CA LYS A 53 -10.80 -1.95 15.20
C LYS A 53 -11.88 -2.22 16.24
N ALA A 54 -12.93 -1.40 16.18
CA ALA A 54 -14.04 -1.54 17.10
C ALA A 54 -15.29 -1.98 16.34
N GLY A 55 -15.32 -1.62 15.06
CA GLY A 55 -16.45 -1.97 14.21
C GLY A 55 -16.99 -0.73 13.50
N PRO A 56 -18.34 -0.56 13.56
CA PRO A 56 -18.99 0.57 12.92
C PRO A 56 -18.75 1.86 13.71
N GLY A 57 -17.89 2.71 13.16
CA GLY A 57 -17.58 3.97 13.80
C GLY A 57 -16.08 4.07 14.09
N SER A 58 -15.38 2.98 13.80
CA SER A 58 -13.94 2.94 14.03
C SER A 58 -13.20 2.85 12.69
N PRO A 59 -11.94 3.36 12.69
CA PRO A 59 -11.12 3.33 11.49
C PRO A 59 -10.61 1.93 11.20
N LEU A 60 -10.56 1.59 9.92
CA LEU A 60 -10.08 0.29 9.50
C LEU A 60 -8.56 0.24 9.63
N ARG A 61 -8.09 -0.81 10.31
CA ARG A 61 -6.65 -0.98 10.51
C ARG A 61 -5.90 -0.70 9.21
N VAL A 62 -4.59 -0.58 9.34
CA VAL A 62 -3.75 -0.32 8.18
C VAL A 62 -2.61 -1.33 8.16
N THR A 63 -2.21 -1.69 6.94
CA THR A 63 -1.13 -2.65 6.77
C THR A 63 -0.04 -2.07 5.86
N HIS A 64 1.15 -1.95 6.43
CA HIS A 64 2.28 -1.42 5.69
C HIS A 64 3.17 -2.56 5.21
N ILE A 65 3.13 -2.77 3.89
CA ILE A 65 3.91 -3.83 3.28
C ILE A 65 5.24 -3.25 2.79
N LYS A 66 6.25 -3.37 3.63
CA LYS A 66 7.57 -2.87 3.29
C LYS A 66 8.09 -3.59 2.05
N VAL A 67 8.57 -2.81 1.10
CA VAL A 67 9.10 -3.36 -0.14
C VAL A 67 10.62 -3.33 -0.09
N MET A 68 11.21 -4.50 -0.30
CA MET A 68 12.66 -4.63 -0.29
C MET A 68 13.22 -4.60 -1.72
N CYS A 69 13.95 -3.53 -2.01
CA CYS A 69 14.55 -3.37 -3.33
C CYS A 69 16.02 -3.78 -3.24
N GLU A 70 16.28 -5.04 -3.54
CA GLU A 70 17.64 -5.55 -3.51
C GLU A 70 17.99 -6.24 -4.83
N GLY A 71 19.20 -5.98 -5.29
CA GLY A 71 19.67 -6.57 -6.53
C GLY A 71 18.74 -6.21 -7.69
N GLY A 72 18.20 -5.00 -7.63
CA GLY A 72 17.30 -4.52 -8.66
C GLY A 72 16.01 -5.35 -8.68
N ARG A 73 15.67 -5.88 -7.52
CA ARG A 73 14.46 -6.69 -7.39
C ARG A 73 13.66 -6.26 -6.16
N TYR A 74 12.34 -6.21 -6.34
CA TYR A 74 11.46 -5.81 -5.26
C TYR A 74 10.78 -7.04 -4.63
N THR A 75 10.66 -7.00 -3.32
CA THR A 75 10.03 -8.09 -2.60
C THR A 75 9.47 -7.60 -1.26
N VAL A 76 8.34 -8.17 -0.88
CA VAL A 76 7.70 -7.80 0.37
C VAL A 76 8.22 -8.70 1.49
N GLY A 77 9.21 -9.50 1.15
CA GLY A 77 9.80 -10.42 2.12
C GLY A 77 9.60 -11.87 1.70
N GLY A 78 9.06 -12.03 0.49
CA GLY A 78 8.81 -13.36 -0.03
C GLY A 78 9.89 -13.79 -1.02
N LEU A 79 9.76 -15.01 -1.51
CA LEU A 79 10.72 -15.54 -2.45
C LEU A 79 10.56 -14.82 -3.80
N GLU A 80 9.31 -14.62 -4.17
CA GLU A 80 9.00 -13.95 -5.42
C GLU A 80 9.57 -12.53 -5.42
N THR A 81 9.90 -12.06 -6.62
CA THR A 81 10.45 -10.73 -6.76
C THR A 81 9.86 -10.03 -7.98
N PHE A 82 10.34 -8.83 -8.24
CA PHE A 82 9.86 -8.05 -9.37
C PHE A 82 10.90 -7.00 -9.79
N ASP A 83 10.71 -6.48 -10.99
CA ASP A 83 11.61 -5.47 -11.52
C ASP A 83 10.99 -4.09 -11.33
N SER A 84 9.67 -4.03 -11.47
CA SER A 84 8.94 -2.78 -11.31
C SER A 84 7.94 -2.91 -10.18
N LEU A 85 7.73 -1.79 -9.49
CA LEU A 85 6.80 -1.75 -8.38
C LEU A 85 5.41 -2.18 -8.87
N THR A 86 5.09 -1.75 -10.09
CA THR A 86 3.82 -2.07 -10.69
C THR A 86 3.64 -3.59 -10.77
N ASP A 87 4.68 -4.26 -11.23
CA ASP A 87 4.65 -5.70 -11.36
C ASP A 87 4.50 -6.34 -9.97
N LEU A 88 4.86 -5.56 -8.96
CA LEU A 88 4.76 -6.03 -7.59
C LEU A 88 3.33 -5.86 -7.10
N VAL A 89 2.80 -4.67 -7.33
CA VAL A 89 1.44 -4.36 -6.91
C VAL A 89 0.46 -5.18 -7.75
N GLU A 90 0.74 -5.25 -9.04
CA GLU A 90 -0.10 -6.00 -9.96
C GLU A 90 -0.06 -7.49 -9.63
N HIS A 91 0.90 -7.85 -8.78
CA HIS A 91 1.05 -9.23 -8.38
C HIS A 91 0.13 -9.53 -7.19
N PHE A 92 0.28 -8.72 -6.16
CA PHE A 92 -0.52 -8.88 -4.96
C PHE A 92 -1.92 -8.30 -5.16
N LYS A 93 -2.10 -7.63 -6.28
CA LYS A 93 -3.38 -7.02 -6.61
C LYS A 93 -4.43 -8.12 -6.77
N LYS A 94 -3.95 -9.35 -6.87
CA LYS A 94 -4.84 -10.49 -7.03
C LYS A 94 -4.67 -11.43 -5.84
N THR A 95 -3.47 -11.98 -5.71
CA THR A 95 -3.17 -12.89 -4.62
C THR A 95 -3.55 -12.26 -3.28
N GLY A 96 -2.89 -11.16 -2.98
CA GLY A 96 -3.14 -10.45 -1.73
C GLY A 96 -1.95 -10.58 -0.78
N ILE A 97 -1.99 -9.77 0.28
CA ILE A 97 -0.92 -9.79 1.27
C ILE A 97 -1.45 -10.40 2.57
N GLU A 98 -0.63 -11.26 3.15
CA GLU A 98 -0.99 -11.91 4.40
C GLU A 98 -0.62 -11.02 5.59
N GLU A 99 -1.55 -10.95 6.53
CA GLU A 99 -1.35 -10.14 7.72
C GLU A 99 -0.81 -11.01 8.86
N ALA A 100 -0.66 -10.38 10.03
CA ALA A 100 -0.16 -11.09 11.19
C ALA A 100 -1.31 -11.85 11.85
N SER A 101 -2.51 -11.62 11.33
CA SER A 101 -3.70 -12.27 11.87
C SER A 101 -4.06 -13.48 11.00
N GLY A 102 -3.11 -13.87 10.16
CA GLY A 102 -3.31 -15.00 9.29
C GLY A 102 -4.39 -14.71 8.25
N ALA A 103 -4.63 -13.42 8.04
CA ALA A 103 -5.63 -13.00 7.08
C ALA A 103 -4.93 -12.34 5.88
N PHE A 104 -5.55 -12.48 4.72
CA PHE A 104 -5.01 -11.92 3.50
C PHE A 104 -5.65 -10.56 3.19
N VAL A 105 -4.95 -9.78 2.38
CA VAL A 105 -5.43 -8.46 2.00
C VAL A 105 -5.44 -8.34 0.47
N TYR A 106 -6.38 -7.58 -0.03
CA TYR A 106 -6.51 -7.36 -1.46
C TYR A 106 -6.45 -5.88 -1.81
N LEU A 107 -5.82 -5.59 -2.94
CA LEU A 107 -5.69 -4.21 -3.38
C LEU A 107 -6.75 -3.93 -4.45
N ARG A 108 -7.95 -3.61 -3.96
CA ARG A 108 -9.06 -3.32 -4.85
C ARG A 108 -8.74 -2.11 -5.72
N GLN A 109 -8.56 -0.97 -5.05
CA GLN A 109 -8.24 0.27 -5.75
C GLN A 109 -7.14 1.03 -5.00
N PRO A 110 -6.30 1.73 -5.80
CA PRO A 110 -5.21 2.51 -5.23
C PRO A 110 -5.72 3.79 -4.57
N TYR A 111 -4.82 4.47 -3.87
CA TYR A 111 -5.17 5.70 -3.19
C TYR A 111 -4.73 6.91 -4.00
N TYR A 112 -5.64 7.86 -4.13
CA TYR A 112 -5.37 9.08 -4.87
C TYR A 112 -5.53 10.32 -3.98
N SER A 113 -4.39 10.94 -3.69
CA SER A 113 -4.38 12.13 -2.86
C SER A 113 -4.58 13.38 -3.72
N GLY A 114 -3.69 13.54 -4.69
CA GLY A 114 -3.76 14.68 -5.58
C GLY A 114 -2.42 14.89 -6.30
N PRO A 115 -2.33 16.05 -7.02
CA PRO A 115 -1.12 16.38 -7.74
C PRO A 115 -0.02 16.85 -6.79
N SER A 116 1.15 16.23 -6.94
CA SER A 116 2.28 16.58 -6.10
C SER A 116 3.48 16.94 -6.96
N SER A 117 3.94 18.18 -6.80
CA SER A 117 5.08 18.66 -7.56
C SER A 117 5.85 19.72 -6.75
N GLY A 118 7.13 19.47 -6.59
CA GLY A 118 7.98 20.39 -5.84
C GLY A 118 8.49 21.51 -6.74
N GLY A 1 -1.69 14.55 -22.26
CA GLY A 1 -0.68 13.97 -23.13
C GLY A 1 -0.82 12.45 -23.19
N SER A 2 -0.33 11.80 -22.13
CA SER A 2 -0.39 10.36 -22.04
C SER A 2 -0.50 9.93 -20.58
N SER A 3 -1.53 9.15 -20.30
CA SER A 3 -1.76 8.66 -18.96
C SER A 3 -2.53 7.34 -19.00
N GLY A 4 -2.48 6.63 -17.88
CA GLY A 4 -3.16 5.35 -17.78
C GLY A 4 -2.15 4.20 -17.57
N SER A 5 -1.85 3.96 -16.30
CA SER A 5 -0.91 2.91 -15.95
C SER A 5 -0.88 2.71 -14.43
N SER A 6 -0.49 3.76 -13.73
CA SER A 6 -0.42 3.72 -12.29
C SER A 6 -0.94 5.02 -11.70
N GLY A 7 -1.50 4.91 -10.49
CA GLY A 7 -2.05 6.07 -9.81
C GLY A 7 -2.10 5.84 -8.30
N TRP A 8 -1.06 5.16 -7.80
CA TRP A 8 -0.98 4.87 -6.38
C TRP A 8 0.26 5.57 -5.83
N TYR A 9 1.34 5.49 -6.60
CA TYR A 9 2.59 6.11 -6.20
C TYR A 9 2.38 7.58 -5.83
N HIS A 10 2.43 7.85 -4.53
CA HIS A 10 2.25 9.20 -4.04
C HIS A 10 3.59 9.95 -4.06
N GLY A 11 4.66 9.18 -3.89
CA GLY A 11 5.99 9.74 -3.89
C GLY A 11 6.58 9.76 -2.47
N HIS A 12 6.72 10.97 -1.94
CA HIS A 12 7.27 11.13 -0.60
C HIS A 12 6.13 11.27 0.40
N MET A 13 5.72 10.13 0.94
CA MET A 13 4.64 10.11 1.92
C MET A 13 5.14 9.62 3.28
N SER A 14 4.41 10.03 4.31
CA SER A 14 4.77 9.63 5.66
C SER A 14 3.85 8.52 6.15
N GLY A 15 4.46 7.44 6.62
CA GLY A 15 3.71 6.30 7.11
C GLY A 15 2.49 6.76 7.91
N GLY A 16 2.77 7.44 9.02
CA GLY A 16 1.72 7.93 9.89
C GLY A 16 0.59 8.58 9.07
N GLN A 17 1.00 9.32 8.05
CA GLN A 17 0.04 9.99 7.20
C GLN A 17 -0.84 8.97 6.48
N ALA A 18 -0.21 8.15 5.66
CA ALA A 18 -0.92 7.12 4.92
C ALA A 18 -2.03 6.55 5.80
N GLU A 19 -1.65 6.15 7.00
CA GLU A 19 -2.59 5.57 7.95
C GLU A 19 -3.82 6.47 8.06
N THR A 20 -3.57 7.76 8.28
CA THR A 20 -4.64 8.72 8.41
C THR A 20 -5.35 8.92 7.07
N LEU A 21 -4.56 8.92 6.01
CA LEU A 21 -5.10 9.10 4.67
C LEU A 21 -6.01 7.92 4.33
N LEU A 22 -5.42 6.74 4.33
CA LEU A 22 -6.17 5.53 4.02
C LEU A 22 -7.45 5.50 4.86
N GLN A 23 -7.30 5.87 6.12
CA GLN A 23 -8.43 5.90 7.03
C GLN A 23 -9.39 7.02 6.65
N ALA A 24 -8.83 8.20 6.45
CA ALA A 24 -9.63 9.35 6.08
C ALA A 24 -10.61 8.96 4.98
N LYS A 25 -10.15 8.07 4.11
CA LYS A 25 -10.98 7.60 3.01
C LYS A 25 -11.94 6.52 3.51
N GLY A 26 -11.35 5.43 4.00
CA GLY A 26 -12.14 4.33 4.52
C GLY A 26 -12.17 3.17 3.53
N GLU A 27 -12.12 3.52 2.25
CA GLU A 27 -12.14 2.52 1.20
C GLU A 27 -11.33 1.29 1.61
N PRO A 28 -12.04 0.15 1.79
CA PRO A 28 -11.40 -1.09 2.18
C PRO A 28 -10.64 -1.70 1.01
N TRP A 29 -9.45 -2.21 1.31
CA TRP A 29 -8.63 -2.83 0.29
C TRP A 29 -8.04 -1.73 -0.58
N THR A 30 -7.49 -0.73 0.09
CA THR A 30 -6.90 0.40 -0.61
C THR A 30 -5.39 0.46 -0.33
N PHE A 31 -4.61 0.27 -1.38
CA PHE A 31 -3.16 0.30 -1.26
C PHE A 31 -2.59 1.57 -1.88
N LEU A 32 -1.32 1.83 -1.57
CA LEU A 32 -0.65 3.01 -2.07
C LEU A 32 0.86 2.84 -1.89
N VAL A 33 1.59 3.21 -2.93
CA VAL A 33 3.05 3.11 -2.90
C VAL A 33 3.64 4.47 -2.52
N ARG A 34 4.65 4.43 -1.68
CA ARG A 34 5.32 5.65 -1.24
C ARG A 34 6.82 5.39 -1.04
N GLU A 35 7.57 6.48 -1.05
CA GLU A 35 9.01 6.39 -0.87
C GLU A 35 9.35 6.33 0.62
N SER A 36 10.27 5.43 0.94
CA SER A 36 10.70 5.27 2.32
C SER A 36 11.53 6.47 2.76
N LEU A 37 11.11 7.06 3.88
CA LEU A 37 11.80 8.22 4.41
C LEU A 37 12.82 7.76 5.46
N SER A 38 12.38 6.82 6.29
CA SER A 38 13.25 6.29 7.34
C SER A 38 14.07 5.12 6.79
N GLN A 39 13.53 4.49 5.76
CA GLN A 39 14.21 3.36 5.14
C GLN A 39 15.06 3.83 3.96
N PRO A 40 16.29 3.27 3.88
CA PRO A 40 17.22 3.61 2.81
C PRO A 40 16.79 2.97 1.49
N GLY A 41 16.58 3.82 0.50
CA GLY A 41 16.18 3.35 -0.82
C GLY A 41 15.20 2.18 -0.71
N ASP A 42 14.07 2.45 -0.05
CA ASP A 42 13.05 1.44 0.14
C ASP A 42 11.68 2.07 -0.07
N PHE A 43 10.66 1.23 0.05
CA PHE A 43 9.29 1.69 -0.12
C PHE A 43 8.34 0.96 0.83
N VAL A 44 7.21 1.60 1.08
CA VAL A 44 6.21 1.03 1.97
C VAL A 44 4.88 0.90 1.22
N LEU A 45 4.18 -0.19 1.51
CA LEU A 45 2.90 -0.45 0.87
C LEU A 45 1.80 -0.48 1.93
N SER A 46 1.10 0.64 2.04
CA SER A 46 0.03 0.77 3.02
C SER A 46 -1.29 0.36 2.38
N VAL A 47 -1.80 -0.78 2.83
CA VAL A 47 -3.07 -1.29 2.32
C VAL A 47 -4.12 -1.24 3.42
N LEU A 48 -5.24 -0.61 3.10
CA LEU A 48 -6.33 -0.48 4.05
C LEU A 48 -7.10 -1.80 4.12
N SER A 49 -7.21 -2.33 5.33
CA SER A 49 -7.91 -3.58 5.54
C SER A 49 -9.39 -3.31 5.79
N ASP A 50 -10.18 -4.37 5.71
CA ASP A 50 -11.61 -4.28 5.92
C ASP A 50 -11.94 -4.66 7.36
N GLN A 51 -10.90 -4.72 8.18
CA GLN A 51 -11.07 -5.08 9.58
C GLN A 51 -10.95 -3.83 10.46
N PRO A 52 -12.11 -3.45 11.08
CA PRO A 52 -12.14 -2.29 11.94
C PRO A 52 -11.49 -2.60 13.29
N LYS A 53 -11.32 -1.54 14.08
CA LYS A 53 -10.71 -1.68 15.39
C LYS A 53 -11.80 -1.93 16.44
N ALA A 54 -12.86 -1.15 16.33
CA ALA A 54 -13.97 -1.27 17.26
C ALA A 54 -15.21 -1.74 16.49
N GLY A 55 -15.24 -1.42 15.21
CA GLY A 55 -16.36 -1.80 14.36
C GLY A 55 -16.90 -0.60 13.59
N PRO A 56 -18.25 -0.43 13.67
CA PRO A 56 -18.90 0.67 12.99
C PRO A 56 -18.66 2.00 13.72
N GLY A 57 -17.88 2.85 13.06
CA GLY A 57 -17.57 4.15 13.64
C GLY A 57 -16.07 4.27 13.93
N SER A 58 -15.37 3.16 13.72
CA SER A 58 -13.94 3.12 13.97
C SER A 58 -13.19 2.98 12.64
N PRO A 59 -11.92 3.48 12.64
CA PRO A 59 -11.10 3.42 11.45
C PRO A 59 -10.58 2.00 11.22
N LEU A 60 -10.50 1.63 9.95
CA LEU A 60 -10.02 0.31 9.58
C LEU A 60 -8.50 0.27 9.71
N ARG A 61 -8.02 -0.72 10.45
CA ARG A 61 -6.59 -0.88 10.65
C ARG A 61 -5.84 -0.72 9.33
N VAL A 62 -4.55 -0.44 9.45
CA VAL A 62 -3.71 -0.26 8.28
C VAL A 62 -2.59 -1.29 8.29
N THR A 63 -2.11 -1.61 7.09
CA THR A 63 -1.03 -2.58 6.96
C THR A 63 0.09 -2.02 6.09
N HIS A 64 1.23 -1.81 6.72
CA HIS A 64 2.39 -1.28 6.03
C HIS A 64 3.26 -2.43 5.52
N ILE A 65 3.13 -2.70 4.23
CA ILE A 65 3.91 -3.77 3.62
C ILE A 65 5.22 -3.19 3.06
N LYS A 66 6.27 -3.31 3.86
CA LYS A 66 7.57 -2.82 3.46
C LYS A 66 8.06 -3.59 2.24
N VAL A 67 8.55 -2.86 1.26
CA VAL A 67 9.05 -3.46 0.04
C VAL A 67 10.58 -3.51 0.09
N MET A 68 11.11 -4.71 -0.12
CA MET A 68 12.55 -4.92 -0.11
C MET A 68 13.14 -4.80 -1.51
N CYS A 69 13.90 -3.73 -1.72
CA CYS A 69 14.52 -3.49 -3.00
C CYS A 69 15.98 -3.94 -2.92
N GLU A 70 16.20 -5.19 -3.31
CA GLU A 70 17.54 -5.75 -3.29
C GLU A 70 17.89 -6.37 -4.65
N GLY A 71 19.14 -6.21 -5.04
CA GLY A 71 19.61 -6.75 -6.30
C GLY A 71 18.74 -6.25 -7.46
N GLY A 72 18.23 -5.04 -7.29
CA GLY A 72 17.39 -4.44 -8.31
C GLY A 72 16.03 -5.16 -8.40
N ARG A 73 15.73 -5.90 -7.35
CA ARG A 73 14.47 -6.64 -7.30
C ARG A 73 13.65 -6.21 -6.08
N TYR A 74 12.34 -6.27 -6.24
CA TYR A 74 11.43 -5.89 -5.17
C TYR A 74 10.69 -7.12 -4.63
N THR A 75 10.55 -7.14 -3.30
CA THR A 75 9.86 -8.24 -2.65
C THR A 75 9.32 -7.79 -1.29
N VAL A 76 8.21 -8.42 -0.90
CA VAL A 76 7.58 -8.09 0.36
C VAL A 76 8.09 -9.03 1.45
N GLY A 77 9.09 -9.82 1.08
CA GLY A 77 9.69 -10.77 2.00
C GLY A 77 9.40 -12.21 1.58
N GLY A 78 9.17 -12.37 0.28
CA GLY A 78 8.88 -13.69 -0.26
C GLY A 78 9.87 -14.04 -1.38
N LEU A 79 9.71 -15.25 -1.90
CA LEU A 79 10.59 -15.72 -2.97
C LEU A 79 10.35 -14.88 -4.22
N GLU A 80 9.07 -14.72 -4.56
CA GLU A 80 8.69 -13.95 -5.72
C GLU A 80 9.26 -12.53 -5.63
N THR A 81 9.69 -12.02 -6.76
CA THR A 81 10.25 -10.68 -6.81
C THR A 81 9.68 -9.90 -8.00
N PHE A 82 10.21 -8.71 -8.20
CA PHE A 82 9.76 -7.86 -9.29
C PHE A 82 10.82 -6.82 -9.65
N ASP A 83 10.71 -6.30 -10.87
CA ASP A 83 11.64 -5.29 -11.33
C ASP A 83 11.06 -3.90 -11.09
N SER A 84 9.74 -3.82 -11.26
CA SER A 84 9.05 -2.56 -11.06
C SER A 84 7.92 -2.74 -10.05
N LEU A 85 7.68 -1.69 -9.28
CA LEU A 85 6.63 -1.72 -8.27
C LEU A 85 5.31 -2.11 -8.94
N THR A 86 5.16 -1.69 -10.18
CA THR A 86 3.95 -1.99 -10.94
C THR A 86 3.75 -3.50 -11.04
N ASP A 87 4.83 -4.19 -11.37
CA ASP A 87 4.78 -5.63 -11.51
C ASP A 87 4.62 -6.27 -10.12
N LEU A 88 4.93 -5.47 -9.11
CA LEU A 88 4.82 -5.94 -7.74
C LEU A 88 3.39 -5.75 -7.25
N VAL A 89 2.88 -4.55 -7.47
CA VAL A 89 1.52 -4.22 -7.06
C VAL A 89 0.52 -5.02 -7.91
N GLU A 90 0.66 -4.86 -9.22
CA GLU A 90 -0.21 -5.56 -10.15
C GLU A 90 -0.18 -7.06 -9.88
N HIS A 91 0.86 -7.49 -9.17
CA HIS A 91 1.01 -8.89 -8.84
C HIS A 91 0.10 -9.25 -7.66
N PHE A 92 0.36 -8.59 -6.53
CA PHE A 92 -0.43 -8.82 -5.33
C PHE A 92 -1.84 -8.22 -5.47
N LYS A 93 -2.02 -7.50 -6.56
CA LYS A 93 -3.31 -6.86 -6.82
C LYS A 93 -4.37 -7.94 -7.05
N LYS A 94 -3.89 -9.15 -7.28
CA LYS A 94 -4.79 -10.28 -7.51
C LYS A 94 -4.63 -11.29 -6.38
N THR A 95 -3.42 -11.83 -6.28
CA THR A 95 -3.13 -12.81 -5.25
C THR A 95 -3.51 -12.28 -3.87
N GLY A 96 -2.94 -11.13 -3.53
CA GLY A 96 -3.22 -10.50 -2.25
C GLY A 96 -2.07 -10.72 -1.27
N ILE A 97 -2.17 -10.06 -0.12
CA ILE A 97 -1.16 -10.18 0.90
C ILE A 97 -1.74 -10.92 2.11
N GLU A 98 -0.84 -11.54 2.87
CA GLU A 98 -1.26 -12.28 4.04
C GLU A 98 -0.70 -11.62 5.32
N GLU A 99 -1.59 -11.41 6.27
CA GLU A 99 -1.21 -10.79 7.53
C GLU A 99 -0.62 -11.83 8.48
N ALA A 100 -0.11 -11.35 9.60
CA ALA A 100 0.47 -12.23 10.60
C ALA A 100 -0.65 -12.87 11.42
N SER A 101 -1.76 -12.16 11.51
CA SER A 101 -2.91 -12.65 12.25
C SER A 101 -3.53 -13.85 11.53
N GLY A 102 -3.11 -14.03 10.29
CA GLY A 102 -3.62 -15.13 9.48
C GLY A 102 -4.57 -14.63 8.39
N ALA A 103 -5.11 -13.44 8.64
CA ALA A 103 -6.03 -12.84 7.69
C ALA A 103 -5.26 -12.37 6.45
N PHE A 104 -5.97 -12.30 5.34
CA PHE A 104 -5.37 -11.86 4.09
C PHE A 104 -5.91 -10.50 3.66
N VAL A 105 -5.08 -9.76 2.95
CA VAL A 105 -5.46 -8.45 2.47
C VAL A 105 -5.32 -8.40 0.95
N TYR A 106 -6.20 -7.63 0.33
CA TYR A 106 -6.19 -7.49 -1.12
C TYR A 106 -6.24 -6.03 -1.53
N LEU A 107 -5.71 -5.76 -2.72
CA LEU A 107 -5.69 -4.40 -3.24
C LEU A 107 -6.81 -4.24 -4.28
N ARG A 108 -7.93 -3.73 -3.81
CA ARG A 108 -9.09 -3.52 -4.68
C ARG A 108 -8.87 -2.28 -5.55
N GLN A 109 -8.50 -1.19 -4.91
CA GLN A 109 -8.25 0.05 -5.61
C GLN A 109 -7.14 0.84 -4.93
N PRO A 110 -6.28 1.48 -5.76
CA PRO A 110 -5.18 2.28 -5.25
C PRO A 110 -5.67 3.60 -4.69
N TYR A 111 -4.84 4.21 -3.86
CA TYR A 111 -5.17 5.48 -3.24
C TYR A 111 -4.66 6.65 -4.08
N TYR A 112 -5.61 7.38 -4.66
CA TYR A 112 -5.26 8.53 -5.49
C TYR A 112 -4.95 9.75 -4.64
N SER A 113 -5.93 10.14 -3.84
CA SER A 113 -5.77 11.30 -2.97
C SER A 113 -5.62 12.57 -3.81
N GLY A 114 -6.71 13.30 -3.94
CA GLY A 114 -6.71 14.53 -4.71
C GLY A 114 -7.74 15.53 -4.15
N PRO A 115 -7.22 16.69 -3.70
CA PRO A 115 -8.09 17.73 -3.15
C PRO A 115 -8.85 18.46 -4.26
N SER A 116 -10.06 18.87 -3.93
CA SER A 116 -10.89 19.58 -4.88
C SER A 116 -11.78 20.60 -4.15
N SER A 117 -11.87 21.78 -4.75
CA SER A 117 -12.67 22.86 -4.18
C SER A 117 -12.82 23.99 -5.19
N GLY A 118 -14.07 24.21 -5.60
CA GLY A 118 -14.36 25.26 -6.56
C GLY A 118 -14.57 24.68 -7.96
N GLY A 1 -3.94 6.86 -25.47
CA GLY A 1 -2.50 6.95 -25.42
C GLY A 1 -1.93 6.11 -24.27
N SER A 2 -1.10 6.74 -23.47
CA SER A 2 -0.48 6.06 -22.34
C SER A 2 0.03 7.10 -21.32
N SER A 3 0.19 6.63 -20.09
CA SER A 3 0.65 7.49 -19.02
C SER A 3 1.35 6.67 -17.94
N GLY A 4 2.55 6.22 -18.27
CA GLY A 4 3.32 5.40 -17.34
C GLY A 4 2.50 4.22 -16.83
N SER A 5 3.12 3.46 -15.94
CA SER A 5 2.46 2.30 -15.36
C SER A 5 1.73 2.69 -14.08
N SER A 6 0.41 2.80 -14.20
CA SER A 6 -0.42 3.17 -13.07
C SER A 6 0.07 4.48 -12.47
N GLY A 7 -0.52 4.85 -11.33
CA GLY A 7 -0.16 6.07 -10.64
C GLY A 7 -0.71 6.09 -9.22
N TRP A 8 -0.14 5.22 -8.39
CA TRP A 8 -0.56 5.13 -7.00
C TRP A 8 0.57 5.68 -6.13
N TYR A 9 1.71 5.88 -6.77
CA TYR A 9 2.87 6.40 -6.06
C TYR A 9 2.65 7.85 -5.61
N HIS A 10 2.32 7.99 -4.33
CA HIS A 10 2.07 9.30 -3.77
C HIS A 10 3.40 10.04 -3.58
N GLY A 11 4.46 9.26 -3.47
CA GLY A 11 5.79 9.83 -3.29
C GLY A 11 6.27 9.62 -1.85
N HIS A 12 6.87 10.67 -1.31
CA HIS A 12 7.39 10.63 0.04
C HIS A 12 6.26 10.87 1.04
N MET A 13 5.80 9.79 1.64
CA MET A 13 4.71 9.87 2.61
C MET A 13 5.15 9.31 3.97
N SER A 14 4.67 9.95 5.02
CA SER A 14 5.00 9.54 6.37
C SER A 14 4.08 8.40 6.81
N GLY A 15 4.68 7.37 7.38
CA GLY A 15 3.93 6.22 7.85
C GLY A 15 2.63 6.66 8.55
N GLY A 16 2.81 7.43 9.61
CA GLY A 16 1.67 7.92 10.36
C GLY A 16 0.63 8.57 9.45
N GLN A 17 1.13 9.18 8.38
CA GLN A 17 0.27 9.84 7.42
C GLN A 17 -0.56 8.81 6.65
N ALA A 18 0.15 7.97 5.91
CA ALA A 18 -0.50 6.94 5.13
C ALA A 18 -1.67 6.35 5.92
N GLU A 19 -1.38 6.01 7.17
CA GLU A 19 -2.39 5.45 8.04
C GLU A 19 -3.63 6.36 8.09
N THR A 20 -3.36 7.64 8.32
CA THR A 20 -4.43 8.62 8.39
C THR A 20 -5.06 8.83 7.01
N LEU A 21 -4.20 8.84 6.00
CA LEU A 21 -4.66 9.02 4.64
C LEU A 21 -5.63 7.90 4.27
N LEU A 22 -5.12 6.68 4.39
CA LEU A 22 -5.93 5.51 4.07
C LEU A 22 -7.23 5.56 4.86
N GLN A 23 -7.12 6.00 6.10
CA GLN A 23 -8.27 6.10 6.97
C GLN A 23 -9.20 7.22 6.49
N ALA A 24 -8.58 8.34 6.13
CA ALA A 24 -9.33 9.49 5.66
C ALA A 24 -10.28 9.06 4.55
N LYS A 25 -9.82 8.10 3.76
CA LYS A 25 -10.62 7.59 2.66
C LYS A 25 -11.67 6.63 3.21
N GLY A 26 -11.20 5.54 3.81
CA GLY A 26 -12.09 4.55 4.38
C GLY A 26 -12.28 3.37 3.42
N GLU A 27 -11.89 3.60 2.17
CA GLU A 27 -12.02 2.58 1.16
C GLU A 27 -11.30 1.29 1.59
N PRO A 28 -12.10 0.20 1.71
CA PRO A 28 -11.55 -1.08 2.12
C PRO A 28 -10.76 -1.73 0.99
N TRP A 29 -9.58 -2.21 1.33
CA TRP A 29 -8.71 -2.86 0.36
C TRP A 29 -8.11 -1.76 -0.52
N THR A 30 -7.62 -0.72 0.13
CA THR A 30 -7.00 0.39 -0.58
C THR A 30 -5.50 0.44 -0.31
N PHE A 31 -4.74 0.26 -1.38
CA PHE A 31 -3.29 0.27 -1.27
C PHE A 31 -2.72 1.55 -1.87
N LEU A 32 -1.44 1.79 -1.56
CA LEU A 32 -0.76 2.98 -2.06
C LEU A 32 0.75 2.78 -1.91
N VAL A 33 1.48 3.32 -2.88
CA VAL A 33 2.92 3.23 -2.87
C VAL A 33 3.52 4.55 -2.40
N ARG A 34 4.41 4.45 -1.42
CA ARG A 34 5.05 5.63 -0.86
C ARG A 34 6.49 5.30 -0.45
N GLU A 35 7.34 6.30 -0.58
CA GLU A 35 8.74 6.13 -0.21
C GLU A 35 8.90 6.08 1.31
N SER A 36 9.87 5.29 1.75
CA SER A 36 10.13 5.13 3.17
C SER A 36 10.98 6.29 3.67
N LEU A 37 10.58 6.83 4.81
CA LEU A 37 11.30 7.95 5.42
C LEU A 37 12.44 7.41 6.28
N SER A 38 12.11 6.40 7.07
CA SER A 38 13.09 5.79 7.95
C SER A 38 14.20 5.12 7.13
N GLN A 39 13.82 4.69 5.93
CA GLN A 39 14.76 4.03 5.04
C GLN A 39 14.72 4.69 3.66
N PRO A 40 15.80 5.47 3.36
CA PRO A 40 15.89 6.16 2.08
C PRO A 40 16.25 5.18 0.96
N GLY A 41 15.31 5.02 0.04
CA GLY A 41 15.52 4.12 -1.08
C GLY A 41 14.42 3.05 -1.13
N ASP A 42 14.07 2.55 0.05
CA ASP A 42 13.04 1.53 0.15
C ASP A 42 11.66 2.18 0.01
N PHE A 43 10.65 1.33 -0.08
CA PHE A 43 9.28 1.81 -0.21
C PHE A 43 8.34 1.03 0.71
N VAL A 44 7.19 1.63 0.97
CA VAL A 44 6.20 1.01 1.83
C VAL A 44 4.88 0.89 1.07
N LEU A 45 4.15 -0.18 1.36
CA LEU A 45 2.87 -0.42 0.71
C LEU A 45 1.78 -0.53 1.79
N SER A 46 1.10 0.58 2.01
CA SER A 46 0.04 0.62 3.00
C SER A 46 -1.30 0.26 2.35
N VAL A 47 -1.90 -0.81 2.85
CA VAL A 47 -3.17 -1.26 2.33
C VAL A 47 -4.23 -1.18 3.43
N LEU A 48 -5.40 -0.68 3.04
CA LEU A 48 -6.50 -0.54 3.98
C LEU A 48 -7.28 -1.86 4.04
N SER A 49 -7.45 -2.36 5.25
CA SER A 49 -8.17 -3.60 5.46
C SER A 49 -9.65 -3.31 5.70
N ASP A 50 -10.47 -4.33 5.47
CA ASP A 50 -11.91 -4.19 5.66
C ASP A 50 -12.27 -4.58 7.09
N GLN A 51 -11.28 -4.50 7.97
CA GLN A 51 -11.48 -4.83 9.36
C GLN A 51 -11.30 -3.59 10.24
N PRO A 52 -12.43 -3.14 10.84
CA PRO A 52 -12.41 -1.96 11.70
C PRO A 52 -11.79 -2.30 13.06
N LYS A 53 -11.63 -1.26 13.87
CA LYS A 53 -11.05 -1.43 15.20
C LYS A 53 -12.19 -1.54 16.22
N ALA A 54 -13.17 -0.67 16.05
CA ALA A 54 -14.31 -0.65 16.96
C ALA A 54 -15.56 -1.11 16.21
N GLY A 55 -15.55 -0.87 14.91
CA GLY A 55 -16.67 -1.24 14.06
C GLY A 55 -17.20 -0.04 13.28
N PRO A 56 -18.52 0.24 13.47
CA PRO A 56 -19.15 1.36 12.79
C PRO A 56 -18.74 2.68 13.43
N GLY A 57 -18.06 3.50 12.64
CA GLY A 57 -17.61 4.80 13.11
C GLY A 57 -16.14 4.75 13.54
N SER A 58 -15.53 3.60 13.30
CA SER A 58 -14.13 3.41 13.65
C SER A 58 -13.29 3.28 12.38
N PRO A 59 -11.99 3.66 12.52
CA PRO A 59 -11.07 3.59 11.40
C PRO A 59 -10.64 2.15 11.12
N LEU A 60 -10.47 1.86 9.84
CA LEU A 60 -10.08 0.52 9.43
C LEU A 60 -8.56 0.38 9.58
N ARG A 61 -8.17 -0.66 10.32
CA ARG A 61 -6.76 -0.92 10.54
C ARG A 61 -5.97 -0.74 9.24
N VAL A 62 -4.68 -0.45 9.41
CA VAL A 62 -3.81 -0.25 8.26
C VAL A 62 -2.70 -1.30 8.28
N THR A 63 -2.26 -1.66 7.09
CA THR A 63 -1.19 -2.65 6.95
C THR A 63 -0.08 -2.13 6.05
N HIS A 64 1.07 -1.87 6.65
CA HIS A 64 2.22 -1.38 5.91
C HIS A 64 3.04 -2.55 5.39
N ILE A 65 3.02 -2.71 4.07
CA ILE A 65 3.75 -3.79 3.43
C ILE A 65 5.08 -3.23 2.89
N LYS A 66 6.12 -3.35 3.70
CA LYS A 66 7.43 -2.87 3.32
C LYS A 66 7.86 -3.57 2.02
N VAL A 67 8.73 -2.89 1.29
CA VAL A 67 9.23 -3.43 0.02
C VAL A 67 10.75 -3.40 0.04
N MET A 68 11.33 -4.56 -0.24
CA MET A 68 12.78 -4.69 -0.27
C MET A 68 13.31 -4.56 -1.70
N CYS A 69 14.03 -3.47 -1.93
CA CYS A 69 14.59 -3.21 -3.25
C CYS A 69 16.07 -3.63 -3.21
N GLU A 70 16.31 -4.87 -3.63
CA GLU A 70 17.66 -5.40 -3.66
C GLU A 70 17.97 -5.98 -5.04
N GLY A 71 19.20 -5.76 -5.47
CA GLY A 71 19.63 -6.26 -6.77
C GLY A 71 18.66 -5.86 -7.87
N GLY A 72 18.23 -4.61 -7.80
CA GLY A 72 17.28 -4.09 -8.79
C GLY A 72 16.01 -4.92 -8.81
N ARG A 73 15.68 -5.49 -7.65
CA ARG A 73 14.48 -6.30 -7.54
C ARG A 73 13.69 -5.91 -6.29
N TYR A 74 12.38 -5.95 -6.42
CA TYR A 74 11.50 -5.59 -5.31
C TYR A 74 10.76 -6.83 -4.79
N THR A 75 10.65 -6.89 -3.46
CA THR A 75 9.98 -8.01 -2.82
C THR A 75 9.46 -7.59 -1.44
N VAL A 76 8.37 -8.25 -1.03
CA VAL A 76 7.76 -7.95 0.25
C VAL A 76 8.34 -8.89 1.31
N GLY A 77 9.35 -9.64 0.89
CA GLY A 77 9.99 -10.58 1.79
C GLY A 77 9.80 -12.03 1.31
N GLY A 78 9.29 -12.15 0.10
CA GLY A 78 9.05 -13.46 -0.48
C GLY A 78 10.10 -13.80 -1.54
N LEU A 79 10.04 -15.02 -2.03
CA LEU A 79 10.98 -15.48 -3.03
C LEU A 79 10.77 -14.68 -4.32
N GLU A 80 9.51 -14.58 -4.73
CA GLU A 80 9.17 -13.84 -5.93
C GLU A 80 9.67 -12.40 -5.83
N THR A 81 10.01 -11.85 -6.99
CA THR A 81 10.51 -10.49 -7.05
C THR A 81 9.91 -9.75 -8.25
N PHE A 82 10.33 -8.50 -8.40
CA PHE A 82 9.84 -7.68 -9.49
C PHE A 82 10.83 -6.57 -9.84
N ASP A 83 10.67 -6.03 -11.04
CA ASP A 83 11.55 -4.96 -11.50
C ASP A 83 10.87 -3.62 -11.28
N SER A 84 9.56 -3.60 -11.55
CA SER A 84 8.79 -2.38 -11.39
C SER A 84 7.72 -2.58 -10.31
N LEU A 85 7.53 -1.54 -9.51
CA LEU A 85 6.54 -1.60 -8.45
C LEU A 85 5.21 -2.09 -9.00
N THR A 86 4.94 -1.70 -10.24
CA THR A 86 3.71 -2.10 -10.90
C THR A 86 3.61 -3.62 -10.98
N ASP A 87 4.66 -4.22 -11.52
CA ASP A 87 4.71 -5.66 -11.66
C ASP A 87 4.60 -6.31 -10.27
N LEU A 88 4.86 -5.49 -9.26
CA LEU A 88 4.80 -5.97 -7.88
C LEU A 88 3.37 -5.83 -7.37
N VAL A 89 2.85 -4.62 -7.48
CA VAL A 89 1.50 -4.34 -7.02
C VAL A 89 0.51 -5.15 -7.86
N GLU A 90 0.79 -5.22 -9.16
CA GLU A 90 -0.06 -5.94 -10.08
C GLU A 90 -0.05 -7.43 -9.74
N HIS A 91 0.92 -7.82 -8.93
CA HIS A 91 1.05 -9.21 -8.53
C HIS A 91 0.13 -9.48 -7.33
N PHE A 92 0.33 -8.70 -6.28
CA PHE A 92 -0.47 -8.86 -5.08
C PHE A 92 -1.87 -8.26 -5.27
N LYS A 93 -2.04 -7.61 -6.41
CA LYS A 93 -3.31 -6.99 -6.73
C LYS A 93 -4.36 -8.08 -6.96
N LYS A 94 -3.88 -9.31 -7.06
CA LYS A 94 -4.75 -10.44 -7.28
C LYS A 94 -4.57 -11.46 -6.15
N THR A 95 -3.34 -11.96 -6.04
CA THR A 95 -3.02 -12.93 -5.02
C THR A 95 -3.40 -12.40 -3.64
N GLY A 96 -2.93 -11.19 -3.35
CA GLY A 96 -3.22 -10.56 -2.08
C GLY A 96 -2.01 -10.64 -1.14
N ILE A 97 -2.23 -10.19 0.09
CA ILE A 97 -1.17 -10.21 1.09
C ILE A 97 -1.66 -10.93 2.34
N GLU A 98 -0.71 -11.54 3.05
CA GLU A 98 -1.05 -12.26 4.27
C GLU A 98 -0.49 -11.53 5.49
N GLU A 99 -1.40 -11.17 6.39
CA GLU A 99 -1.02 -10.47 7.60
C GLU A 99 -0.28 -11.41 8.55
N ALA A 100 -0.01 -10.91 9.75
CA ALA A 100 0.68 -11.69 10.76
C ALA A 100 -0.34 -12.31 11.71
N SER A 101 -1.51 -11.69 11.76
CA SER A 101 -2.57 -12.17 12.61
C SER A 101 -3.18 -13.46 12.04
N GLY A 102 -2.99 -13.63 10.74
CA GLY A 102 -3.49 -14.81 10.05
C GLY A 102 -4.58 -14.43 9.06
N ALA A 103 -4.75 -13.13 8.88
CA ALA A 103 -5.75 -12.63 7.96
C ALA A 103 -5.07 -12.19 6.66
N PHE A 104 -5.83 -12.27 5.58
CA PHE A 104 -5.30 -11.89 4.27
C PHE A 104 -5.84 -10.53 3.84
N VAL A 105 -5.12 -9.90 2.92
CA VAL A 105 -5.51 -8.59 2.42
C VAL A 105 -5.45 -8.60 0.89
N TYR A 106 -6.17 -7.66 0.30
CA TYR A 106 -6.22 -7.55 -1.15
C TYR A 106 -6.25 -6.08 -1.59
N LEU A 107 -5.72 -5.84 -2.77
CA LEU A 107 -5.69 -4.50 -3.32
C LEU A 107 -6.73 -4.37 -4.42
N ARG A 108 -7.90 -3.88 -4.02
CA ARG A 108 -9.00 -3.70 -4.96
C ARG A 108 -8.80 -2.42 -5.77
N GLN A 109 -8.44 -1.37 -5.07
CA GLN A 109 -8.21 -0.08 -5.70
C GLN A 109 -7.13 0.70 -4.96
N PRO A 110 -6.33 1.48 -5.74
CA PRO A 110 -5.26 2.28 -5.17
C PRO A 110 -5.83 3.51 -4.45
N TYR A 111 -4.91 4.27 -3.86
CA TYR A 111 -5.30 5.47 -3.15
C TYR A 111 -4.95 6.73 -3.95
N TYR A 112 -5.94 7.59 -4.10
CA TYR A 112 -5.75 8.83 -4.84
C TYR A 112 -6.01 10.05 -3.95
N SER A 113 -4.93 10.71 -3.58
CA SER A 113 -5.03 11.89 -2.73
C SER A 113 -4.98 13.15 -3.59
N GLY A 114 -5.30 14.27 -2.96
CA GLY A 114 -5.30 15.55 -3.65
C GLY A 114 -5.67 16.69 -2.70
N PRO A 115 -5.07 17.88 -2.96
CA PRO A 115 -5.32 19.04 -2.13
C PRO A 115 -6.70 19.64 -2.44
N SER A 116 -7.34 20.15 -1.40
CA SER A 116 -8.65 20.76 -1.54
C SER A 116 -8.63 22.19 -1.01
N SER A 117 -9.19 23.08 -1.81
CA SER A 117 -9.25 24.49 -1.44
C SER A 117 -10.13 25.25 -2.42
N GLY A 118 -10.83 26.26 -1.89
CA GLY A 118 -11.71 27.07 -2.71
C GLY A 118 -12.44 28.11 -1.86
N GLY A 1 10.93 -0.78 -21.92
CA GLY A 1 9.90 -0.81 -22.94
C GLY A 1 8.58 -0.24 -22.41
N SER A 2 7.54 -1.06 -22.49
CA SER A 2 6.23 -0.65 -22.04
C SER A 2 5.78 -1.55 -20.88
N SER A 3 5.55 -0.91 -19.73
CA SER A 3 5.12 -1.64 -18.56
C SER A 3 3.60 -1.49 -18.38
N GLY A 4 3.18 -0.25 -18.21
CA GLY A 4 1.76 0.04 -18.03
C GLY A 4 1.53 1.54 -17.81
N SER A 5 0.75 1.84 -16.78
CA SER A 5 0.44 3.22 -16.45
C SER A 5 -0.11 3.31 -15.03
N SER A 6 0.79 3.49 -14.08
CA SER A 6 0.41 3.59 -12.68
C SER A 6 0.28 5.06 -12.28
N GLY A 7 0.01 5.27 -11.00
CA GLY A 7 -0.14 6.62 -10.48
C GLY A 7 -0.63 6.59 -9.04
N TRP A 8 -0.08 5.67 -8.27
CA TRP A 8 -0.45 5.52 -6.88
C TRP A 8 0.76 5.91 -6.02
N TYR A 9 1.86 6.19 -6.70
CA TYR A 9 3.09 6.57 -6.03
C TYR A 9 2.96 7.97 -5.42
N HIS A 10 2.71 7.99 -4.12
CA HIS A 10 2.57 9.26 -3.40
C HIS A 10 3.92 9.95 -3.33
N GLY A 11 4.97 9.14 -3.21
CA GLY A 11 6.32 9.67 -3.12
C GLY A 11 6.88 9.52 -1.71
N HIS A 12 7.21 10.66 -1.11
CA HIS A 12 7.74 10.67 0.24
C HIS A 12 6.63 10.94 1.24
N MET A 13 5.92 9.88 1.60
CA MET A 13 4.82 10.00 2.55
C MET A 13 5.20 9.41 3.91
N SER A 14 4.77 10.10 4.95
CA SER A 14 5.07 9.66 6.31
C SER A 14 4.11 8.53 6.71
N GLY A 15 4.70 7.45 7.20
CA GLY A 15 3.92 6.30 7.62
C GLY A 15 2.65 6.73 8.34
N GLY A 16 2.85 7.41 9.47
CA GLY A 16 1.73 7.89 10.26
C GLY A 16 0.68 8.56 9.38
N GLN A 17 1.16 9.23 8.34
CA GLN A 17 0.26 9.90 7.41
C GLN A 17 -0.59 8.89 6.65
N ALA A 18 0.09 8.06 5.87
CA ALA A 18 -0.59 7.04 5.09
C ALA A 18 -1.74 6.46 5.91
N GLU A 19 -1.40 5.98 7.09
CA GLU A 19 -2.38 5.39 7.98
C GLU A 19 -3.61 6.31 8.10
N THR A 20 -3.34 7.58 8.32
CA THR A 20 -4.40 8.56 8.45
C THR A 20 -5.06 8.81 7.10
N LEU A 21 -4.22 8.87 6.08
CA LEU A 21 -4.71 9.10 4.73
C LEU A 21 -5.67 7.98 4.33
N LEU A 22 -5.15 6.76 4.35
CA LEU A 22 -5.95 5.60 4.00
C LEU A 22 -7.25 5.62 4.81
N GLN A 23 -7.12 6.00 6.08
CA GLN A 23 -8.26 6.06 6.96
C GLN A 23 -9.21 7.19 6.53
N ALA A 24 -8.62 8.36 6.33
CA ALA A 24 -9.38 9.53 5.92
C ALA A 24 -10.36 9.12 4.81
N LYS A 25 -9.92 8.20 3.98
CA LYS A 25 -10.73 7.72 2.88
C LYS A 25 -11.74 6.70 3.41
N GLY A 26 -11.21 5.60 3.93
CA GLY A 26 -12.05 4.55 4.47
C GLY A 26 -12.16 3.38 3.49
N GLU A 27 -12.12 3.71 2.21
CA GLU A 27 -12.22 2.70 1.17
C GLU A 27 -11.45 1.44 1.58
N PRO A 28 -12.21 0.33 1.75
CA PRO A 28 -11.61 -0.93 2.13
C PRO A 28 -10.87 -1.58 0.96
N TRP A 29 -9.71 -2.13 1.27
CA TRP A 29 -8.90 -2.78 0.25
C TRP A 29 -8.29 -1.70 -0.63
N THR A 30 -7.68 -0.72 0.03
CA THR A 30 -7.05 0.39 -0.69
C THR A 30 -5.56 0.43 -0.39
N PHE A 31 -4.78 0.28 -1.45
CA PHE A 31 -3.33 0.30 -1.33
C PHE A 31 -2.75 1.61 -1.87
N LEU A 32 -1.46 1.78 -1.62
CA LEU A 32 -0.77 2.99 -2.07
C LEU A 32 0.73 2.78 -1.92
N VAL A 33 1.46 3.21 -2.95
CA VAL A 33 2.91 3.09 -2.95
C VAL A 33 3.53 4.41 -2.49
N ARG A 34 4.35 4.30 -1.46
CA ARG A 34 5.01 5.48 -0.91
C ARG A 34 6.40 5.11 -0.39
N GLU A 35 7.34 6.02 -0.59
CA GLU A 35 8.70 5.80 -0.15
C GLU A 35 8.78 5.86 1.38
N SER A 36 9.73 5.12 1.93
CA SER A 36 9.92 5.08 3.37
C SER A 36 10.78 6.26 3.81
N LEU A 37 10.28 6.94 4.83
CA LEU A 37 10.99 8.10 5.37
C LEU A 37 12.15 7.62 6.24
N SER A 38 11.90 6.52 6.94
CA SER A 38 12.91 5.95 7.82
C SER A 38 13.94 5.18 7.00
N GLN A 39 13.45 4.57 5.92
CA GLN A 39 14.32 3.80 5.05
C GLN A 39 14.45 4.48 3.69
N PRO A 40 15.57 5.24 3.54
CA PRO A 40 15.84 5.95 2.31
C PRO A 40 16.30 4.99 1.21
N GLY A 41 15.46 4.85 0.19
CA GLY A 41 15.77 3.97 -0.91
C GLY A 41 14.72 2.88 -1.05
N ASP A 42 14.08 2.55 0.06
CA ASP A 42 13.05 1.53 0.08
C ASP A 42 11.68 2.18 -0.07
N PHE A 43 10.66 1.33 -0.14
CA PHE A 43 9.30 1.82 -0.28
C PHE A 43 8.35 1.07 0.65
N VAL A 44 7.20 1.68 0.89
CA VAL A 44 6.20 1.08 1.76
C VAL A 44 4.89 0.93 1.00
N LEU A 45 4.16 -0.11 1.34
CA LEU A 45 2.88 -0.38 0.69
C LEU A 45 1.78 -0.48 1.75
N SER A 46 1.14 0.66 1.98
CA SER A 46 0.07 0.73 2.96
C SER A 46 -1.27 0.37 2.31
N VAL A 47 -1.88 -0.70 2.82
CA VAL A 47 -3.15 -1.16 2.31
C VAL A 47 -4.20 -1.13 3.42
N LEU A 48 -5.36 -0.59 3.09
CA LEU A 48 -6.44 -0.50 4.06
C LEU A 48 -7.21 -1.82 4.07
N SER A 49 -7.34 -2.37 5.27
CA SER A 49 -8.06 -3.63 5.44
C SER A 49 -9.53 -3.36 5.71
N ASP A 50 -10.34 -4.38 5.45
CA ASP A 50 -11.78 -4.26 5.65
C ASP A 50 -12.13 -4.71 7.08
N GLN A 51 -11.13 -4.59 7.96
CA GLN A 51 -11.32 -4.99 9.35
C GLN A 51 -11.15 -3.78 10.27
N PRO A 52 -12.27 -3.38 10.92
CA PRO A 52 -12.26 -2.25 11.83
C PRO A 52 -11.58 -2.62 13.15
N LYS A 53 -11.40 -1.60 13.98
CA LYS A 53 -10.78 -1.80 15.27
C LYS A 53 -11.85 -2.08 16.32
N ALA A 54 -12.91 -1.28 16.27
CA ALA A 54 -14.01 -1.44 17.20
C ALA A 54 -15.27 -1.84 16.44
N GLY A 55 -15.31 -1.45 15.17
CA GLY A 55 -16.44 -1.76 14.33
C GLY A 55 -16.95 -0.51 13.60
N PRO A 56 -18.28 -0.25 13.74
CA PRO A 56 -18.89 0.90 13.11
C PRO A 56 -18.54 2.19 13.85
N GLY A 57 -17.88 3.09 13.14
CA GLY A 57 -17.47 4.36 13.71
C GLY A 57 -15.99 4.36 14.05
N SER A 58 -15.35 3.23 13.78
CA SER A 58 -13.93 3.08 14.05
C SER A 58 -13.15 3.01 12.74
N PRO A 59 -11.86 3.43 12.81
CA PRO A 59 -11.00 3.42 11.63
C PRO A 59 -10.56 2.00 11.29
N LEU A 60 -10.51 1.71 10.00
CA LEU A 60 -10.10 0.40 9.54
C LEU A 60 -8.58 0.28 9.62
N ARG A 61 -8.14 -0.76 10.31
CA ARG A 61 -6.72 -1.01 10.47
C ARG A 61 -5.99 -0.79 9.14
N VAL A 62 -4.68 -0.58 9.25
CA VAL A 62 -3.86 -0.36 8.07
C VAL A 62 -2.77 -1.44 8.00
N THR A 63 -2.37 -1.75 6.78
CA THR A 63 -1.35 -2.76 6.56
C THR A 63 -0.23 -2.20 5.69
N HIS A 64 0.94 -2.08 6.29
CA HIS A 64 2.11 -1.56 5.58
C HIS A 64 2.98 -2.73 5.12
N ILE A 65 3.02 -2.92 3.80
CA ILE A 65 3.82 -3.98 3.22
C ILE A 65 5.14 -3.41 2.71
N LYS A 66 6.14 -3.46 3.57
CA LYS A 66 7.46 -2.95 3.21
C LYS A 66 7.90 -3.59 1.90
N VAL A 67 8.67 -2.82 1.13
CA VAL A 67 9.17 -3.30 -0.14
C VAL A 67 10.68 -3.11 -0.20
N MET A 68 11.40 -4.22 -0.16
CA MET A 68 12.84 -4.18 -0.21
C MET A 68 13.36 -4.20 -1.66
N CYS A 69 14.14 -3.18 -1.99
CA CYS A 69 14.69 -3.07 -3.32
C CYS A 69 16.15 -3.50 -3.28
N GLU A 70 16.37 -4.77 -3.62
CA GLU A 70 17.72 -5.32 -3.62
C GLU A 70 18.06 -5.87 -5.00
N GLY A 71 19.25 -5.53 -5.46
CA GLY A 71 19.72 -5.97 -6.77
C GLY A 71 18.79 -5.46 -7.88
N GLY A 72 18.10 -4.38 -7.58
CA GLY A 72 17.17 -3.80 -8.53
C GLY A 72 15.80 -4.47 -8.47
N ARG A 73 15.76 -5.58 -7.75
CA ARG A 73 14.52 -6.32 -7.60
C ARG A 73 13.78 -5.87 -6.33
N TYR A 74 12.47 -6.09 -6.34
CA TYR A 74 11.65 -5.71 -5.21
C TYR A 74 11.01 -6.94 -4.57
N THR A 75 10.87 -6.87 -3.25
CA THR A 75 10.28 -7.97 -2.49
C THR A 75 9.67 -7.45 -1.19
N VAL A 76 8.67 -8.17 -0.72
CA VAL A 76 8.00 -7.80 0.51
C VAL A 76 8.59 -8.60 1.67
N GLY A 77 9.66 -9.33 1.36
CA GLY A 77 10.32 -10.14 2.36
C GLY A 77 10.20 -11.63 2.03
N GLY A 78 9.86 -11.91 0.78
CA GLY A 78 9.70 -13.28 0.32
C GLY A 78 10.66 -13.57 -0.83
N LEU A 79 10.67 -14.84 -1.23
CA LEU A 79 11.52 -15.28 -2.32
C LEU A 79 11.12 -14.56 -3.61
N GLU A 80 9.80 -14.46 -3.79
CA GLU A 80 9.27 -13.80 -4.97
C GLU A 80 9.79 -12.37 -5.07
N THR A 81 10.23 -12.01 -6.26
CA THR A 81 10.76 -10.68 -6.49
C THR A 81 10.08 -10.03 -7.70
N PHE A 82 10.43 -8.78 -7.95
CA PHE A 82 9.86 -8.05 -9.07
C PHE A 82 10.86 -7.04 -9.63
N ASP A 83 10.62 -6.65 -10.87
CA ASP A 83 11.49 -5.69 -11.54
C ASP A 83 10.98 -4.28 -11.28
N SER A 84 9.67 -4.12 -11.39
CA SER A 84 9.04 -2.83 -11.17
C SER A 84 7.94 -2.97 -10.11
N LEU A 85 7.68 -1.85 -9.42
CA LEU A 85 6.66 -1.84 -8.39
C LEU A 85 5.31 -2.20 -9.01
N THR A 86 5.16 -1.84 -10.28
CA THR A 86 3.93 -2.13 -10.99
C THR A 86 3.67 -3.63 -11.04
N ASP A 87 4.73 -4.37 -11.33
CA ASP A 87 4.63 -5.82 -11.41
C ASP A 87 4.48 -6.39 -9.99
N LEU A 88 4.83 -5.57 -9.02
CA LEU A 88 4.74 -5.99 -7.62
C LEU A 88 3.32 -5.76 -7.13
N VAL A 89 2.80 -4.57 -7.39
CA VAL A 89 1.45 -4.22 -6.98
C VAL A 89 0.45 -5.02 -7.81
N GLU A 90 0.78 -5.19 -9.07
CA GLU A 90 -0.08 -5.93 -9.98
C GLU A 90 0.00 -7.43 -9.69
N HIS A 91 0.91 -7.77 -8.79
CA HIS A 91 1.09 -9.16 -8.39
C HIS A 91 0.16 -9.50 -7.22
N PHE A 92 0.26 -8.68 -6.19
CA PHE A 92 -0.55 -8.87 -5.00
C PHE A 92 -1.95 -8.29 -5.20
N LYS A 93 -2.12 -7.60 -6.31
CA LYS A 93 -3.40 -6.99 -6.63
C LYS A 93 -4.44 -8.09 -6.87
N LYS A 94 -3.94 -9.30 -6.99
CA LYS A 94 -4.82 -10.45 -7.22
C LYS A 94 -4.70 -11.42 -6.03
N THR A 95 -3.50 -11.97 -5.89
CA THR A 95 -3.24 -12.90 -4.81
C THR A 95 -3.66 -12.31 -3.46
N GLY A 96 -2.97 -11.25 -3.07
CA GLY A 96 -3.26 -10.57 -1.82
C GLY A 96 -2.09 -10.71 -0.84
N ILE A 97 -2.22 -10.03 0.29
CA ILE A 97 -1.19 -10.07 1.31
C ILE A 97 -1.79 -10.62 2.61
N GLU A 98 -1.07 -11.55 3.20
CA GLU A 98 -1.50 -12.16 4.45
C GLU A 98 -0.96 -11.38 5.64
N GLU A 99 -1.86 -11.07 6.57
CA GLU A 99 -1.49 -10.33 7.76
C GLU A 99 -0.93 -11.28 8.81
N ALA A 100 -0.21 -10.69 9.77
CA ALA A 100 0.38 -11.48 10.84
C ALA A 100 -0.72 -12.14 11.66
N SER A 101 -1.93 -11.63 11.48
CA SER A 101 -3.08 -12.16 12.19
C SER A 101 -3.60 -13.42 11.49
N GLY A 102 -3.22 -13.56 10.23
CA GLY A 102 -3.63 -14.71 9.44
C GLY A 102 -4.63 -14.30 8.36
N ALA A 103 -5.22 -13.13 8.55
CA ALA A 103 -6.18 -12.61 7.60
C ALA A 103 -5.45 -12.16 6.33
N PHE A 104 -6.18 -12.22 5.22
CA PHE A 104 -5.62 -11.83 3.94
C PHE A 104 -6.12 -10.44 3.53
N VAL A 105 -5.30 -9.77 2.72
CA VAL A 105 -5.64 -8.44 2.25
C VAL A 105 -5.50 -8.39 0.73
N TYR A 106 -6.33 -7.56 0.11
CA TYR A 106 -6.29 -7.42 -1.33
C TYR A 106 -6.29 -5.94 -1.74
N LEU A 107 -5.71 -5.67 -2.89
CA LEU A 107 -5.63 -4.32 -3.40
C LEU A 107 -6.70 -4.11 -4.47
N ARG A 108 -7.90 -3.80 -4.03
CA ARG A 108 -9.01 -3.59 -4.95
C ARG A 108 -8.79 -2.32 -5.76
N GLN A 109 -8.02 -1.40 -5.18
CA GLN A 109 -7.71 -0.15 -5.85
C GLN A 109 -6.78 0.70 -4.98
N PRO A 110 -6.10 1.67 -5.64
CA PRO A 110 -5.18 2.55 -4.96
C PRO A 110 -5.93 3.59 -4.13
N TYR A 111 -5.19 4.29 -3.29
CA TYR A 111 -5.77 5.32 -2.44
C TYR A 111 -6.02 6.60 -3.23
N TYR A 112 -5.42 6.67 -4.41
CA TYR A 112 -5.57 7.83 -5.27
C TYR A 112 -5.62 9.12 -4.44
N SER A 113 -4.45 9.68 -4.21
CA SER A 113 -4.34 10.92 -3.44
C SER A 113 -5.31 11.97 -4.00
N GLY A 114 -5.38 12.00 -5.32
CA GLY A 114 -6.26 12.96 -6.00
C GLY A 114 -5.53 14.28 -6.25
N PRO A 115 -6.30 15.39 -6.07
CA PRO A 115 -5.74 16.72 -6.27
C PRO A 115 -4.84 17.12 -5.11
N SER A 116 -3.72 16.42 -5.00
CA SER A 116 -2.76 16.69 -3.95
C SER A 116 -1.62 17.57 -4.48
N SER A 117 -1.15 18.45 -3.62
CA SER A 117 -0.06 19.35 -4.00
C SER A 117 -0.27 19.86 -5.42
N GLY A 118 -1.01 20.96 -5.52
CA GLY A 118 -1.28 21.55 -6.82
C GLY A 118 -0.79 23.00 -6.88
N GLY A 1 -9.55 -3.10 -23.71
CA GLY A 1 -8.73 -1.90 -23.57
C GLY A 1 -8.18 -1.78 -22.15
N SER A 2 -7.28 -0.83 -21.98
CA SER A 2 -6.67 -0.59 -20.68
C SER A 2 -7.33 0.61 -20.01
N SER A 3 -7.10 0.72 -18.71
CA SER A 3 -7.67 1.81 -17.93
C SER A 3 -6.89 1.99 -16.63
N GLY A 4 -6.20 3.13 -16.54
CA GLY A 4 -5.42 3.43 -15.36
C GLY A 4 -3.94 3.19 -15.61
N SER A 5 -3.14 4.21 -15.33
CA SER A 5 -1.71 4.13 -15.52
C SER A 5 -0.97 4.54 -14.25
N SER A 6 -0.66 3.55 -13.43
CA SER A 6 0.04 3.80 -12.17
C SER A 6 -0.63 4.96 -11.43
N GLY A 7 -1.67 4.63 -10.68
CA GLY A 7 -2.39 5.64 -9.93
C GLY A 7 -2.41 5.29 -8.44
N TRP A 8 -1.22 5.23 -7.86
CA TRP A 8 -1.09 4.91 -6.44
C TRP A 8 0.16 5.62 -5.92
N TYR A 9 1.24 5.51 -6.68
CA TYR A 9 2.50 6.13 -6.30
C TYR A 9 2.29 7.61 -5.94
N HIS A 10 2.29 7.86 -4.64
CA HIS A 10 2.10 9.22 -4.15
C HIS A 10 3.43 9.96 -4.17
N GLY A 11 4.51 9.20 -4.07
CA GLY A 11 5.85 9.76 -4.08
C GLY A 11 6.47 9.71 -2.69
N HIS A 12 6.67 10.88 -2.12
CA HIS A 12 7.26 10.99 -0.79
C HIS A 12 6.17 11.30 0.23
N MET A 13 5.63 10.24 0.82
CA MET A 13 4.59 10.38 1.81
C MET A 13 5.01 9.77 3.14
N SER A 14 4.51 10.37 4.22
CA SER A 14 4.84 9.90 5.56
C SER A 14 3.95 8.69 5.91
N GLY A 15 4.55 7.74 6.61
CA GLY A 15 3.83 6.54 7.01
C GLY A 15 2.59 6.90 7.82
N GLY A 16 2.83 7.49 8.98
CA GLY A 16 1.74 7.89 9.86
C GLY A 16 0.62 8.57 9.06
N GLN A 17 1.01 9.23 7.98
CA GLN A 17 0.05 9.92 7.14
C GLN A 17 -0.81 8.91 6.38
N ALA A 18 -0.15 8.12 5.54
CA ALA A 18 -0.83 7.11 4.75
C ALA A 18 -1.94 6.48 5.59
N GLU A 19 -1.56 6.08 6.79
CA GLU A 19 -2.50 5.45 7.71
C GLU A 19 -3.74 6.33 7.87
N THR A 20 -3.50 7.60 8.13
CA THR A 20 -4.58 8.55 8.31
C THR A 20 -5.31 8.79 6.98
N LEU A 21 -4.52 8.94 5.93
CA LEU A 21 -5.07 9.17 4.61
C LEU A 21 -6.02 8.02 4.25
N LEU A 22 -5.48 6.81 4.30
CA LEU A 22 -6.26 5.62 3.99
C LEU A 22 -7.53 5.62 4.83
N GLN A 23 -7.34 5.85 6.12
CA GLN A 23 -8.46 5.87 7.05
C GLN A 23 -9.45 6.98 6.67
N ALA A 24 -8.90 8.17 6.47
CA ALA A 24 -9.72 9.32 6.11
C ALA A 24 -10.72 8.89 5.03
N LYS A 25 -10.25 8.07 4.10
CA LYS A 25 -11.09 7.59 3.02
C LYS A 25 -12.00 6.47 3.55
N GLY A 26 -11.37 5.49 4.17
CA GLY A 26 -12.11 4.37 4.73
C GLY A 26 -12.19 3.21 3.72
N GLU A 27 -12.07 3.57 2.45
CA GLU A 27 -12.12 2.58 1.39
C GLU A 27 -11.39 1.30 1.81
N PRO A 28 -12.18 0.22 1.99
CA PRO A 28 -11.63 -1.07 2.39
C PRO A 28 -10.90 -1.74 1.23
N TRP A 29 -9.66 -2.13 1.50
CA TRP A 29 -8.86 -2.80 0.48
C TRP A 29 -8.30 -1.71 -0.45
N THR A 30 -7.59 -0.77 0.15
CA THR A 30 -7.00 0.31 -0.61
C THR A 30 -5.49 0.40 -0.33
N PHE A 31 -4.72 0.22 -1.39
CA PHE A 31 -3.27 0.27 -1.28
C PHE A 31 -2.71 1.56 -1.90
N LEU A 32 -1.46 1.84 -1.60
CA LEU A 32 -0.80 3.02 -2.11
C LEU A 32 0.71 2.90 -1.91
N VAL A 33 1.44 3.23 -2.96
CA VAL A 33 2.90 3.17 -2.91
C VAL A 33 3.45 4.55 -2.58
N ARG A 34 4.32 4.58 -1.58
CA ARG A 34 4.94 5.82 -1.16
C ARG A 34 6.37 5.57 -0.67
N GLU A 35 7.27 6.44 -1.09
CA GLU A 35 8.67 6.33 -0.70
C GLU A 35 8.81 6.41 0.82
N SER A 36 9.52 5.44 1.37
CA SER A 36 9.74 5.40 2.81
C SER A 36 10.55 6.61 3.24
N LEU A 37 10.08 7.24 4.32
CA LEU A 37 10.75 8.41 4.87
C LEU A 37 11.83 7.96 5.85
N SER A 38 11.54 6.89 6.56
CA SER A 38 12.47 6.35 7.54
C SER A 38 13.61 5.63 6.83
N GLN A 39 13.28 5.05 5.69
CA GLN A 39 14.27 4.32 4.90
C GLN A 39 14.31 4.87 3.48
N PRO A 40 15.33 5.72 3.21
CA PRO A 40 15.50 6.31 1.89
C PRO A 40 16.05 5.29 0.90
N GLY A 41 15.26 5.03 -0.13
CA GLY A 41 15.65 4.08 -1.16
C GLY A 41 14.68 2.91 -1.24
N ASP A 42 13.99 2.68 -0.12
CA ASP A 42 13.02 1.60 -0.05
C ASP A 42 11.61 2.18 -0.23
N PHE A 43 10.63 1.30 -0.12
CA PHE A 43 9.24 1.70 -0.27
C PHE A 43 8.34 0.91 0.69
N VAL A 44 7.20 1.52 1.01
CA VAL A 44 6.25 0.88 1.91
C VAL A 44 4.90 0.78 1.21
N LEU A 45 4.19 -0.31 1.50
CA LEU A 45 2.89 -0.55 0.90
C LEU A 45 1.82 -0.50 2.01
N SER A 46 1.02 0.54 1.97
CA SER A 46 -0.04 0.72 2.95
C SER A 46 -1.39 0.33 2.34
N VAL A 47 -1.90 -0.81 2.79
CA VAL A 47 -3.18 -1.30 2.29
C VAL A 47 -4.23 -1.20 3.41
N LEU A 48 -5.39 -0.71 3.03
CA LEU A 48 -6.48 -0.55 3.97
C LEU A 48 -7.26 -1.87 4.07
N SER A 49 -7.41 -2.34 5.30
CA SER A 49 -8.12 -3.58 5.54
C SER A 49 -9.58 -3.28 5.90
N ASP A 50 -10.42 -4.30 5.73
CA ASP A 50 -11.83 -4.15 6.04
C ASP A 50 -12.09 -4.56 7.49
N GLN A 51 -11.03 -4.49 8.29
CA GLN A 51 -11.12 -4.85 9.69
C GLN A 51 -10.96 -3.59 10.56
N PRO A 52 -12.09 -3.19 11.19
CA PRO A 52 -12.09 -2.02 12.06
C PRO A 52 -11.42 -2.33 13.40
N LYS A 53 -11.27 -1.29 14.20
CA LYS A 53 -10.64 -1.43 15.51
C LYS A 53 -11.73 -1.69 16.55
N ALA A 54 -12.78 -0.90 16.46
CA ALA A 54 -13.90 -1.03 17.40
C ALA A 54 -15.14 -1.48 16.64
N GLY A 55 -15.18 -1.14 15.36
CA GLY A 55 -16.31 -1.50 14.53
C GLY A 55 -16.81 -0.30 13.73
N PRO A 56 -18.13 -0.03 13.85
CA PRO A 56 -18.75 1.09 13.15
C PRO A 56 -18.38 2.42 13.82
N GLY A 57 -17.82 3.31 13.01
CA GLY A 57 -17.42 4.62 13.50
C GLY A 57 -15.94 4.63 13.88
N SER A 58 -15.31 3.48 13.71
CA SER A 58 -13.90 3.35 14.03
C SER A 58 -13.08 3.24 12.74
N PRO A 59 -11.79 3.66 12.85
CA PRO A 59 -10.89 3.62 11.70
C PRO A 59 -10.44 2.18 11.42
N LEU A 60 -10.34 1.88 10.12
CA LEU A 60 -9.92 0.55 9.70
C LEU A 60 -8.39 0.45 9.80
N ARG A 61 -7.94 -0.57 10.51
CA ARG A 61 -6.51 -0.80 10.68
C ARG A 61 -5.79 -0.64 9.35
N VAL A 62 -4.47 -0.49 9.43
CA VAL A 62 -3.65 -0.34 8.25
C VAL A 62 -2.49 -1.33 8.30
N THR A 63 -2.10 -1.80 7.12
CA THR A 63 -1.00 -2.75 7.02
C THR A 63 0.12 -2.18 6.14
N HIS A 64 1.32 -2.26 6.66
CA HIS A 64 2.49 -1.76 5.94
C HIS A 64 3.33 -2.94 5.46
N ILE A 65 3.31 -3.15 4.15
CA ILE A 65 4.07 -4.24 3.55
C ILE A 65 5.39 -3.68 3.00
N LYS A 66 6.42 -3.77 3.83
CA LYS A 66 7.73 -3.29 3.44
C LYS A 66 8.15 -3.96 2.13
N VAL A 67 8.68 -3.14 1.23
CA VAL A 67 9.11 -3.64 -0.06
C VAL A 67 10.64 -3.70 -0.08
N MET A 68 11.16 -4.92 0.03
CA MET A 68 12.59 -5.12 0.02
C MET A 68 13.17 -4.92 -1.38
N CYS A 69 14.05 -3.93 -1.48
CA CYS A 69 14.68 -3.62 -2.75
C CYS A 69 16.14 -4.09 -2.69
N GLU A 70 16.35 -5.30 -3.17
CA GLU A 70 17.69 -5.88 -3.18
C GLU A 70 18.04 -6.38 -4.58
N GLY A 71 19.30 -6.17 -4.96
CA GLY A 71 19.77 -6.59 -6.27
C GLY A 71 18.87 -6.05 -7.38
N GLY A 72 18.41 -4.83 -7.17
CA GLY A 72 17.53 -4.18 -8.14
C GLY A 72 16.23 -4.96 -8.31
N ARG A 73 15.84 -5.64 -7.25
CA ARG A 73 14.62 -6.43 -7.26
C ARG A 73 13.77 -6.11 -6.04
N TYR A 74 12.45 -6.10 -6.25
CA TYR A 74 11.52 -5.81 -5.17
C TYR A 74 10.88 -7.10 -4.64
N THR A 75 10.74 -7.15 -3.32
CA THR A 75 10.16 -8.31 -2.68
C THR A 75 9.53 -7.91 -1.33
N VAL A 76 8.42 -8.55 -1.03
CA VAL A 76 7.72 -8.28 0.22
C VAL A 76 8.27 -9.19 1.31
N GLY A 77 9.33 -9.91 0.97
CA GLY A 77 9.96 -10.82 1.92
C GLY A 77 9.84 -12.27 1.43
N GLY A 78 9.29 -12.42 0.24
CA GLY A 78 9.12 -13.75 -0.34
C GLY A 78 10.12 -13.98 -1.46
N LEU A 79 10.09 -15.20 -2.00
CA LEU A 79 10.99 -15.57 -3.07
C LEU A 79 10.72 -14.68 -4.29
N GLU A 80 9.47 -14.71 -4.73
CA GLU A 80 9.07 -13.91 -5.88
C GLU A 80 9.63 -12.50 -5.76
N THR A 81 9.99 -11.95 -6.91
CA THR A 81 10.54 -10.60 -6.95
C THR A 81 9.94 -9.82 -8.12
N PHE A 82 10.49 -8.63 -8.34
CA PHE A 82 10.03 -7.78 -9.43
C PHE A 82 11.08 -6.72 -9.78
N ASP A 83 10.83 -6.03 -10.88
CA ASP A 83 11.73 -4.99 -11.34
C ASP A 83 11.13 -3.61 -11.05
N SER A 84 9.82 -3.54 -11.21
CA SER A 84 9.09 -2.30 -10.98
C SER A 84 7.97 -2.53 -9.97
N LEU A 85 7.65 -1.48 -9.24
CA LEU A 85 6.59 -1.55 -8.25
C LEU A 85 5.28 -1.93 -8.93
N THR A 86 5.14 -1.48 -10.16
CA THR A 86 3.94 -1.75 -10.94
C THR A 86 3.78 -3.27 -11.13
N ASP A 87 4.87 -3.91 -11.49
CA ASP A 87 4.86 -5.35 -11.71
C ASP A 87 4.67 -6.06 -10.37
N LEU A 88 4.91 -5.31 -9.29
CA LEU A 88 4.77 -5.85 -7.96
C LEU A 88 3.33 -5.66 -7.47
N VAL A 89 2.87 -4.42 -7.61
CA VAL A 89 1.52 -4.08 -7.20
C VAL A 89 0.51 -4.85 -8.06
N GLU A 90 0.81 -4.89 -9.35
CA GLU A 90 -0.05 -5.58 -10.29
C GLU A 90 0.03 -7.09 -10.09
N HIS A 91 0.96 -7.48 -9.22
CA HIS A 91 1.15 -8.90 -8.91
C HIS A 91 0.32 -9.28 -7.69
N PHE A 92 0.44 -8.48 -6.65
CA PHE A 92 -0.29 -8.72 -5.41
C PHE A 92 -1.71 -8.14 -5.50
N LYS A 93 -1.95 -7.43 -6.59
CA LYS A 93 -3.25 -6.82 -6.80
C LYS A 93 -4.29 -7.92 -7.04
N LYS A 94 -3.80 -9.14 -7.18
CA LYS A 94 -4.66 -10.29 -7.42
C LYS A 94 -4.45 -11.31 -6.31
N THR A 95 -3.24 -11.82 -6.23
CA THR A 95 -2.89 -12.82 -5.23
C THR A 95 -3.30 -12.32 -3.84
N GLY A 96 -2.96 -11.06 -3.57
CA GLY A 96 -3.28 -10.46 -2.29
C GLY A 96 -2.08 -10.54 -1.33
N ILE A 97 -2.31 -10.09 -0.11
CA ILE A 97 -1.27 -10.11 0.90
C ILE A 97 -1.81 -10.77 2.17
N GLU A 98 -0.90 -11.40 2.90
CA GLU A 98 -1.27 -12.09 4.13
C GLU A 98 -0.66 -11.38 5.33
N GLU A 99 -1.49 -11.15 6.34
CA GLU A 99 -1.05 -10.49 7.54
C GLU A 99 -0.38 -11.49 8.49
N ALA A 100 0.25 -10.95 9.52
CA ALA A 100 0.93 -11.79 10.50
C ALA A 100 -0.10 -12.33 11.51
N SER A 101 -1.25 -11.67 11.51
CA SER A 101 -2.32 -12.08 12.42
C SER A 101 -3.04 -13.30 11.87
N GLY A 102 -2.84 -13.54 10.59
CA GLY A 102 -3.46 -14.69 9.93
C GLY A 102 -4.46 -14.24 8.87
N ALA A 103 -4.95 -13.02 9.05
CA ALA A 103 -5.93 -12.46 8.12
C ALA A 103 -5.22 -12.07 6.82
N PHE A 104 -5.98 -12.10 5.74
CA PHE A 104 -5.44 -11.77 4.43
C PHE A 104 -5.99 -10.42 3.94
N VAL A 105 -5.16 -9.72 3.19
CA VAL A 105 -5.55 -8.42 2.66
C VAL A 105 -5.51 -8.47 1.12
N TYR A 106 -6.18 -7.51 0.52
CA TYR A 106 -6.23 -7.43 -0.94
C TYR A 106 -6.30 -5.98 -1.41
N LEU A 107 -5.72 -5.74 -2.58
CA LEU A 107 -5.71 -4.41 -3.15
C LEU A 107 -6.83 -4.28 -4.18
N ARG A 108 -7.96 -3.76 -3.73
CA ARG A 108 -9.10 -3.58 -4.60
C ARG A 108 -8.92 -2.34 -5.47
N GLN A 109 -8.59 -1.24 -4.82
CA GLN A 109 -8.38 0.02 -5.52
C GLN A 109 -7.28 0.83 -4.84
N PRO A 110 -6.45 1.50 -5.69
CA PRO A 110 -5.35 2.31 -5.20
C PRO A 110 -5.87 3.62 -4.61
N TYR A 111 -4.99 4.30 -3.87
CA TYR A 111 -5.34 5.57 -3.26
C TYR A 111 -4.88 6.74 -4.12
N TYR A 112 -5.85 7.37 -4.78
CA TYR A 112 -5.56 8.50 -5.64
C TYR A 112 -5.24 9.74 -4.81
N SER A 113 -6.09 9.98 -3.82
CA SER A 113 -5.91 11.14 -2.95
C SER A 113 -5.96 12.43 -3.78
N GLY A 114 -6.30 13.51 -3.09
CA GLY A 114 -6.38 14.80 -3.75
C GLY A 114 -5.31 15.76 -3.22
N PRO A 115 -5.71 17.05 -3.08
CA PRO A 115 -4.80 18.07 -2.58
C PRO A 115 -4.58 17.93 -1.08
N SER A 116 -5.71 17.87 -0.36
CA SER A 116 -5.66 17.75 1.08
C SER A 116 -4.97 18.96 1.70
N SER A 117 -5.57 19.47 2.76
CA SER A 117 -5.02 20.64 3.45
C SER A 117 -4.38 20.20 4.77
N GLY A 118 -3.07 20.26 4.81
CA GLY A 118 -2.33 19.88 6.01
C GLY A 118 -2.66 20.82 7.16
N GLY A 1 -11.20 -0.33 -16.41
CA GLY A 1 -12.23 0.30 -17.21
C GLY A 1 -11.71 0.66 -18.60
N SER A 2 -11.52 1.95 -18.81
CA SER A 2 -11.03 2.44 -20.09
C SER A 2 -9.58 2.91 -19.96
N SER A 3 -8.70 2.26 -20.71
CA SER A 3 -7.29 2.60 -20.67
C SER A 3 -6.76 2.51 -19.24
N GLY A 4 -6.14 1.39 -18.94
CA GLY A 4 -5.57 1.16 -17.62
C GLY A 4 -4.62 2.29 -17.22
N SER A 5 -4.40 2.41 -15.92
CA SER A 5 -3.51 3.44 -15.40
C SER A 5 -3.13 3.12 -13.97
N SER A 6 -1.99 3.66 -13.55
CA SER A 6 -1.50 3.44 -12.20
C SER A 6 -1.59 4.73 -11.39
N GLY A 7 -2.46 4.71 -10.40
CA GLY A 7 -2.67 5.87 -9.54
C GLY A 7 -2.63 5.47 -8.06
N TRP A 8 -1.41 5.27 -7.58
CA TRP A 8 -1.22 4.89 -6.19
C TRP A 8 0.06 5.57 -5.68
N TYR A 9 1.11 5.45 -6.49
CA TYR A 9 2.38 6.05 -6.13
C TYR A 9 2.21 7.52 -5.74
N HIS A 10 2.23 7.75 -4.44
CA HIS A 10 2.09 9.11 -3.92
C HIS A 10 3.42 9.84 -4.01
N GLY A 11 4.50 9.07 -3.83
CA GLY A 11 5.83 9.63 -3.89
C GLY A 11 6.46 9.70 -2.49
N HIS A 12 6.59 10.93 -1.99
CA HIS A 12 7.16 11.14 -0.67
C HIS A 12 6.03 11.31 0.36
N MET A 13 5.66 10.20 0.96
CA MET A 13 4.60 10.21 1.96
C MET A 13 5.12 9.73 3.32
N SER A 14 4.44 10.16 4.36
CA SER A 14 4.82 9.78 5.70
C SER A 14 3.91 8.66 6.22
N GLY A 15 4.55 7.58 6.65
CA GLY A 15 3.81 6.43 7.16
C GLY A 15 2.59 6.87 7.96
N GLY A 16 2.86 7.56 9.07
CA GLY A 16 1.80 8.04 9.91
C GLY A 16 0.68 8.69 9.10
N GLN A 17 1.09 9.36 8.03
CA GLN A 17 0.14 10.03 7.16
C GLN A 17 -0.74 9.00 6.44
N ALA A 18 -0.09 8.17 5.63
CA ALA A 18 -0.80 7.15 4.88
C ALA A 18 -1.90 6.55 5.77
N GLU A 19 -1.50 6.13 6.96
CA GLU A 19 -2.44 5.55 7.90
C GLU A 19 -3.70 6.42 8.00
N THR A 20 -3.47 7.71 8.21
CA THR A 20 -4.57 8.66 8.33
C THR A 20 -5.25 8.85 6.97
N LEU A 21 -4.43 8.93 5.94
CA LEU A 21 -4.94 9.11 4.59
C LEU A 21 -5.88 7.95 4.23
N LEU A 22 -5.32 6.75 4.33
CA LEU A 22 -6.09 5.55 4.02
C LEU A 22 -7.40 5.57 4.82
N GLN A 23 -7.27 6.02 6.07
CA GLN A 23 -8.43 6.09 6.94
C GLN A 23 -9.38 7.20 6.50
N ALA A 24 -8.78 8.34 6.16
CA ALA A 24 -9.55 9.49 5.72
C ALA A 24 -10.56 9.04 4.67
N LYS A 25 -10.13 8.09 3.85
CA LYS A 25 -10.99 7.56 2.79
C LYS A 25 -11.92 6.50 3.38
N GLY A 26 -11.30 5.50 4.00
CA GLY A 26 -12.05 4.42 4.60
C GLY A 26 -12.16 3.22 3.64
N GLU A 27 -12.14 3.54 2.36
CA GLU A 27 -12.23 2.51 1.34
C GLU A 27 -11.44 1.27 1.75
N PRO A 28 -12.19 0.15 1.95
CA PRO A 28 -11.57 -1.11 2.35
C PRO A 28 -10.84 -1.76 1.18
N TRP A 29 -9.64 -2.25 1.47
CA TRP A 29 -8.83 -2.90 0.45
C TRP A 29 -8.26 -1.82 -0.45
N THR A 30 -7.66 -0.82 0.19
CA THR A 30 -7.05 0.28 -0.54
C THR A 30 -5.55 0.34 -0.27
N PHE A 31 -4.77 0.17 -1.33
CA PHE A 31 -3.33 0.20 -1.22
C PHE A 31 -2.76 1.48 -1.84
N LEU A 32 -1.48 1.72 -1.57
CA LEU A 32 -0.81 2.89 -2.08
C LEU A 32 0.70 2.74 -1.91
N VAL A 33 1.42 3.09 -2.97
CA VAL A 33 2.87 2.99 -2.96
C VAL A 33 3.47 4.35 -2.59
N ARG A 34 4.44 4.32 -1.68
CA ARG A 34 5.10 5.53 -1.24
C ARG A 34 6.57 5.25 -0.92
N GLU A 35 7.41 6.21 -1.26
CA GLU A 35 8.83 6.09 -1.01
C GLU A 35 9.12 6.08 0.49
N SER A 36 10.01 5.19 0.89
CA SER A 36 10.38 5.07 2.29
C SER A 36 11.19 6.30 2.72
N LEU A 37 10.86 6.80 3.90
CA LEU A 37 11.55 7.96 4.43
C LEU A 37 12.67 7.49 5.39
N SER A 38 12.50 6.28 5.89
CA SER A 38 13.47 5.71 6.81
C SER A 38 14.63 5.10 6.02
N GLN A 39 14.32 4.69 4.80
CA GLN A 39 15.32 4.08 3.94
C GLN A 39 15.19 4.61 2.51
N PRO A 40 16.29 5.24 2.03
CA PRO A 40 16.31 5.80 0.68
C PRO A 40 16.43 4.69 -0.37
N GLY A 41 15.34 4.51 -1.11
CA GLY A 41 15.31 3.49 -2.15
C GLY A 41 14.15 2.50 -1.92
N ASP A 42 13.98 2.14 -0.66
CA ASP A 42 12.92 1.21 -0.29
C ASP A 42 11.57 1.91 -0.41
N PHE A 43 10.52 1.12 -0.30
CA PHE A 43 9.17 1.64 -0.39
C PHE A 43 8.24 0.95 0.61
N VAL A 44 7.13 1.62 0.90
CA VAL A 44 6.16 1.09 1.84
C VAL A 44 4.81 0.91 1.12
N LEU A 45 4.15 -0.19 1.46
CA LEU A 45 2.86 -0.49 0.86
C LEU A 45 1.79 -0.48 1.95
N SER A 46 1.03 0.60 1.99
CA SER A 46 -0.03 0.74 2.96
C SER A 46 -1.37 0.32 2.35
N VAL A 47 -1.88 -0.80 2.84
CA VAL A 47 -3.15 -1.31 2.36
C VAL A 47 -4.19 -1.25 3.48
N LEU A 48 -5.34 -0.67 3.15
CA LEU A 48 -6.41 -0.54 4.11
C LEU A 48 -7.18 -1.86 4.19
N SER A 49 -7.25 -2.39 5.40
CA SER A 49 -7.96 -3.65 5.62
C SER A 49 -9.43 -3.37 5.92
N ASP A 50 -10.24 -4.41 5.75
CA ASP A 50 -11.67 -4.29 6.00
C ASP A 50 -11.96 -4.71 7.45
N GLN A 51 -10.94 -4.59 8.28
CA GLN A 51 -11.08 -4.95 9.68
C GLN A 51 -10.92 -3.72 10.57
N PRO A 52 -12.07 -3.31 11.19
CA PRO A 52 -12.08 -2.14 12.04
C PRO A 52 -11.43 -2.46 13.40
N LYS A 53 -11.27 -1.42 14.20
CA LYS A 53 -10.67 -1.58 15.51
C LYS A 53 -11.76 -1.77 16.56
N ALA A 54 -12.80 -0.95 16.44
CA ALA A 54 -13.92 -1.03 17.36
C ALA A 54 -15.17 -1.49 16.60
N GLY A 55 -15.19 -1.20 15.31
CA GLY A 55 -16.31 -1.57 14.47
C GLY A 55 -16.86 -0.36 13.72
N PRO A 56 -18.19 -0.15 13.88
CA PRO A 56 -18.86 0.97 13.22
C PRO A 56 -18.53 2.29 13.92
N GLY A 57 -17.81 3.13 13.21
CA GLY A 57 -17.42 4.42 13.75
C GLY A 57 -15.93 4.45 14.10
N SER A 58 -15.26 3.34 13.82
CA SER A 58 -13.85 3.22 14.10
C SER A 58 -13.07 3.10 12.80
N PRO A 59 -11.78 3.52 12.85
CA PRO A 59 -10.92 3.46 11.68
C PRO A 59 -10.46 2.03 11.41
N LEU A 60 -10.31 1.72 10.13
CA LEU A 60 -9.89 0.40 9.73
C LEU A 60 -8.36 0.30 9.85
N ARG A 61 -7.92 -0.73 10.55
CA ARG A 61 -6.49 -0.94 10.75
C ARG A 61 -5.74 -0.82 9.42
N VAL A 62 -4.51 -0.38 9.52
CA VAL A 62 -3.68 -0.20 8.33
C VAL A 62 -2.54 -1.23 8.36
N THR A 63 -2.10 -1.60 7.16
CA THR A 63 -1.03 -2.57 7.02
C THR A 63 0.07 -2.02 6.11
N HIS A 64 1.26 -1.91 6.69
CA HIS A 64 2.40 -1.40 5.94
C HIS A 64 3.29 -2.57 5.51
N ILE A 65 3.23 -2.87 4.21
CA ILE A 65 4.01 -3.95 3.65
C ILE A 65 5.33 -3.40 3.10
N LYS A 66 6.37 -3.53 3.91
CA LYS A 66 7.69 -3.05 3.53
C LYS A 66 8.14 -3.78 2.26
N VAL A 67 8.65 -3.01 1.32
CA VAL A 67 9.13 -3.58 0.07
C VAL A 67 10.64 -3.71 0.11
N MET A 68 11.10 -4.94 0.14
CA MET A 68 12.52 -5.22 0.19
C MET A 68 13.17 -5.00 -1.18
N CYS A 69 13.92 -3.90 -1.27
CA CYS A 69 14.59 -3.55 -2.51
C CYS A 69 16.02 -4.12 -2.45
N GLU A 70 16.17 -5.32 -2.98
CA GLU A 70 17.47 -5.96 -2.99
C GLU A 70 17.83 -6.40 -4.41
N GLY A 71 19.08 -6.17 -4.76
CA GLY A 71 19.57 -6.53 -6.09
C GLY A 71 18.66 -5.98 -7.18
N GLY A 72 18.41 -4.68 -7.10
CA GLY A 72 17.55 -4.01 -8.06
C GLY A 72 16.22 -4.77 -8.23
N ARG A 73 15.83 -5.45 -7.17
CA ARG A 73 14.60 -6.21 -7.19
C ARG A 73 13.77 -5.91 -5.93
N TYR A 74 12.46 -5.98 -6.10
CA TYR A 74 11.55 -5.72 -4.99
C TYR A 74 10.87 -7.01 -4.53
N THR A 75 10.69 -7.11 -3.22
CA THR A 75 10.05 -8.29 -2.64
C THR A 75 9.43 -7.94 -1.29
N VAL A 76 8.36 -8.65 -0.96
CA VAL A 76 7.67 -8.44 0.29
C VAL A 76 8.21 -9.41 1.34
N GLY A 77 9.25 -10.14 0.96
CA GLY A 77 9.87 -11.09 1.86
C GLY A 77 9.68 -12.52 1.34
N GLY A 78 9.37 -12.62 0.05
CA GLY A 78 9.16 -13.90 -0.57
C GLY A 78 10.21 -14.16 -1.66
N LEU A 79 10.14 -15.35 -2.24
CA LEU A 79 11.07 -15.72 -3.29
C LEU A 79 10.78 -14.91 -4.55
N GLU A 80 9.51 -14.59 -4.72
CA GLU A 80 9.08 -13.82 -5.88
C GLU A 80 9.60 -12.37 -5.76
N THR A 81 10.09 -11.87 -6.89
CA THR A 81 10.63 -10.52 -6.93
C THR A 81 10.01 -9.75 -8.09
N PHE A 82 10.45 -8.51 -8.24
CA PHE A 82 9.95 -7.66 -9.31
C PHE A 82 10.97 -6.58 -9.67
N ASP A 83 10.75 -5.96 -10.82
CA ASP A 83 11.64 -4.91 -11.29
C ASP A 83 11.05 -3.54 -10.94
N SER A 84 9.73 -3.44 -11.13
CA SER A 84 9.03 -2.20 -10.84
C SER A 84 7.89 -2.47 -9.85
N LEU A 85 7.54 -1.43 -9.10
CA LEU A 85 6.48 -1.53 -8.13
C LEU A 85 5.19 -1.95 -8.83
N THR A 86 5.06 -1.52 -10.07
CA THR A 86 3.88 -1.84 -10.87
C THR A 86 3.74 -3.35 -11.02
N ASP A 87 4.81 -3.97 -11.49
CA ASP A 87 4.81 -5.41 -11.68
C ASP A 87 4.60 -6.11 -10.34
N LEU A 88 4.77 -5.33 -9.27
CA LEU A 88 4.59 -5.86 -7.93
C LEU A 88 3.15 -5.65 -7.49
N VAL A 89 2.71 -4.40 -7.59
CA VAL A 89 1.35 -4.05 -7.20
C VAL A 89 0.37 -4.80 -8.10
N GLU A 90 0.65 -4.79 -9.39
CA GLU A 90 -0.19 -5.47 -10.35
C GLU A 90 -0.10 -6.98 -10.17
N HIS A 91 0.82 -7.39 -9.32
CA HIS A 91 1.04 -8.80 -9.05
C HIS A 91 0.21 -9.22 -7.82
N PHE A 92 0.40 -8.46 -6.75
CA PHE A 92 -0.31 -8.74 -5.50
C PHE A 92 -1.73 -8.17 -5.56
N LYS A 93 -2.01 -7.43 -6.62
CA LYS A 93 -3.31 -6.83 -6.80
C LYS A 93 -4.36 -7.94 -6.94
N LYS A 94 -3.87 -9.15 -7.16
CA LYS A 94 -4.74 -10.30 -7.32
C LYS A 94 -4.44 -11.32 -6.21
N THR A 95 -3.23 -11.83 -6.24
CA THR A 95 -2.81 -12.82 -5.24
C THR A 95 -3.06 -12.29 -3.83
N GLY A 96 -3.12 -10.96 -3.73
CA GLY A 96 -3.36 -10.33 -2.45
C GLY A 96 -2.14 -10.46 -1.54
N ILE A 97 -2.31 -10.02 -0.31
CA ILE A 97 -1.24 -10.08 0.67
C ILE A 97 -1.72 -10.84 1.92
N GLU A 98 -0.78 -11.50 2.56
CA GLU A 98 -1.10 -12.27 3.76
C GLU A 98 -0.52 -11.59 5.00
N GLU A 99 -1.41 -11.31 5.95
CA GLU A 99 -1.01 -10.65 7.18
C GLU A 99 -0.34 -11.66 8.12
N ALA A 100 0.09 -11.16 9.27
CA ALA A 100 0.75 -11.99 10.25
C ALA A 100 -0.29 -12.57 11.21
N SER A 101 -1.41 -11.85 11.32
CA SER A 101 -2.49 -12.28 12.20
C SER A 101 -3.17 -13.51 11.61
N GLY A 102 -2.86 -13.79 10.35
CA GLY A 102 -3.43 -14.93 9.67
C GLY A 102 -4.43 -14.50 8.61
N ALA A 103 -4.95 -13.29 8.78
CA ALA A 103 -5.91 -12.75 7.84
C ALA A 103 -5.19 -12.30 6.57
N PHE A 104 -5.92 -12.33 5.46
CA PHE A 104 -5.36 -11.94 4.18
C PHE A 104 -5.93 -10.61 3.72
N VAL A 105 -5.13 -9.89 2.95
CA VAL A 105 -5.53 -8.59 2.43
C VAL A 105 -5.51 -8.63 0.91
N TYR A 106 -6.15 -7.63 0.32
CA TYR A 106 -6.21 -7.53 -1.13
C TYR A 106 -6.27 -6.06 -1.59
N LEU A 107 -5.59 -5.79 -2.68
CA LEU A 107 -5.55 -4.45 -3.24
C LEU A 107 -6.66 -4.29 -4.27
N ARG A 108 -7.83 -3.93 -3.79
CA ARG A 108 -8.98 -3.75 -4.66
C ARG A 108 -8.80 -2.49 -5.52
N GLN A 109 -8.63 -1.37 -4.84
CA GLN A 109 -8.44 -0.10 -5.53
C GLN A 109 -7.36 0.73 -4.82
N PRO A 110 -6.54 1.42 -5.66
CA PRO A 110 -5.47 2.25 -5.13
C PRO A 110 -6.02 3.54 -4.54
N TYR A 111 -5.24 4.13 -3.64
CA TYR A 111 -5.64 5.37 -3.00
C TYR A 111 -4.93 6.57 -3.64
N TYR A 112 -5.72 7.57 -3.95
CA TYR A 112 -5.18 8.78 -4.56
C TYR A 112 -5.18 9.95 -3.57
N SER A 113 -4.57 11.04 -4.00
CA SER A 113 -4.49 12.23 -3.16
C SER A 113 -5.03 13.44 -3.91
N GLY A 114 -6.08 14.02 -3.37
CA GLY A 114 -6.70 15.20 -3.97
C GLY A 114 -6.18 16.48 -3.34
N PRO A 115 -5.82 17.44 -4.23
CA PRO A 115 -5.31 18.72 -3.78
C PRO A 115 -6.43 19.60 -3.22
N SER A 116 -7.50 19.72 -4.00
CA SER A 116 -8.64 20.52 -3.60
C SER A 116 -9.91 20.01 -4.29
N SER A 117 -10.84 19.54 -3.46
CA SER A 117 -12.09 19.01 -3.98
C SER A 117 -13.15 20.11 -3.97
N GLY A 118 -13.17 20.90 -5.03
CA GLY A 118 -14.13 21.98 -5.16
C GLY A 118 -13.45 23.34 -5.05
#